data_3HNP
#
_entry.id   3HNP
#
_cell.length_a   91.661
_cell.length_b   149.510
_cell.length_c   95.767
_cell.angle_alpha   90.00
_cell.angle_beta   92.13
_cell.angle_gamma   90.00
#
_symmetry.space_group_name_H-M   'P 1 21 1'
#
loop_
_entity.id
_entity.type
_entity.pdbx_description
1 polymer Oxidoreductase
2 water water
#
_entity_poly.entity_id   1
_entity_poly.type   'polypeptide(L)'
_entity_poly.pdbx_seq_one_letter_code
;MTLTMGFIGFGKSANRYHLPYLKTRNNIKVKTIFVRQINEELAAPYEERGVYFTTDLDELLNDKEIQVVTICTPAHTHYE
LAKKVILAGKSVIVEKPFCDTVEHAKELLALGREKGVVVMPYQNRRFDGDFLAVKQVVEQGFLGDIIEIESHIDYFRPGS
ITHEAPKEEGSFYSLGIHTMDRMISLFGRPNTVTYDIRNNEVEGAVDNYFDVGLHYGNQLKIKLKTNHIVAKDYPRFIVH
GTNGSFIKYGEDQQENDLKAGIMPESAGFGEDSPMYYGIAKYRNANGDWIEKQIKTPLGDYGRFYDAAYDTIVNGAPKLV
KDEEAVTNIEILENGFAAPSPSVYKLEALHLNE
;
_entity_poly.pdbx_strand_id   A,B,C,D,E,F
#
# COMPACT_ATOMS: atom_id res chain seq x y z
N THR A 2 1.54 43.15 -24.32
CA THR A 2 2.34 42.69 -23.15
C THR A 2 2.09 43.55 -21.91
N LEU A 3 1.93 42.90 -20.76
CA LEU A 3 1.67 43.61 -19.52
C LEU A 3 2.97 44.00 -18.84
N THR A 4 3.10 45.27 -18.50
CA THR A 4 4.30 45.75 -17.84
C THR A 4 3.97 46.03 -16.38
N MET A 5 4.70 45.38 -15.48
CA MET A 5 4.44 45.54 -14.05
C MET A 5 5.70 45.87 -13.28
N GLY A 6 5.51 46.11 -11.98
CA GLY A 6 6.63 46.40 -11.10
C GLY A 6 6.35 45.82 -9.72
N PHE A 7 7.34 45.90 -8.84
CA PHE A 7 7.19 45.39 -7.48
C PHE A 7 7.57 46.43 -6.45
N ILE A 8 6.89 46.36 -5.31
CA ILE A 8 7.20 47.22 -4.18
C ILE A 8 7.63 46.15 -3.19
N GLY A 9 8.93 45.97 -3.01
CA GLY A 9 9.41 44.97 -2.08
C GLY A 9 10.15 43.87 -2.83
N PHE A 10 11.19 43.34 -2.20
CA PHE A 10 11.97 42.28 -2.82
C PHE A 10 12.39 41.27 -1.76
N GLY A 11 11.47 40.99 -0.85
CA GLY A 11 11.73 40.04 0.20
C GLY A 11 11.55 38.58 -0.19
N LYS A 12 11.37 37.75 0.84
CA LYS A 12 11.20 36.31 0.65
C LYS A 12 10.06 35.92 -0.28
N SER A 13 8.86 36.41 -0.03
CA SER A 13 7.73 36.04 -0.88
C SER A 13 7.87 36.44 -2.36
N ALA A 14 8.53 37.55 -2.64
CA ALA A 14 8.71 37.99 -4.01
C ALA A 14 9.68 37.08 -4.75
N ASN A 15 10.69 36.60 -4.02
CA ASN A 15 11.69 35.72 -4.59
C ASN A 15 11.27 34.25 -4.58
N ARG A 16 10.08 33.99 -4.04
CA ARG A 16 9.58 32.63 -3.94
C ARG A 16 8.25 32.31 -4.63
N TYR A 17 7.22 33.10 -4.37
CA TYR A 17 5.93 32.83 -4.97
C TYR A 17 5.63 33.70 -6.18
N HIS A 18 6.43 34.74 -6.41
CA HIS A 18 6.16 35.61 -7.55
C HIS A 18 7.15 35.50 -8.73
N LEU A 19 8.30 36.14 -8.60
CA LEU A 19 9.31 36.13 -9.66
C LEU A 19 9.66 34.80 -10.28
N PRO A 20 9.94 33.77 -9.48
CA PRO A 20 10.28 32.48 -10.09
C PRO A 20 9.26 32.01 -11.13
N TYR A 21 7.99 32.36 -10.93
CA TYR A 21 6.93 31.96 -11.85
C TYR A 21 6.80 32.91 -13.04
N LEU A 22 7.12 34.19 -12.81
CA LEU A 22 7.02 35.19 -13.87
C LEU A 22 8.05 35.02 -14.98
N LYS A 23 9.17 34.41 -14.66
CA LYS A 23 10.23 34.19 -15.63
C LYS A 23 9.86 33.10 -16.64
N THR A 24 8.60 33.10 -17.06
CA THR A 24 8.12 32.10 -18.01
C THR A 24 6.89 32.62 -18.72
N ARG A 25 6.25 33.63 -18.17
CA ARG A 25 5.08 34.21 -18.81
C ARG A 25 5.70 35.29 -19.69
N ASN A 26 5.85 34.99 -20.97
CA ASN A 26 6.47 35.89 -21.94
C ASN A 26 5.76 37.22 -22.07
N ASN A 27 4.44 37.21 -21.95
CA ASN A 27 3.66 38.43 -22.08
C ASN A 27 3.84 39.45 -20.96
N ILE A 28 4.41 39.02 -19.85
CA ILE A 28 4.60 39.93 -18.74
C ILE A 28 6.02 40.42 -18.63
N LYS A 29 6.20 41.72 -18.44
CA LYS A 29 7.53 42.28 -18.31
C LYS A 29 7.68 43.00 -16.98
N VAL A 30 8.63 42.53 -16.18
CA VAL A 30 8.88 43.12 -14.89
C VAL A 30 9.92 44.19 -15.13
N LYS A 31 9.50 45.46 -15.10
CA LYS A 31 10.43 46.56 -15.35
C LYS A 31 11.22 47.04 -14.16
N THR A 32 10.53 47.43 -13.11
CA THR A 32 11.24 47.94 -11.96
C THR A 32 10.80 47.32 -10.63
N ILE A 33 11.75 47.16 -9.72
CA ILE A 33 11.49 46.60 -8.40
C ILE A 33 12.02 47.60 -7.39
N PHE A 34 11.14 48.08 -6.52
CA PHE A 34 11.52 49.00 -5.47
C PHE A 34 11.89 48.21 -4.21
N VAL A 35 12.84 48.72 -3.45
CA VAL A 35 13.24 48.07 -2.21
C VAL A 35 14.14 49.05 -1.44
N ARG A 36 14.04 49.06 -0.12
CA ARG A 36 14.85 49.95 0.69
C ARG A 36 16.35 49.70 0.58
N GLN A 37 16.72 48.46 0.29
CA GLN A 37 18.12 48.08 0.14
C GLN A 37 18.20 46.93 -0.88
N ILE A 38 19.01 47.12 -1.90
CA ILE A 38 19.15 46.10 -2.94
C ILE A 38 20.32 45.16 -2.67
N ASN A 39 20.02 43.87 -2.55
CA ASN A 39 21.02 42.83 -2.32
C ASN A 39 21.54 42.35 -3.68
N GLU A 40 22.61 42.97 -4.14
CA GLU A 40 23.21 42.67 -5.43
C GLU A 40 23.26 41.18 -5.78
N GLU A 41 23.40 40.33 -4.77
CA GLU A 41 23.45 38.89 -5.03
C GLU A 41 22.08 38.40 -5.48
N LEU A 42 21.07 38.61 -4.65
CA LEU A 42 19.72 38.17 -4.97
C LEU A 42 19.06 39.02 -6.06
N ALA A 43 19.77 40.04 -6.55
CA ALA A 43 19.23 40.93 -7.59
C ALA A 43 19.91 40.73 -8.93
N ALA A 44 21.14 40.25 -8.90
CA ALA A 44 21.91 40.03 -10.11
C ALA A 44 21.16 39.23 -11.18
N PRO A 45 20.75 38.00 -10.87
CA PRO A 45 20.04 37.20 -11.87
C PRO A 45 18.90 37.93 -12.57
N TYR A 46 18.12 38.71 -11.82
CA TYR A 46 17.00 39.45 -12.42
C TYR A 46 17.56 40.62 -13.21
N GLU A 47 18.67 41.18 -12.72
CA GLU A 47 19.29 42.30 -13.41
C GLU A 47 19.86 41.80 -14.74
N GLU A 48 20.34 40.56 -14.78
CA GLU A 48 20.86 40.00 -16.04
C GLU A 48 19.76 40.14 -17.08
N ARG A 49 18.53 40.34 -16.60
CA ARG A 49 17.39 40.56 -17.47
C ARG A 49 17.04 42.05 -17.38
N GLY A 50 16.03 42.49 -18.11
CA GLY A 50 15.70 43.90 -18.09
C GLY A 50 15.05 44.48 -16.84
N VAL A 51 15.32 43.91 -15.66
CA VAL A 51 14.71 44.43 -14.45
C VAL A 51 15.55 45.44 -13.66
N TYR A 52 15.04 46.65 -13.51
CA TYR A 52 15.72 47.71 -12.79
C TYR A 52 15.40 47.72 -11.28
N PHE A 53 16.42 47.87 -10.45
CA PHE A 53 16.25 47.92 -9.00
C PHE A 53 16.53 49.33 -8.44
N THR A 54 15.59 49.87 -7.68
CA THR A 54 15.71 51.22 -7.11
C THR A 54 15.27 51.33 -5.65
N THR A 55 15.76 52.33 -4.95
CA THR A 55 15.39 52.52 -3.55
C THR A 55 14.51 53.78 -3.42
N ASP A 56 14.09 54.30 -4.56
CA ASP A 56 13.24 55.48 -4.60
C ASP A 56 11.86 55.11 -5.15
N LEU A 57 10.90 55.06 -4.24
CA LEU A 57 9.52 54.70 -4.57
C LEU A 57 8.91 55.45 -5.78
N ASP A 58 9.09 56.76 -5.82
CA ASP A 58 8.55 57.57 -6.91
C ASP A 58 9.10 57.18 -8.27
N GLU A 59 10.30 56.61 -8.25
CA GLU A 59 10.94 56.19 -9.49
C GLU A 59 10.10 55.07 -10.13
N LEU A 60 9.25 54.45 -9.32
CA LEU A 60 8.37 53.38 -9.80
C LEU A 60 6.96 53.91 -9.99
N LEU A 61 6.43 54.63 -9.00
CA LEU A 61 5.06 55.13 -9.11
C LEU A 61 4.86 56.11 -10.27
N ASN A 62 5.87 56.93 -10.55
CA ASN A 62 5.78 57.91 -11.64
C ASN A 62 5.97 57.31 -13.03
N ASP A 63 6.60 56.13 -13.10
CA ASP A 63 6.83 55.45 -14.37
C ASP A 63 5.48 55.19 -15.02
N LYS A 64 5.22 55.87 -16.12
CA LYS A 64 3.97 55.74 -16.85
C LYS A 64 3.86 54.43 -17.61
N GLU A 65 4.97 53.73 -17.75
CA GLU A 65 4.96 52.46 -18.47
C GLU A 65 4.47 51.30 -17.59
N ILE A 66 4.48 51.51 -16.28
CA ILE A 66 4.02 50.48 -15.36
C ILE A 66 2.51 50.52 -15.26
N GLN A 67 1.87 49.42 -15.64
CA GLN A 67 0.41 49.31 -15.60
C GLN A 67 -0.10 48.71 -14.28
N VAL A 68 0.69 47.83 -13.67
CA VAL A 68 0.25 47.18 -12.43
C VAL A 68 1.42 46.87 -11.54
N VAL A 69 1.21 46.98 -10.24
CA VAL A 69 2.29 46.72 -9.30
C VAL A 69 1.84 45.69 -8.25
N THR A 70 2.82 45.03 -7.62
CA THR A 70 2.56 44.03 -6.60
C THR A 70 3.24 44.43 -5.31
N ILE A 71 2.45 44.58 -4.25
CA ILE A 71 2.98 44.93 -2.95
C ILE A 71 3.20 43.64 -2.15
N CYS A 72 4.45 43.31 -1.92
CA CYS A 72 4.77 42.12 -1.15
C CYS A 72 5.74 42.54 -0.08
N THR A 73 5.55 43.75 0.42
CA THR A 73 6.38 44.30 1.47
C THR A 73 5.62 44.05 2.78
N PRO A 74 6.27 44.24 3.94
CA PRO A 74 5.59 44.01 5.23
C PRO A 74 4.12 44.39 5.28
N ALA A 75 3.33 43.54 5.93
CA ALA A 75 1.89 43.72 6.07
C ALA A 75 1.42 45.08 6.59
N HIS A 76 2.06 45.59 7.63
CA HIS A 76 1.65 46.86 8.23
C HIS A 76 1.60 48.03 7.24
N THR A 77 2.23 47.87 6.08
CA THR A 77 2.27 48.94 5.09
C THR A 77 1.29 48.78 3.92
N HIS A 78 0.62 47.64 3.84
CA HIS A 78 -0.29 47.37 2.73
C HIS A 78 -1.38 48.37 2.42
N TYR A 79 -2.15 48.80 3.41
CA TYR A 79 -3.21 49.76 3.14
C TYR A 79 -2.66 51.08 2.59
N GLU A 80 -1.56 51.54 3.17
CA GLU A 80 -0.92 52.78 2.72
C GLU A 80 -0.47 52.72 1.25
N LEU A 81 0.42 51.78 0.97
CA LEU A 81 0.96 51.61 -0.38
C LEU A 81 -0.11 51.31 -1.42
N ALA A 82 -1.02 50.39 -1.10
CA ALA A 82 -2.08 50.03 -2.03
C ALA A 82 -2.76 51.29 -2.52
N LYS A 83 -2.95 52.23 -1.62
CA LYS A 83 -3.61 53.50 -1.93
C LYS A 83 -2.68 54.39 -2.75
N LYS A 84 -1.47 54.60 -2.25
CA LYS A 84 -0.52 55.46 -2.94
C LYS A 84 -0.33 54.99 -4.39
N VAL A 85 -0.51 53.70 -4.64
CA VAL A 85 -0.37 53.19 -5.99
C VAL A 85 -1.65 53.34 -6.81
N ILE A 86 -2.81 53.26 -6.17
CA ILE A 86 -4.06 53.43 -6.89
C ILE A 86 -4.23 54.89 -7.29
N LEU A 87 -3.89 55.80 -6.39
CA LEU A 87 -4.00 57.22 -6.71
C LEU A 87 -3.32 57.47 -8.07
N ALA A 88 -2.33 56.63 -8.41
CA ALA A 88 -1.66 56.72 -9.70
C ALA A 88 -2.47 55.72 -10.52
N GLY A 89 -2.61 55.93 -11.82
CA GLY A 89 -3.41 55.03 -12.62
C GLY A 89 -2.83 53.64 -12.81
N LYS A 90 -2.61 52.93 -11.71
CA LYS A 90 -2.03 51.60 -11.76
C LYS A 90 -2.80 50.58 -10.92
N SER A 91 -3.08 49.41 -11.50
CA SER A 91 -3.77 48.34 -10.80
C SER A 91 -2.86 47.81 -9.70
N VAL A 92 -3.45 47.18 -8.68
CA VAL A 92 -2.66 46.66 -7.57
C VAL A 92 -2.95 45.22 -7.19
N ILE A 93 -1.88 44.52 -6.85
CA ILE A 93 -1.95 43.13 -6.43
C ILE A 93 -1.33 43.16 -5.05
N VAL A 94 -2.10 42.85 -4.02
CA VAL A 94 -1.57 42.92 -2.65
C VAL A 94 -1.42 41.60 -1.93
N GLU A 95 -0.27 41.34 -1.33
CA GLU A 95 -0.11 40.12 -0.56
C GLU A 95 -0.93 40.28 0.72
N LYS A 96 -1.07 39.18 1.46
CA LYS A 96 -1.86 39.21 2.70
C LYS A 96 -1.13 39.98 3.81
N PRO A 97 -1.88 40.78 4.57
CA PRO A 97 -3.32 40.98 4.40
C PRO A 97 -3.65 42.09 3.41
N PHE A 98 -4.79 41.96 2.73
CA PHE A 98 -5.20 42.98 1.77
C PHE A 98 -5.30 44.32 2.52
N CYS A 99 -5.99 44.31 3.65
CA CYS A 99 -6.15 45.48 4.47
C CYS A 99 -6.25 45.05 5.92
N ASP A 100 -6.18 46.03 6.81
CA ASP A 100 -6.28 45.76 8.24
C ASP A 100 -7.73 45.74 8.69
N THR A 101 -8.56 46.58 8.10
CA THR A 101 -9.97 46.62 8.48
C THR A 101 -10.93 46.46 7.32
N VAL A 102 -12.04 45.79 7.58
CA VAL A 102 -13.04 45.58 6.55
C VAL A 102 -13.48 46.92 5.94
N GLU A 103 -13.32 47.99 6.73
CA GLU A 103 -13.69 49.32 6.26
C GLU A 103 -12.67 49.80 5.24
N HIS A 104 -11.39 49.56 5.53
CA HIS A 104 -10.33 49.98 4.60
C HIS A 104 -10.39 49.19 3.30
N ALA A 105 -10.77 47.92 3.41
CA ALA A 105 -10.89 47.04 2.24
C ALA A 105 -11.91 47.58 1.25
N LYS A 106 -13.08 47.97 1.77
CA LYS A 106 -14.15 48.53 0.96
C LYS A 106 -13.65 49.83 0.32
N GLU A 107 -12.75 50.51 1.01
CA GLU A 107 -12.23 51.77 0.49
C GLU A 107 -11.38 51.54 -0.74
N LEU A 108 -10.30 50.78 -0.57
CA LEU A 108 -9.40 50.48 -1.68
C LEU A 108 -10.14 49.97 -2.92
N LEU A 109 -11.09 49.07 -2.73
CA LEU A 109 -11.84 48.51 -3.84
C LEU A 109 -12.65 49.56 -4.55
N ALA A 110 -13.27 50.44 -3.76
CA ALA A 110 -14.08 51.51 -4.31
C ALA A 110 -13.21 52.57 -5.00
N LEU A 111 -12.07 52.89 -4.39
CA LEU A 111 -11.17 53.88 -4.94
C LEU A 111 -10.68 53.30 -6.25
N GLY A 112 -10.60 51.98 -6.31
CA GLY A 112 -10.15 51.31 -7.51
C GLY A 112 -11.17 51.39 -8.63
N ARG A 113 -12.44 51.19 -8.30
CA ARG A 113 -13.49 51.24 -9.32
C ARG A 113 -13.58 52.65 -9.91
N GLU A 114 -13.48 53.66 -9.06
CA GLU A 114 -13.58 55.04 -9.52
C GLU A 114 -12.31 55.51 -10.22
N LYS A 115 -11.17 54.96 -9.84
CA LYS A 115 -9.90 55.34 -10.45
C LYS A 115 -9.69 54.58 -11.76
N GLY A 116 -10.60 53.64 -12.04
CA GLY A 116 -10.52 52.86 -13.26
C GLY A 116 -9.54 51.69 -13.28
N VAL A 117 -8.89 51.38 -12.15
CA VAL A 117 -7.94 50.28 -12.11
C VAL A 117 -8.41 49.03 -11.37
N VAL A 118 -7.76 47.91 -11.66
CA VAL A 118 -8.10 46.65 -11.03
C VAL A 118 -7.42 46.61 -9.67
N VAL A 119 -8.17 46.16 -8.66
CA VAL A 119 -7.66 46.05 -7.29
C VAL A 119 -8.06 44.70 -6.70
N MET A 120 -7.07 43.83 -6.45
CA MET A 120 -7.38 42.53 -5.88
C MET A 120 -6.25 41.92 -5.07
N PRO A 121 -6.60 41.22 -3.97
CA PRO A 121 -5.59 40.58 -3.10
C PRO A 121 -4.96 39.36 -3.77
N TYR A 122 -3.69 39.11 -3.48
CA TYR A 122 -2.96 37.98 -4.03
C TYR A 122 -3.34 36.67 -3.34
N GLN A 123 -4.17 35.85 -3.98
CA GLN A 123 -4.59 34.58 -3.39
C GLN A 123 -4.00 33.40 -4.16
N ASN A 124 -2.68 33.22 -4.10
CA ASN A 124 -2.07 32.13 -4.85
C ASN A 124 -2.62 30.75 -4.50
N ARG A 125 -2.98 30.57 -3.23
CA ARG A 125 -3.50 29.29 -2.77
C ARG A 125 -4.76 28.81 -3.48
N ARG A 126 -5.30 29.63 -4.39
CA ARG A 126 -6.47 29.18 -5.16
C ARG A 126 -5.98 28.25 -6.27
N PHE A 127 -4.68 27.98 -6.27
CA PHE A 127 -4.08 27.14 -7.28
C PHE A 127 -3.19 26.04 -6.71
N ASP A 128 -3.46 25.64 -5.46
CA ASP A 128 -2.73 24.51 -4.87
C ASP A 128 -3.38 23.31 -5.56
N GLY A 129 -2.59 22.29 -5.83
CA GLY A 129 -3.15 21.10 -6.47
C GLY A 129 -4.28 20.43 -5.71
N ASP A 130 -4.10 20.24 -4.41
CA ASP A 130 -5.13 19.59 -3.62
C ASP A 130 -6.43 20.38 -3.71
N PHE A 131 -6.37 21.70 -3.60
CA PHE A 131 -7.59 22.49 -3.72
C PHE A 131 -8.22 22.40 -5.12
N LEU A 132 -7.41 22.36 -6.17
CA LEU A 132 -7.95 22.30 -7.53
C LEU A 132 -8.71 21.00 -7.72
N ALA A 133 -8.24 19.94 -7.08
CA ALA A 133 -8.93 18.66 -7.16
C ALA A 133 -10.34 18.76 -6.58
N VAL A 134 -10.49 19.38 -5.40
CA VAL A 134 -11.84 19.46 -4.87
C VAL A 134 -12.68 20.40 -5.70
N LYS A 135 -12.08 21.48 -6.20
CA LYS A 135 -12.83 22.40 -7.04
C LYS A 135 -13.29 21.68 -8.33
N GLN A 136 -12.45 20.79 -8.86
CA GLN A 136 -12.82 20.05 -10.06
C GLN A 136 -13.99 19.09 -9.77
N VAL A 137 -13.91 18.30 -8.71
CA VAL A 137 -14.98 17.36 -8.35
C VAL A 137 -16.31 18.04 -8.04
N VAL A 138 -16.26 19.08 -7.21
CA VAL A 138 -17.48 19.80 -6.86
C VAL A 138 -18.21 20.35 -8.09
N GLU A 139 -17.46 20.85 -9.08
CA GLU A 139 -18.11 21.41 -10.26
C GLU A 139 -18.69 20.34 -11.14
N GLN A 140 -17.96 19.24 -11.32
CA GLN A 140 -18.47 18.14 -12.11
C GLN A 140 -19.77 17.63 -11.47
N GLY A 141 -19.93 17.93 -10.18
CA GLY A 141 -21.13 17.55 -9.45
C GLY A 141 -21.54 16.09 -9.27
N PHE A 142 -20.69 15.13 -9.60
CA PHE A 142 -21.11 13.74 -9.44
C PHE A 142 -21.29 13.27 -8.00
N LEU A 143 -20.87 14.06 -7.02
CA LEU A 143 -21.03 13.67 -5.63
C LEU A 143 -22.41 14.11 -5.12
N GLY A 144 -23.17 14.82 -5.95
CA GLY A 144 -24.49 15.28 -5.54
C GLY A 144 -24.36 16.56 -4.73
N ASP A 145 -25.35 16.89 -3.91
CA ASP A 145 -25.26 18.10 -3.10
C ASP A 145 -24.19 17.93 -2.03
N ILE A 146 -23.28 18.91 -1.96
CA ILE A 146 -22.20 18.88 -0.98
C ILE A 146 -22.76 19.22 0.38
N ILE A 147 -22.65 18.31 1.33
CA ILE A 147 -23.17 18.63 2.65
C ILE A 147 -22.06 19.05 3.59
N GLU A 148 -20.91 18.40 3.50
CA GLU A 148 -19.80 18.76 4.37
C GLU A 148 -18.46 18.71 3.65
N ILE A 149 -17.57 19.60 4.06
CA ILE A 149 -16.23 19.65 3.50
C ILE A 149 -15.30 20.25 4.57
N GLU A 150 -14.26 19.49 4.90
CA GLU A 150 -13.27 19.83 5.91
C GLU A 150 -11.92 20.09 5.27
N SER A 151 -11.31 21.22 5.62
CA SER A 151 -10.04 21.63 5.05
C SER A 151 -8.95 21.80 6.11
N HIS A 152 -7.86 21.06 5.99
CA HIS A 152 -6.77 21.11 6.95
C HIS A 152 -5.45 21.73 6.50
N ILE A 153 -4.77 22.32 7.49
CA ILE A 153 -3.43 22.87 7.33
C ILE A 153 -2.83 22.68 8.72
N ASP A 154 -2.18 21.54 8.95
CA ASP A 154 -1.61 21.25 10.24
C ASP A 154 -0.10 21.13 10.20
N TYR A 155 0.48 20.81 11.36
CA TYR A 155 1.93 20.64 11.51
C TYR A 155 2.12 19.89 12.82
N PHE A 156 3.38 19.54 13.06
CA PHE A 156 3.72 18.95 14.32
C PHE A 156 4.88 19.80 14.83
N ARG A 157 4.55 20.94 15.42
CA ARG A 157 5.56 21.83 15.93
C ARG A 157 5.25 22.25 17.37
N PRO A 158 5.18 21.27 18.30
CA PRO A 158 4.88 21.62 19.70
C PRO A 158 5.93 22.54 20.32
N GLY A 159 5.53 23.76 20.67
CA GLY A 159 6.45 24.71 21.25
C GLY A 159 6.79 25.85 20.29
N SER A 160 6.44 25.65 19.04
CA SER A 160 6.70 26.62 17.98
C SER A 160 6.12 28.01 18.25
N ILE A 161 4.92 28.07 18.84
CA ILE A 161 4.27 29.34 19.14
C ILE A 161 4.09 29.50 20.64
N THR A 162 4.63 30.58 21.19
CA THR A 162 4.56 30.80 22.63
C THR A 162 4.31 32.22 23.12
N HIS A 163 4.78 33.22 22.38
CA HIS A 163 4.61 34.61 22.80
C HIS A 163 3.29 35.24 22.38
N GLU A 164 2.81 36.18 23.18
CA GLU A 164 1.56 36.88 22.87
C GLU A 164 1.88 37.96 21.85
N ALA A 165 0.93 38.24 20.96
CA ALA A 165 1.13 39.24 19.92
C ALA A 165 -0.24 39.56 19.34
N PRO A 166 -0.32 40.57 18.46
CA PRO A 166 -1.59 40.95 17.85
C PRO A 166 -2.19 39.85 16.98
N LYS A 167 -3.52 39.85 16.84
CA LYS A 167 -4.23 38.85 16.05
C LYS A 167 -3.69 38.70 14.62
N GLU A 168 -3.39 39.81 13.95
CA GLU A 168 -2.88 39.75 12.58
C GLU A 168 -1.70 38.79 12.46
N GLU A 169 -1.11 38.43 13.58
CA GLU A 169 0.04 37.54 13.57
C GLU A 169 -0.24 36.07 13.90
N GLY A 170 -1.46 35.74 14.29
CA GLY A 170 -1.77 34.35 14.61
C GLY A 170 -2.01 33.47 13.40
N SER A 171 -2.30 32.19 13.66
CA SER A 171 -2.56 31.20 12.61
C SER A 171 -3.78 31.48 11.76
N PHE A 172 -4.85 31.97 12.39
CA PHE A 172 -6.08 32.25 11.66
C PHE A 172 -5.86 33.33 10.60
N TYR A 173 -5.05 34.33 10.93
CA TYR A 173 -4.76 35.39 9.98
C TYR A 173 -3.66 35.00 8.97
N SER A 174 -2.73 34.14 9.37
CA SER A 174 -1.65 33.71 8.50
C SER A 174 -1.98 32.52 7.61
N LEU A 175 -2.78 31.59 8.13
CA LEU A 175 -3.15 30.41 7.36
C LEU A 175 -4.61 30.44 6.97
N GLY A 176 -5.45 30.85 7.92
CA GLY A 176 -6.88 30.91 7.68
C GLY A 176 -7.27 31.72 6.47
N ILE A 177 -6.53 32.78 6.17
CA ILE A 177 -6.88 33.59 5.00
C ILE A 177 -6.76 32.74 3.71
N HIS A 178 -5.91 31.73 3.70
CA HIS A 178 -5.77 30.89 2.52
C HIS A 178 -6.86 29.85 2.41
N THR A 179 -7.08 29.08 3.47
CA THR A 179 -8.10 28.04 3.40
C THR A 179 -9.53 28.56 3.31
N MET A 180 -9.82 29.65 4.00
CA MET A 180 -11.15 30.26 3.98
C MET A 180 -11.41 30.90 2.61
N ASP A 181 -10.41 31.63 2.11
CA ASP A 181 -10.53 32.29 0.82
C ASP A 181 -10.95 31.38 -0.33
N ARG A 182 -10.24 30.27 -0.53
CA ARG A 182 -10.61 29.41 -1.66
C ARG A 182 -11.95 28.67 -1.49
N MET A 183 -12.31 28.37 -0.25
CA MET A 183 -13.58 27.69 0.00
C MET A 183 -14.72 28.66 -0.33
N ILE A 184 -14.50 29.92 0.05
CA ILE A 184 -15.50 30.94 -0.18
C ILE A 184 -15.60 31.30 -1.64
N SER A 185 -14.50 31.18 -2.37
CA SER A 185 -14.49 31.51 -3.79
C SER A 185 -15.29 30.46 -4.54
N LEU A 186 -15.57 29.37 -3.84
CA LEU A 186 -16.33 28.27 -4.42
C LEU A 186 -17.79 28.25 -3.98
N PHE A 187 -18.07 28.47 -2.70
CA PHE A 187 -19.45 28.44 -2.22
C PHE A 187 -20.12 29.76 -1.93
N GLY A 188 -19.34 30.82 -1.78
CA GLY A 188 -19.92 32.12 -1.52
C GLY A 188 -19.82 32.60 -0.09
N ARG A 189 -20.59 33.66 0.21
CA ARG A 189 -20.62 34.22 1.56
C ARG A 189 -21.56 33.33 2.38
N PRO A 190 -21.10 32.83 3.54
CA PRO A 190 -21.90 31.96 4.38
C PRO A 190 -22.88 32.74 5.27
N ASN A 191 -23.88 32.05 5.82
CA ASN A 191 -24.87 32.71 6.68
C ASN A 191 -24.35 32.91 8.10
N THR A 192 -23.68 31.93 8.65
CA THR A 192 -23.17 32.08 10.00
C THR A 192 -21.83 31.41 10.16
N VAL A 193 -20.97 31.98 11.02
CA VAL A 193 -19.65 31.41 11.25
C VAL A 193 -19.47 31.02 12.72
N THR A 194 -18.77 29.92 12.94
CA THR A 194 -18.47 29.40 14.26
C THR A 194 -16.96 29.54 14.48
N TYR A 195 -16.54 29.92 15.69
CA TYR A 195 -15.12 30.08 15.94
C TYR A 195 -14.59 29.38 17.17
N ASP A 196 -13.48 28.67 16.97
CA ASP A 196 -12.77 27.99 18.05
C ASP A 196 -11.37 28.47 17.71
N ILE A 197 -10.92 29.48 18.45
CA ILE A 197 -9.60 30.07 18.23
C ILE A 197 -8.91 30.14 19.58
N ARG A 198 -7.66 29.70 19.63
CA ARG A 198 -6.92 29.74 20.88
C ARG A 198 -5.52 29.21 20.68
N ASN A 199 -4.76 29.15 21.77
CA ASN A 199 -3.40 28.62 21.76
C ASN A 199 -3.49 27.43 22.69
N ASN A 200 -3.40 26.22 22.14
CA ASN A 200 -3.53 25.04 22.98
C ASN A 200 -2.29 24.69 23.78
N GLU A 201 -1.32 25.61 23.80
CA GLU A 201 -0.10 25.40 24.56
C GLU A 201 0.08 26.49 25.62
N VAL A 202 -0.04 27.76 25.23
CA VAL A 202 0.12 28.86 26.16
C VAL A 202 -1.09 29.80 26.15
N GLU A 203 -1.93 29.68 27.16
CA GLU A 203 -3.12 30.50 27.32
C GLU A 203 -3.13 31.85 26.56
N GLY A 204 -2.37 32.81 27.06
CA GLY A 204 -2.37 34.11 26.43
C GLY A 204 -1.66 34.25 25.10
N ALA A 205 -0.81 33.29 24.77
CA ALA A 205 -0.06 33.37 23.52
C ALA A 205 -0.98 33.58 22.32
N VAL A 206 -0.43 34.15 21.25
CA VAL A 206 -1.21 34.38 20.03
C VAL A 206 -1.72 33.03 19.51
N ASP A 207 -2.87 33.03 18.84
CA ASP A 207 -3.47 31.79 18.34
C ASP A 207 -2.60 30.97 17.40
N ASN A 208 -2.48 29.69 17.76
CA ASN A 208 -1.71 28.71 17.00
C ASN A 208 -2.68 27.58 16.72
N TYR A 209 -3.99 27.87 16.79
CA TYR A 209 -5.01 26.85 16.56
C TYR A 209 -6.36 27.49 16.25
N PHE A 210 -7.11 26.84 15.38
CA PHE A 210 -8.43 27.34 15.07
C PHE A 210 -9.23 26.25 14.38
N ASP A 211 -10.54 26.28 14.63
CA ASP A 211 -11.47 25.32 14.05
C ASP A 211 -12.64 26.23 13.75
N VAL A 212 -12.73 26.68 12.51
CA VAL A 212 -13.77 27.60 12.12
C VAL A 212 -14.81 26.95 11.25
N GLY A 213 -16.09 27.18 11.57
CA GLY A 213 -17.15 26.59 10.78
C GLY A 213 -17.90 27.60 9.91
N LEU A 214 -18.09 27.29 8.64
CA LEU A 214 -18.82 28.18 7.74
C LEU A 214 -20.12 27.46 7.37
N HIS A 215 -21.25 28.01 7.81
CA HIS A 215 -22.55 27.40 7.55
C HIS A 215 -23.30 28.03 6.39
N TYR A 216 -23.73 27.18 5.48
CA TYR A 216 -24.49 27.61 4.33
C TYR A 216 -25.86 26.95 4.42
N GLY A 217 -26.87 27.71 4.82
CA GLY A 217 -28.20 27.16 4.93
C GLY A 217 -28.18 26.05 5.96
N ASN A 218 -29.05 25.07 5.80
CA ASN A 218 -29.12 23.97 6.75
C ASN A 218 -28.40 22.72 6.30
N GLN A 219 -28.11 22.64 5.02
CA GLN A 219 -27.48 21.44 4.48
C GLN A 219 -25.94 21.40 4.42
N LEU A 220 -25.31 22.52 4.14
CA LEU A 220 -23.87 22.55 4.00
C LEU A 220 -23.06 23.27 5.07
N LYS A 221 -21.96 22.65 5.48
CA LYS A 221 -21.04 23.26 6.46
C LYS A 221 -19.62 22.97 6.03
N ILE A 222 -18.78 23.99 6.01
CA ILE A 222 -17.41 23.80 5.61
C ILE A 222 -16.48 24.17 6.76
N LYS A 223 -15.65 23.21 7.18
CA LYS A 223 -14.72 23.41 8.30
C LYS A 223 -13.31 23.76 7.91
N LEU A 224 -12.78 24.78 8.58
CA LEU A 224 -11.41 25.24 8.36
C LEU A 224 -10.68 24.87 9.62
N LYS A 225 -9.68 24.00 9.53
CA LYS A 225 -8.92 23.57 10.70
C LYS A 225 -7.39 23.65 10.66
N THR A 226 -6.80 24.29 11.66
CA THR A 226 -5.35 24.39 11.79
C THR A 226 -4.94 24.12 13.23
N ASN A 227 -4.07 23.13 13.40
CA ASN A 227 -3.55 22.71 14.71
C ASN A 227 -2.03 22.51 14.52
N HIS A 228 -1.22 22.91 15.51
CA HIS A 228 0.22 22.75 15.40
C HIS A 228 0.74 21.52 16.16
N ILE A 229 -0.18 20.66 16.59
CA ILE A 229 0.23 19.45 17.29
C ILE A 229 -0.55 18.28 16.68
N VAL A 230 -0.18 17.88 15.47
CA VAL A 230 -0.81 16.78 14.76
C VAL A 230 0.33 15.88 14.23
N ALA A 231 0.53 14.74 14.88
CA ALA A 231 1.61 13.85 14.46
C ALA A 231 1.21 13.02 13.25
N LYS A 232 -0.01 12.52 13.24
CA LYS A 232 -0.50 11.73 12.12
C LYS A 232 -1.52 12.59 11.39
N ASP A 233 -1.18 12.98 10.16
CA ASP A 233 -2.04 13.85 9.38
C ASP A 233 -3.46 13.48 9.10
N TYR A 234 -4.27 14.53 9.06
CA TYR A 234 -5.67 14.40 8.71
C TYR A 234 -5.60 14.48 7.21
N PRO A 235 -6.75 14.29 6.56
CA PRO A 235 -6.71 14.39 5.11
C PRO A 235 -6.62 15.88 4.85
N ARG A 236 -5.97 16.27 3.76
CA ARG A 236 -5.87 17.67 3.42
C ARG A 236 -7.30 18.19 3.14
N PHE A 237 -8.11 17.39 2.47
CA PHE A 237 -9.51 17.76 2.20
C PHE A 237 -10.44 16.56 2.37
N ILE A 238 -11.64 16.81 2.84
CA ILE A 238 -12.63 15.75 2.98
C ILE A 238 -13.86 16.35 2.36
N VAL A 239 -14.48 15.63 1.45
CA VAL A 239 -15.69 16.15 0.85
C VAL A 239 -16.78 15.10 0.91
N HIS A 240 -17.91 15.47 1.51
CA HIS A 240 -19.05 14.56 1.59
C HIS A 240 -20.26 15.21 0.94
N GLY A 241 -20.90 14.43 0.08
CA GLY A 241 -22.09 14.84 -0.62
C GLY A 241 -23.10 13.72 -0.59
N THR A 242 -24.36 14.03 -0.89
CA THR A 242 -25.43 13.05 -0.89
C THR A 242 -25.18 11.81 -1.75
N ASN A 243 -24.28 11.90 -2.72
CA ASN A 243 -24.01 10.75 -3.57
C ASN A 243 -22.72 10.04 -3.24
N GLY A 244 -21.93 10.63 -2.36
CA GLY A 244 -20.67 10.00 -2.01
C GLY A 244 -19.63 10.99 -1.52
N SER A 245 -18.38 10.56 -1.49
CA SER A 245 -17.35 11.46 -1.01
C SER A 245 -16.03 11.43 -1.77
N PHE A 246 -15.21 12.42 -1.45
CA PHE A 246 -13.90 12.57 -2.04
C PHE A 246 -12.96 12.88 -0.89
N ILE A 247 -11.99 12.00 -0.64
CA ILE A 247 -11.03 12.27 0.43
C ILE A 247 -9.68 12.49 -0.24
N LYS A 248 -8.96 13.53 0.19
CA LYS A 248 -7.66 13.84 -0.42
C LYS A 248 -6.55 13.99 0.62
N TYR A 249 -5.53 13.16 0.53
CA TYR A 249 -4.39 13.24 1.45
C TYR A 249 -3.23 13.98 0.78
N GLY A 250 -2.27 14.42 1.61
CA GLY A 250 -1.06 15.10 1.14
C GLY A 250 -1.32 16.53 0.75
N GLU A 251 -0.34 17.41 0.94
CA GLU A 251 -0.53 18.83 0.55
C GLU A 251 0.26 19.13 -0.72
N ASP A 252 -0.15 20.19 -1.41
CA ASP A 252 0.54 20.65 -2.60
C ASP A 252 2.02 20.86 -2.24
N GLN A 253 2.91 20.37 -3.09
CA GLN A 253 4.34 20.48 -2.82
C GLN A 253 5.10 21.67 -3.37
N GLN A 254 4.43 22.63 -4.02
CA GLN A 254 5.14 23.78 -4.58
C GLN A 254 6.01 24.46 -3.52
N GLU A 255 5.42 24.76 -2.37
CA GLU A 255 6.17 25.43 -1.33
C GLU A 255 7.39 24.66 -0.87
N ASN A 256 7.23 23.36 -0.64
CA ASN A 256 8.38 22.60 -0.19
C ASN A 256 9.45 22.67 -1.27
N ASP A 257 9.11 22.32 -2.51
CA ASP A 257 10.07 22.36 -3.59
C ASP A 257 10.75 23.72 -3.56
N LEU A 258 9.96 24.77 -3.72
CA LEU A 258 10.45 26.14 -3.69
C LEU A 258 11.43 26.36 -2.57
N LYS A 259 11.06 25.95 -1.37
CA LYS A 259 11.92 26.10 -0.21
C LYS A 259 13.22 25.35 -0.43
N ALA A 260 13.12 24.20 -1.09
CA ALA A 260 14.28 23.36 -1.33
C ALA A 260 15.17 23.85 -2.45
N GLY A 261 14.67 24.80 -3.22
CA GLY A 261 15.48 25.30 -4.32
C GLY A 261 15.03 24.87 -5.70
N ILE A 262 14.05 23.98 -5.77
CA ILE A 262 13.54 23.51 -7.05
C ILE A 262 12.61 24.59 -7.61
N MET A 263 12.94 25.13 -8.78
CA MET A 263 12.15 26.21 -9.36
C MET A 263 11.05 25.75 -10.29
N PRO A 264 10.02 26.57 -10.46
CA PRO A 264 8.83 26.35 -11.30
C PRO A 264 9.04 25.80 -12.70
N GLU A 265 10.27 25.88 -13.20
CA GLU A 265 10.58 25.40 -14.55
C GLU A 265 11.15 23.99 -14.53
N SER A 266 11.57 23.53 -13.35
CA SER A 266 12.15 22.20 -13.25
C SER A 266 11.19 21.08 -13.62
N ALA A 267 11.63 19.84 -13.47
CA ALA A 267 10.82 18.70 -13.86
C ALA A 267 9.96 18.10 -12.77
N GLY A 268 8.67 17.94 -13.09
CA GLY A 268 7.73 17.37 -12.15
C GLY A 268 7.21 18.38 -11.15
N PHE A 269 7.61 19.63 -11.34
CA PHE A 269 7.18 20.69 -10.45
C PHE A 269 5.69 20.81 -10.60
N GLY A 270 4.99 20.88 -9.47
CA GLY A 270 3.55 21.02 -9.49
C GLY A 270 2.77 19.74 -9.69
N GLU A 271 3.48 18.64 -9.92
CA GLU A 271 2.81 17.36 -10.12
C GLU A 271 2.72 16.60 -8.81
N ASP A 272 1.52 16.12 -8.51
CA ASP A 272 1.28 15.40 -7.26
C ASP A 272 1.76 13.95 -7.32
N SER A 273 2.14 13.38 -6.18
CA SER A 273 2.55 11.97 -6.15
C SER A 273 1.26 11.18 -6.40
N PRO A 274 1.30 10.18 -7.29
CA PRO A 274 0.08 9.41 -7.52
C PRO A 274 -0.40 8.71 -6.25
N MET A 275 0.49 8.45 -5.31
CA MET A 275 0.02 7.79 -4.10
C MET A 275 -0.91 8.74 -3.32
N TYR A 276 -0.89 10.02 -3.68
CA TYR A 276 -1.70 11.01 -3.01
C TYR A 276 -2.89 11.50 -3.83
N TYR A 277 -3.11 10.92 -5.00
CA TYR A 277 -4.29 11.36 -5.77
C TYR A 277 -5.48 11.13 -4.82
N GLY A 278 -6.40 12.09 -4.78
CA GLY A 278 -7.58 11.95 -3.93
C GLY A 278 -8.40 10.74 -4.39
N ILE A 279 -9.17 10.16 -3.48
CA ILE A 279 -9.99 9.02 -3.85
C ILE A 279 -11.46 9.40 -3.74
N ALA A 280 -12.22 9.06 -4.78
CA ALA A 280 -13.64 9.38 -4.81
C ALA A 280 -14.48 8.12 -4.76
N LYS A 281 -15.43 8.10 -3.83
CA LYS A 281 -16.33 6.96 -3.71
C LYS A 281 -17.76 7.47 -3.83
N TYR A 282 -18.44 7.06 -4.89
CA TYR A 282 -19.80 7.50 -5.07
C TYR A 282 -20.64 6.46 -5.78
N ARG A 283 -21.95 6.64 -5.71
CA ARG A 283 -22.91 5.75 -6.32
C ARG A 283 -23.51 6.52 -7.50
N ASN A 284 -23.66 5.86 -8.66
CA ASN A 284 -24.24 6.51 -9.83
C ASN A 284 -25.75 6.42 -9.72
N ALA A 285 -26.47 7.00 -10.69
CA ALA A 285 -27.93 6.99 -10.67
C ALA A 285 -28.58 5.60 -10.68
N ASN A 286 -27.84 4.60 -11.14
CA ASN A 286 -28.37 3.25 -11.19
C ASN A 286 -28.13 2.53 -9.86
N GLY A 287 -27.43 3.21 -8.95
CA GLY A 287 -27.14 2.64 -7.66
C GLY A 287 -25.78 1.98 -7.57
N ASP A 288 -25.04 1.89 -8.67
CA ASP A 288 -23.72 1.27 -8.65
C ASP A 288 -22.72 2.12 -7.89
N TRP A 289 -21.80 1.48 -7.17
CA TRP A 289 -20.77 2.19 -6.43
C TRP A 289 -19.50 2.23 -7.28
N ILE A 290 -18.77 3.33 -7.17
CA ILE A 290 -17.54 3.54 -7.94
C ILE A 290 -16.46 4.14 -7.05
N GLU A 291 -15.31 3.50 -7.04
CA GLU A 291 -14.20 4.00 -6.25
C GLU A 291 -13.05 4.17 -7.22
N LYS A 292 -12.60 5.40 -7.38
CA LYS A 292 -11.52 5.69 -8.31
C LYS A 292 -10.61 6.80 -7.80
N GLN A 293 -9.39 6.84 -8.32
CA GLN A 293 -8.48 7.91 -7.96
C GLN A 293 -8.77 9.06 -8.93
N ILE A 294 -8.47 10.27 -8.51
CA ILE A 294 -8.67 11.42 -9.35
C ILE A 294 -7.38 12.16 -9.48
N LYS A 295 -6.74 12.00 -10.64
CA LYS A 295 -5.46 12.65 -10.95
C LYS A 295 -5.51 14.11 -10.48
N THR A 296 -4.59 14.47 -9.58
CA THR A 296 -4.55 15.84 -9.06
C THR A 296 -4.15 16.87 -10.12
N PRO A 297 -4.95 17.94 -10.26
CA PRO A 297 -4.61 18.96 -11.25
C PRO A 297 -3.21 19.49 -10.97
N LEU A 298 -2.64 20.19 -11.94
CA LEU A 298 -1.29 20.73 -11.76
C LEU A 298 -1.31 22.00 -10.91
N GLY A 299 -0.50 22.03 -9.86
CA GLY A 299 -0.45 23.22 -9.02
C GLY A 299 0.51 24.20 -9.67
N ASP A 300 0.10 25.45 -9.80
CA ASP A 300 0.92 26.46 -10.43
C ASP A 300 0.54 27.86 -9.96
N TYR A 301 1.26 28.39 -8.98
CA TYR A 301 0.94 29.73 -8.49
C TYR A 301 1.04 30.79 -9.59
N GLY A 302 1.75 30.49 -10.67
CA GLY A 302 1.86 31.45 -11.76
C GLY A 302 0.50 31.78 -12.37
N ARG A 303 -0.42 30.84 -12.33
CA ARG A 303 -1.74 31.10 -12.90
C ARG A 303 -2.37 32.35 -12.32
N PHE A 304 -1.93 32.79 -11.15
CA PHE A 304 -2.51 34.00 -10.60
C PHE A 304 -2.22 35.16 -11.56
N TYR A 305 -0.97 35.22 -12.04
CA TYR A 305 -0.55 36.26 -12.97
C TYR A 305 -1.20 36.09 -14.33
N ASP A 306 -1.41 34.85 -14.75
CA ASP A 306 -2.09 34.63 -16.02
C ASP A 306 -3.48 35.27 -15.93
N ALA A 307 -4.14 35.06 -14.79
CA ALA A 307 -5.47 35.61 -14.56
C ALA A 307 -5.45 37.13 -14.46
N ALA A 308 -4.43 37.66 -13.77
CA ALA A 308 -4.31 39.10 -13.62
C ALA A 308 -4.21 39.69 -15.03
N TYR A 309 -3.29 39.12 -15.81
CA TYR A 309 -3.05 39.55 -17.18
C TYR A 309 -4.34 39.55 -17.96
N ASP A 310 -4.96 38.38 -18.05
CA ASP A 310 -6.20 38.22 -18.79
C ASP A 310 -7.20 39.34 -18.44
N THR A 311 -7.27 39.70 -17.16
CA THR A 311 -8.19 40.74 -16.70
C THR A 311 -7.77 42.16 -17.05
N ILE A 312 -6.51 42.50 -16.78
CA ILE A 312 -6.04 43.84 -17.06
C ILE A 312 -5.87 44.15 -18.54
N VAL A 313 -5.54 43.16 -19.36
CA VAL A 313 -5.34 43.42 -20.77
C VAL A 313 -6.49 43.01 -21.66
N ASN A 314 -7.26 42.00 -21.25
CA ASN A 314 -8.37 41.51 -22.04
C ASN A 314 -9.74 41.77 -21.43
N GLY A 315 -9.76 42.54 -20.35
CA GLY A 315 -11.01 42.86 -19.67
C GLY A 315 -11.74 41.69 -19.04
N ALA A 316 -11.12 40.51 -19.00
CA ALA A 316 -11.74 39.32 -18.43
C ALA A 316 -12.11 39.56 -16.97
N PRO A 317 -13.19 38.90 -16.50
CA PRO A 317 -13.65 39.05 -15.11
C PRO A 317 -12.54 38.73 -14.12
N LYS A 318 -12.40 39.58 -13.12
CA LYS A 318 -11.38 39.44 -12.09
C LYS A 318 -11.46 38.10 -11.31
N LEU A 319 -10.32 37.65 -10.77
CA LEU A 319 -10.22 36.38 -10.02
C LEU A 319 -10.85 36.44 -8.63
N VAL A 320 -10.35 37.34 -7.82
CA VAL A 320 -10.84 37.53 -6.47
C VAL A 320 -11.95 38.58 -6.53
N LYS A 321 -13.19 38.14 -6.36
CA LYS A 321 -14.32 39.07 -6.38
C LYS A 321 -14.28 39.97 -5.14
N ASP A 322 -14.74 41.21 -5.29
CA ASP A 322 -14.77 42.15 -4.18
C ASP A 322 -15.48 41.57 -2.96
N GLU A 323 -16.59 40.88 -3.17
CA GLU A 323 -17.34 40.29 -2.07
C GLU A 323 -16.52 39.23 -1.35
N GLU A 324 -15.71 38.49 -2.11
CA GLU A 324 -14.91 37.46 -1.50
C GLU A 324 -13.85 38.12 -0.67
N ALA A 325 -13.25 39.19 -1.19
CA ALA A 325 -12.22 39.91 -0.44
C ALA A 325 -12.76 40.48 0.87
N VAL A 326 -13.91 41.14 0.82
CA VAL A 326 -14.47 41.73 2.04
C VAL A 326 -14.92 40.68 3.02
N THR A 327 -15.48 39.59 2.52
CA THR A 327 -15.95 38.53 3.40
C THR A 327 -14.78 37.87 4.15
N ASN A 328 -13.62 37.77 3.51
CA ASN A 328 -12.46 37.18 4.16
C ASN A 328 -12.01 37.99 5.36
N ILE A 329 -11.91 39.29 5.18
CA ILE A 329 -11.49 40.20 6.23
C ILE A 329 -12.51 40.18 7.35
N GLU A 330 -13.78 40.22 6.98
CA GLU A 330 -14.84 40.22 7.97
C GLU A 330 -14.86 38.95 8.86
N ILE A 331 -14.88 37.78 8.25
CA ILE A 331 -14.91 36.55 9.03
C ILE A 331 -13.67 36.48 9.92
N LEU A 332 -12.56 36.94 9.38
CA LEU A 332 -11.31 36.93 10.11
C LEU A 332 -11.35 37.92 11.28
N GLU A 333 -11.87 39.11 11.02
CA GLU A 333 -11.97 40.16 12.04
C GLU A 333 -12.92 39.77 13.18
N ASN A 334 -14.09 39.25 12.84
CA ASN A 334 -15.06 38.87 13.86
C ASN A 334 -14.76 37.61 14.66
N GLY A 335 -13.67 36.95 14.34
CA GLY A 335 -13.32 35.76 15.09
C GLY A 335 -12.82 36.23 16.44
N PHE A 336 -12.41 37.48 16.47
CA PHE A 336 -11.90 38.08 17.69
C PHE A 336 -12.88 39.05 18.32
N ALA A 337 -14.05 39.20 17.70
CA ALA A 337 -15.09 40.09 18.19
C ALA A 337 -15.65 39.69 19.57
N ALA A 338 -15.61 38.40 19.88
CA ALA A 338 -16.12 37.93 21.15
C ALA A 338 -15.24 36.77 21.57
N PRO A 339 -15.17 36.50 22.87
CA PRO A 339 -14.32 35.39 23.27
C PRO A 339 -14.72 34.06 22.64
N SER A 340 -13.72 33.23 22.41
CA SER A 340 -13.89 31.92 21.81
C SER A 340 -14.37 30.97 22.91
N PRO A 341 -15.27 30.02 22.62
CA PRO A 341 -15.93 29.69 21.35
C PRO A 341 -17.12 30.58 21.09
N SER A 342 -17.16 31.22 19.92
CA SER A 342 -18.28 32.10 19.60
C SER A 342 -19.04 31.67 18.35
N VAL A 343 -20.03 32.47 18.01
CA VAL A 343 -20.87 32.27 16.83
C VAL A 343 -21.09 33.70 16.32
N TYR A 344 -21.15 33.86 14.99
CA TYR A 344 -21.33 35.18 14.39
C TYR A 344 -22.26 35.06 13.19
N LYS A 345 -23.27 35.92 13.14
CA LYS A 345 -24.25 35.93 12.06
C LYS A 345 -23.91 36.95 10.99
N LEU A 346 -23.87 36.52 9.73
CA LEU A 346 -23.54 37.38 8.61
C LEU A 346 -24.78 37.92 7.91
N GLU A 347 -24.67 39.14 7.40
CA GLU A 347 -25.76 39.75 6.66
C GLU A 347 -25.30 39.81 5.22
N ALA A 348 -26.22 39.92 4.28
CA ALA A 348 -25.82 39.98 2.87
C ALA A 348 -25.04 41.27 2.63
N LEU A 349 -24.13 41.24 1.66
CA LEU A 349 -23.31 42.41 1.31
C LEU A 349 -24.01 43.27 0.26
N HIS A 350 -23.65 44.53 0.18
CA HIS A 350 -24.25 45.44 -0.80
C HIS A 350 -23.25 46.44 -1.38
N LEU A 351 -21.99 46.04 -1.44
CA LEU A 351 -20.90 46.87 -1.97
C LEU A 351 -21.28 47.84 -3.09
N THR B 2 14.43 -22.64 45.61
CA THR B 2 14.41 -21.44 44.71
C THR B 2 15.77 -20.76 44.66
N LEU B 3 15.98 -19.94 43.62
CA LEU B 3 17.23 -19.23 43.43
C LEU B 3 17.29 -17.92 44.21
N THR B 4 18.34 -17.71 44.97
CA THR B 4 18.46 -16.48 45.74
C THR B 4 19.55 -15.58 45.15
N MET B 5 19.13 -14.46 44.58
CA MET B 5 20.10 -13.55 43.99
C MET B 5 20.21 -12.19 44.68
N GLY B 6 21.24 -11.45 44.28
CA GLY B 6 21.47 -10.11 44.79
C GLY B 6 21.97 -9.25 43.65
N PHE B 7 21.95 -7.95 43.84
CA PHE B 7 22.42 -7.02 42.80
C PHE B 7 23.51 -6.11 43.31
N ILE B 8 24.32 -5.62 42.38
CA ILE B 8 25.36 -4.66 42.69
C ILE B 8 25.08 -3.59 41.66
N GLY B 9 24.49 -2.49 42.12
CA GLY B 9 24.12 -1.42 41.23
C GLY B 9 22.60 -1.37 41.24
N PHE B 10 22.07 -0.17 41.12
CA PHE B 10 20.63 0.03 41.13
C PHE B 10 20.31 1.17 40.19
N GLY B 11 20.95 1.19 39.04
CA GLY B 11 20.72 2.27 38.10
C GLY B 11 19.60 2.04 37.11
N LYS B 12 19.69 2.73 35.98
CA LYS B 12 18.70 2.64 34.92
C LYS B 12 18.48 1.20 34.45
N SER B 13 19.53 0.57 33.93
CA SER B 13 19.43 -0.81 33.45
C SER B 13 18.79 -1.78 34.46
N ALA B 14 19.24 -1.74 35.71
CA ALA B 14 18.70 -2.63 36.72
C ALA B 14 17.19 -2.43 36.86
N ASN B 15 16.78 -1.18 36.92
CA ASN B 15 15.39 -0.82 37.06
C ASN B 15 14.55 -0.97 35.80
N ARG B 16 15.16 -1.37 34.71
CA ARG B 16 14.40 -1.48 33.47
C ARG B 16 14.47 -2.85 32.82
N TYR B 17 15.69 -3.36 32.65
CA TYR B 17 15.87 -4.65 32.00
C TYR B 17 16.00 -5.83 32.95
N HIS B 18 16.01 -5.56 34.24
CA HIS B 18 16.17 -6.65 35.18
C HIS B 18 15.01 -6.86 36.15
N LEU B 19 14.94 -6.03 37.17
CA LEU B 19 13.90 -6.13 38.20
C LEU B 19 12.46 -6.26 37.68
N PRO B 20 12.07 -5.43 36.72
CA PRO B 20 10.71 -5.48 36.16
C PRO B 20 10.28 -6.87 35.73
N TYR B 21 11.21 -7.62 35.17
CA TYR B 21 10.91 -8.97 34.72
C TYR B 21 11.02 -9.95 35.86
N LEU B 22 11.73 -9.57 36.91
CA LEU B 22 11.90 -10.43 38.05
C LEU B 22 10.67 -10.46 38.96
N LYS B 23 9.85 -9.41 38.93
CA LYS B 23 8.64 -9.36 39.76
C LYS B 23 7.66 -10.46 39.38
N THR B 24 7.97 -11.22 38.33
CA THR B 24 7.08 -12.28 37.85
C THR B 24 7.64 -13.68 38.06
N ARG B 25 8.95 -13.78 38.24
CA ARG B 25 9.60 -15.07 38.44
C ARG B 25 9.43 -15.47 39.90
N ASN B 26 8.60 -16.49 40.11
CA ASN B 26 8.32 -17.00 41.45
C ASN B 26 9.57 -17.63 42.05
N ASN B 27 10.30 -18.37 41.22
CA ASN B 27 11.50 -19.09 41.63
C ASN B 27 12.75 -18.27 41.94
N ILE B 28 12.76 -17.00 41.55
CA ILE B 28 13.91 -16.12 41.81
C ILE B 28 13.63 -15.23 43.01
N LYS B 29 14.59 -15.16 43.93
CA LYS B 29 14.43 -14.33 45.13
C LYS B 29 15.51 -13.26 45.22
N VAL B 30 15.11 -12.02 44.98
CA VAL B 30 16.03 -10.88 45.03
C VAL B 30 16.19 -10.44 46.48
N LYS B 31 17.22 -10.96 47.15
CA LYS B 31 17.44 -10.63 48.55
C LYS B 31 18.03 -9.25 48.83
N THR B 32 19.21 -9.00 48.31
CA THR B 32 19.81 -7.72 48.58
C THR B 32 20.35 -7.03 47.36
N ILE B 33 20.25 -5.71 47.39
CA ILE B 33 20.74 -4.87 46.33
C ILE B 33 21.76 -3.93 46.95
N PHE B 34 22.96 -3.96 46.40
CA PHE B 34 24.03 -3.07 46.86
C PHE B 34 23.96 -1.75 46.10
N VAL B 35 24.15 -0.65 46.81
CA VAL B 35 24.13 0.66 46.17
C VAL B 35 25.11 1.57 46.89
N ARG B 36 25.89 2.32 46.11
CA ARG B 36 26.87 3.27 46.64
C ARG B 36 26.17 4.16 47.67
N GLN B 37 24.97 4.61 47.29
CA GLN B 37 24.16 5.47 48.14
C GLN B 37 22.69 5.08 47.97
N ILE B 38 21.95 4.94 49.07
CA ILE B 38 20.54 4.55 48.98
C ILE B 38 19.66 5.74 48.68
N ASN B 39 18.84 5.59 47.64
CA ASN B 39 17.90 6.60 47.20
C ASN B 39 16.54 6.17 47.76
N GLU B 40 16.12 6.76 48.86
CA GLU B 40 14.87 6.41 49.52
C GLU B 40 13.66 6.27 48.58
N GLU B 41 13.52 7.21 47.64
CA GLU B 41 12.39 7.18 46.70
C GLU B 41 12.46 6.00 45.73
N LEU B 42 13.65 5.72 45.20
CA LEU B 42 13.79 4.62 44.28
C LEU B 42 13.99 3.27 44.96
N ALA B 43 14.16 3.27 46.28
CA ALA B 43 14.37 2.01 47.01
C ALA B 43 13.11 1.53 47.72
N ALA B 44 12.32 2.48 48.21
CA ALA B 44 11.08 2.18 48.94
C ALA B 44 10.25 1.10 48.25
N PRO B 45 9.79 1.36 47.01
CA PRO B 45 8.98 0.40 46.26
C PRO B 45 9.46 -1.04 46.41
N TYR B 46 10.79 -1.22 46.45
CA TYR B 46 11.34 -2.54 46.58
C TYR B 46 11.48 -2.95 48.04
N GLU B 47 11.85 -2.02 48.91
CA GLU B 47 11.96 -2.40 50.31
C GLU B 47 10.62 -2.91 50.85
N GLU B 48 9.51 -2.54 50.21
CA GLU B 48 8.20 -3.01 50.66
C GLU B 48 8.11 -4.51 50.41
N ARG B 49 9.22 -5.06 49.94
CA ARG B 49 9.34 -6.49 49.69
C ARG B 49 10.60 -6.95 50.43
N GLY B 50 10.77 -8.25 50.55
CA GLY B 50 11.93 -8.76 51.27
C GLY B 50 13.28 -8.17 50.88
N VAL B 51 13.31 -7.31 49.87
CA VAL B 51 14.58 -6.75 49.44
C VAL B 51 15.25 -5.77 50.39
N TYR B 52 16.54 -6.02 50.60
CA TYR B 52 17.37 -5.23 51.48
C TYR B 52 18.48 -4.47 50.72
N PHE B 53 18.56 -3.17 50.93
CA PHE B 53 19.60 -2.36 50.27
C PHE B 53 20.75 -2.11 51.25
N THR B 54 21.98 -2.31 50.78
CA THR B 54 23.13 -2.08 51.63
C THR B 54 24.17 -1.23 50.92
N THR B 55 25.01 -0.57 51.70
CA THR B 55 26.05 0.27 51.13
C THR B 55 27.39 -0.37 51.36
N ASP B 56 27.38 -1.53 51.99
CA ASP B 56 28.60 -2.28 52.27
C ASP B 56 28.64 -3.54 51.40
N LEU B 57 29.48 -3.48 50.37
CA LEU B 57 29.63 -4.59 49.42
C LEU B 57 29.85 -5.95 50.09
N ASP B 58 30.75 -5.99 51.07
CA ASP B 58 31.04 -7.25 51.76
C ASP B 58 29.81 -7.88 52.41
N GLU B 59 28.89 -7.04 52.86
CA GLU B 59 27.67 -7.48 53.52
C GLU B 59 26.77 -8.25 52.56
N LEU B 60 27.26 -8.46 51.34
CA LEU B 60 26.50 -9.16 50.32
C LEU B 60 27.39 -10.27 49.82
N LEU B 61 28.66 -9.95 49.66
CA LEU B 61 29.63 -10.92 49.20
C LEU B 61 29.81 -12.04 50.21
N ASN B 62 29.63 -11.74 51.49
CA ASN B 62 29.79 -12.75 52.53
C ASN B 62 28.51 -13.51 52.85
N ASP B 63 27.38 -12.93 52.47
CA ASP B 63 26.09 -13.57 52.69
C ASP B 63 26.04 -14.93 51.98
N LYS B 64 26.15 -16.00 52.77
CA LYS B 64 26.13 -17.36 52.22
C LYS B 64 24.79 -17.75 51.63
N GLU B 65 23.86 -16.81 51.58
CA GLU B 65 22.56 -17.11 51.03
C GLU B 65 22.50 -16.77 49.55
N ILE B 66 23.05 -15.60 49.18
CA ILE B 66 23.07 -15.17 47.79
C ILE B 66 23.82 -16.24 46.98
N GLN B 67 23.21 -16.69 45.90
CA GLN B 67 23.78 -17.74 45.06
C GLN B 67 24.44 -17.18 43.80
N VAL B 68 23.89 -16.08 43.31
CA VAL B 68 24.37 -15.43 42.11
C VAL B 68 24.08 -13.95 42.28
N VAL B 69 24.90 -13.12 41.65
CA VAL B 69 24.67 -11.70 41.72
C VAL B 69 24.85 -11.05 40.34
N THR B 70 23.96 -10.10 40.04
CA THR B 70 23.99 -9.37 38.78
C THR B 70 24.67 -8.00 38.91
N ILE B 71 25.76 -7.82 38.17
CA ILE B 71 26.53 -6.58 38.19
C ILE B 71 26.05 -5.68 37.07
N CYS B 72 25.53 -4.53 37.45
CA CYS B 72 25.08 -3.61 36.43
C CYS B 72 25.45 -2.19 36.81
N THR B 73 26.75 -1.97 36.95
CA THR B 73 27.28 -0.66 37.29
C THR B 73 28.11 -0.26 36.06
N PRO B 74 28.76 0.91 36.10
CA PRO B 74 29.59 1.37 34.97
C PRO B 74 30.60 0.35 34.46
N ALA B 75 30.92 0.43 33.18
CA ALA B 75 31.88 -0.47 32.56
C ALA B 75 33.29 -0.48 33.16
N HIS B 76 33.69 0.64 33.74
CA HIS B 76 35.02 0.76 34.32
C HIS B 76 35.17 -0.03 35.63
N THR B 77 34.13 -0.76 36.01
CA THR B 77 34.18 -1.52 37.25
C THR B 77 33.78 -2.96 37.12
N HIS B 78 33.54 -3.42 35.90
CA HIS B 78 33.10 -4.78 35.71
C HIS B 78 34.08 -5.87 36.03
N TYR B 79 35.26 -5.83 35.41
CA TYR B 79 36.26 -6.86 35.68
C TYR B 79 36.46 -7.08 37.20
N GLU B 80 36.82 -6.03 37.91
CA GLU B 80 37.06 -6.12 39.35
C GLU B 80 35.89 -6.75 40.09
N LEU B 81 34.70 -6.19 39.92
CA LEU B 81 33.50 -6.70 40.60
C LEU B 81 33.23 -8.17 40.28
N ALA B 82 33.14 -8.50 39.00
CA ALA B 82 32.89 -9.90 38.62
C ALA B 82 33.90 -10.83 39.28
N LYS B 83 35.13 -10.37 39.45
CA LYS B 83 36.14 -11.20 40.08
C LYS B 83 35.86 -11.35 41.59
N LYS B 84 35.56 -10.25 42.26
CA LYS B 84 35.27 -10.32 43.69
C LYS B 84 34.11 -11.28 43.98
N VAL B 85 33.05 -11.18 43.18
CA VAL B 85 31.89 -12.05 43.39
C VAL B 85 32.22 -13.52 43.08
N ILE B 86 33.07 -13.79 42.09
CA ILE B 86 33.46 -15.17 41.80
C ILE B 86 34.35 -15.66 42.95
N LEU B 87 35.01 -14.72 43.62
CA LEU B 87 35.89 -15.05 44.74
C LEU B 87 35.07 -15.71 45.84
N ALA B 88 33.92 -15.11 46.16
CA ALA B 88 33.04 -15.70 47.14
C ALA B 88 32.42 -16.88 46.39
N GLY B 89 31.54 -17.64 47.03
CA GLY B 89 30.97 -18.78 46.33
C GLY B 89 29.72 -18.44 45.55
N LYS B 90 29.76 -17.36 44.80
CA LYS B 90 28.57 -16.95 44.07
C LYS B 90 28.83 -16.89 42.56
N SER B 91 27.76 -17.10 41.79
CA SER B 91 27.85 -17.03 40.32
C SER B 91 27.62 -15.56 39.93
N VAL B 92 28.03 -15.18 38.72
CA VAL B 92 27.85 -13.79 38.30
C VAL B 92 27.09 -13.69 37.00
N ILE B 93 26.59 -12.49 36.74
CA ILE B 93 25.87 -12.14 35.53
C ILE B 93 26.33 -10.70 35.30
N VAL B 94 27.05 -10.47 34.21
CA VAL B 94 27.61 -9.15 33.96
C VAL B 94 27.05 -8.41 32.76
N GLU B 95 26.67 -7.15 32.96
CA GLU B 95 26.16 -6.34 31.86
C GLU B 95 27.32 -5.88 30.98
N LYS B 96 27.04 -5.67 29.71
CA LYS B 96 28.05 -5.18 28.76
C LYS B 96 28.83 -4.03 29.38
N PRO B 97 30.17 -4.07 29.29
CA PRO B 97 30.88 -5.16 28.61
C PRO B 97 31.23 -6.24 29.63
N PHE B 98 31.28 -7.49 29.19
CA PHE B 98 31.62 -8.57 30.10
C PHE B 98 32.95 -8.22 30.74
N CYS B 99 33.88 -7.77 29.91
CA CYS B 99 35.22 -7.39 30.37
C CYS B 99 35.84 -6.32 29.47
N ASP B 100 36.98 -5.77 29.89
CA ASP B 100 37.66 -4.75 29.12
C ASP B 100 38.45 -5.43 27.99
N THR B 101 39.39 -6.28 28.40
CA THR B 101 40.24 -6.97 27.46
C THR B 101 39.86 -8.43 27.22
N VAL B 102 40.28 -8.94 26.06
CA VAL B 102 39.99 -10.31 25.70
C VAL B 102 40.69 -11.24 26.68
N GLU B 103 41.76 -10.75 27.30
CA GLU B 103 42.50 -11.56 28.27
C GLU B 103 41.71 -11.70 29.56
N HIS B 104 41.30 -10.57 30.13
CA HIS B 104 40.50 -10.58 31.37
C HIS B 104 39.30 -11.51 31.27
N ALA B 105 38.57 -11.46 30.16
CA ALA B 105 37.40 -12.30 29.98
C ALA B 105 37.77 -13.78 30.15
N LYS B 106 38.85 -14.19 29.49
CA LYS B 106 39.27 -15.58 29.58
C LYS B 106 39.52 -15.93 31.03
N GLU B 107 40.29 -15.08 31.70
CA GLU B 107 40.64 -15.25 33.10
C GLU B 107 39.41 -15.49 33.97
N LEU B 108 38.48 -14.56 33.90
CA LEU B 108 37.25 -14.62 34.66
C LEU B 108 36.55 -15.95 34.42
N LEU B 109 36.44 -16.33 33.15
CA LEU B 109 35.78 -17.58 32.80
C LEU B 109 36.53 -18.76 33.39
N ALA B 110 37.86 -18.67 33.39
CA ALA B 110 38.70 -19.72 33.92
C ALA B 110 38.52 -19.81 35.44
N LEU B 111 38.52 -18.64 36.10
CA LEU B 111 38.38 -18.60 37.55
C LEU B 111 37.07 -19.22 37.97
N GLY B 112 36.00 -18.92 37.22
CA GLY B 112 34.70 -19.46 37.55
C GLY B 112 34.65 -20.97 37.55
N ARG B 113 35.46 -21.61 36.70
CA ARG B 113 35.50 -23.06 36.60
C ARG B 113 36.04 -23.73 37.86
N GLU B 114 37.27 -23.41 38.22
CA GLU B 114 37.87 -23.99 39.41
C GLU B 114 37.04 -23.69 40.66
N LYS B 115 36.38 -22.54 40.67
CA LYS B 115 35.53 -22.15 41.80
C LYS B 115 34.18 -22.86 41.69
N GLY B 116 33.98 -23.52 40.55
CA GLY B 116 32.74 -24.24 40.33
C GLY B 116 31.50 -23.36 40.44
N VAL B 117 31.50 -22.24 39.72
CA VAL B 117 30.35 -21.34 39.72
C VAL B 117 30.17 -20.87 38.29
N VAL B 118 28.97 -20.37 37.99
CA VAL B 118 28.65 -19.91 36.64
C VAL B 118 28.99 -18.45 36.39
N VAL B 119 29.78 -18.22 35.35
CA VAL B 119 30.16 -16.87 34.97
C VAL B 119 29.43 -16.71 33.64
N MET B 120 28.69 -15.63 33.49
CA MET B 120 27.92 -15.43 32.26
C MET B 120 27.55 -13.97 31.97
N PRO B 121 27.82 -13.51 30.73
CA PRO B 121 27.51 -12.13 30.33
C PRO B 121 25.99 -11.96 30.12
N TYR B 122 25.47 -10.75 30.32
CA TYR B 122 24.03 -10.52 30.14
C TYR B 122 23.71 -10.17 28.69
N GLN B 123 23.21 -11.14 27.94
CA GLN B 123 22.84 -10.90 26.55
C GLN B 123 21.32 -11.04 26.42
N ASN B 124 20.60 -10.10 27.01
CA ASN B 124 19.13 -10.12 26.98
C ASN B 124 18.54 -10.03 25.57
N ARG B 125 19.14 -9.20 24.72
CA ARG B 125 18.64 -9.05 23.36
C ARG B 125 18.70 -10.31 22.50
N ARG B 126 18.87 -11.44 23.15
CA ARG B 126 18.86 -12.72 22.44
C ARG B 126 17.41 -13.18 22.58
N PHE B 127 16.60 -12.31 23.18
CA PHE B 127 15.21 -12.62 23.37
C PHE B 127 14.33 -11.55 22.76
N ASP B 128 14.89 -10.83 21.78
CA ASP B 128 14.13 -9.83 21.02
C ASP B 128 13.24 -10.60 20.05
N GLY B 129 12.04 -10.10 19.80
CA GLY B 129 11.13 -10.78 18.89
C GLY B 129 11.72 -10.91 17.49
N ASP B 130 12.19 -9.80 16.93
CA ASP B 130 12.76 -9.84 15.59
C ASP B 130 13.87 -10.89 15.48
N PHE B 131 14.76 -10.91 16.46
CA PHE B 131 15.83 -11.92 16.45
C PHE B 131 15.24 -13.30 16.58
N LEU B 132 14.40 -13.48 17.59
CA LEU B 132 13.78 -14.77 17.84
C LEU B 132 13.11 -15.30 16.58
N ALA B 133 12.54 -14.38 15.81
CA ALA B 133 11.88 -14.74 14.57
C ALA B 133 12.89 -15.30 13.58
N VAL B 134 13.96 -14.55 13.29
CA VAL B 134 14.95 -15.04 12.33
C VAL B 134 15.64 -16.30 12.87
N LYS B 135 15.79 -16.38 14.19
CA LYS B 135 16.39 -17.56 14.78
C LYS B 135 15.53 -18.76 14.38
N GLN B 136 14.22 -18.64 14.63
CA GLN B 136 13.28 -19.70 14.31
C GLN B 136 13.43 -20.11 12.85
N VAL B 137 13.32 -19.14 11.95
CA VAL B 137 13.44 -19.43 10.52
C VAL B 137 14.70 -20.22 10.24
N VAL B 138 15.87 -19.62 10.47
CA VAL B 138 17.12 -20.30 10.22
C VAL B 138 17.13 -21.71 10.81
N GLU B 139 16.47 -21.88 11.95
CA GLU B 139 16.40 -23.18 12.61
C GLU B 139 15.60 -24.18 11.76
N GLN B 140 14.48 -23.74 11.21
CA GLN B 140 13.65 -24.60 10.38
C GLN B 140 14.37 -24.89 9.05
N GLY B 141 15.42 -24.12 8.79
CA GLY B 141 16.21 -24.30 7.57
C GLY B 141 15.51 -24.42 6.23
N PHE B 142 14.24 -24.05 6.14
CA PHE B 142 13.56 -24.15 4.85
C PHE B 142 14.06 -23.12 3.84
N LEU B 143 14.77 -22.10 4.31
CA LEU B 143 15.30 -21.09 3.42
C LEU B 143 16.53 -21.64 2.72
N GLY B 144 16.90 -22.88 3.06
CA GLY B 144 18.07 -23.48 2.46
C GLY B 144 19.33 -23.05 3.20
N ASP B 145 20.46 -23.04 2.50
CA ASP B 145 21.71 -22.63 3.13
C ASP B 145 21.83 -21.12 3.06
N ILE B 146 21.88 -20.50 4.24
CA ILE B 146 21.98 -19.06 4.32
C ILE B 146 23.32 -18.52 3.83
N ILE B 147 23.27 -17.50 2.99
CA ILE B 147 24.48 -16.91 2.45
C ILE B 147 24.67 -15.45 2.88
N GLU B 148 23.60 -14.84 3.36
CA GLU B 148 23.74 -13.47 3.87
C GLU B 148 22.67 -13.11 4.88
N ILE B 149 23.08 -12.33 5.87
CA ILE B 149 22.19 -11.87 6.92
C ILE B 149 22.68 -10.51 7.38
N GLU B 150 21.86 -9.49 7.14
CA GLU B 150 22.18 -8.12 7.50
C GLU B 150 21.38 -7.72 8.74
N SER B 151 22.05 -7.16 9.72
CA SER B 151 21.38 -6.73 10.95
C SER B 151 21.60 -5.26 11.24
N HIS B 152 20.49 -4.55 11.41
CA HIS B 152 20.54 -3.12 11.68
C HIS B 152 20.06 -2.70 13.07
N ILE B 153 20.60 -1.56 13.52
CA ILE B 153 20.23 -0.94 14.77
C ILE B 153 20.56 0.50 14.43
N ASP B 154 19.60 1.17 13.79
CA ASP B 154 19.77 2.55 13.36
C ASP B 154 18.85 3.55 14.05
N TYR B 155 19.16 4.83 13.90
CA TYR B 155 18.37 5.88 14.50
C TYR B 155 18.49 7.09 13.59
N PHE B 156 17.67 8.11 13.83
CA PHE B 156 17.80 9.35 13.09
C PHE B 156 18.04 10.44 14.16
N ARG B 157 19.29 10.58 14.60
CA ARG B 157 19.63 11.52 15.65
C ARG B 157 20.83 12.39 15.27
N PRO B 158 20.75 13.06 14.13
CA PRO B 158 21.90 13.89 13.78
C PRO B 158 22.20 14.83 14.93
N GLY B 159 23.47 15.00 15.27
CA GLY B 159 23.83 15.89 16.37
C GLY B 159 23.97 15.17 17.69
N SER B 160 23.43 13.95 17.78
CA SER B 160 23.49 13.17 19.00
C SER B 160 24.93 13.13 19.52
N ILE B 161 25.77 12.28 18.92
CA ILE B 161 27.16 12.13 19.30
C ILE B 161 28.04 13.20 18.64
N THR B 162 28.66 14.06 19.45
CA THR B 162 29.49 15.14 18.92
C THR B 162 30.80 15.37 19.66
N HIS B 163 31.12 14.49 20.60
CA HIS B 163 32.37 14.64 21.34
C HIS B 163 33.27 13.41 21.28
N GLU B 164 34.56 13.63 21.53
CA GLU B 164 35.53 12.55 21.51
C GLU B 164 35.45 11.76 22.82
N ALA B 165 35.80 10.47 22.78
CA ALA B 165 35.72 9.62 23.95
C ALA B 165 36.45 8.29 23.73
N PRO B 166 36.58 7.46 24.78
CA PRO B 166 37.25 6.17 24.63
C PRO B 166 36.38 5.18 23.86
N LYS B 167 37.01 4.25 23.16
CA LYS B 167 36.30 3.28 22.36
C LYS B 167 35.16 2.55 23.08
N GLU B 168 35.25 2.37 24.40
CA GLU B 168 34.20 1.67 25.11
C GLU B 168 32.86 2.40 25.16
N GLU B 169 32.87 3.71 24.92
CA GLU B 169 31.63 4.47 24.98
C GLU B 169 31.05 4.75 23.59
N GLY B 170 31.45 3.95 22.60
CA GLY B 170 30.97 4.15 21.26
C GLY B 170 29.89 3.19 20.82
N SER B 171 29.32 3.45 19.65
CA SER B 171 28.25 2.61 19.11
C SER B 171 28.65 1.15 19.05
N PHE B 172 29.72 0.89 18.32
CA PHE B 172 30.17 -0.47 18.15
C PHE B 172 30.24 -1.21 19.49
N TYR B 173 30.71 -0.52 20.52
CA TYR B 173 30.83 -1.18 21.82
C TYR B 173 29.52 -1.31 22.59
N SER B 174 28.68 -0.28 22.58
CA SER B 174 27.43 -0.36 23.33
C SER B 174 26.26 -1.00 22.57
N LEU B 175 26.30 -0.98 21.24
CA LEU B 175 25.22 -1.56 20.45
C LEU B 175 25.65 -2.80 19.65
N GLY B 176 26.83 -2.72 19.04
CA GLY B 176 27.31 -3.85 18.27
C GLY B 176 27.37 -5.12 19.08
N ILE B 177 27.82 -5.01 20.33
CA ILE B 177 27.92 -6.17 21.20
C ILE B 177 26.63 -6.99 21.16
N HIS B 178 25.50 -6.31 21.12
CA HIS B 178 24.21 -6.99 21.08
C HIS B 178 23.96 -7.76 19.81
N THR B 179 24.04 -7.06 18.67
CA THR B 179 23.79 -7.69 17.40
C THR B 179 24.81 -8.77 17.11
N MET B 180 26.07 -8.42 17.25
CA MET B 180 27.17 -9.36 17.01
C MET B 180 27.03 -10.60 17.86
N ASP B 181 26.64 -10.42 19.12
CA ASP B 181 26.48 -11.52 20.06
C ASP B 181 25.52 -12.59 19.60
N ARG B 182 24.29 -12.20 19.25
CA ARG B 182 23.28 -13.16 18.84
C ARG B 182 23.52 -13.77 17.47
N MET B 183 24.29 -13.10 16.63
CA MET B 183 24.62 -13.68 15.34
C MET B 183 25.68 -14.78 15.58
N ILE B 184 26.62 -14.49 16.48
CA ILE B 184 27.70 -15.43 16.81
C ILE B 184 27.14 -16.66 17.54
N SER B 185 26.07 -16.45 18.30
CA SER B 185 25.45 -17.53 19.05
C SER B 185 24.71 -18.47 18.12
N LEU B 186 24.45 -18.03 16.90
CA LEU B 186 23.70 -18.86 15.97
C LEU B 186 24.54 -19.53 14.89
N PHE B 187 25.61 -18.85 14.46
CA PHE B 187 26.49 -19.37 13.41
C PHE B 187 27.93 -19.69 13.83
N GLY B 188 28.33 -19.26 15.02
CA GLY B 188 29.66 -19.54 15.49
C GLY B 188 30.69 -18.44 15.27
N ARG B 189 31.93 -18.76 15.55
CA ARG B 189 33.05 -17.84 15.41
C ARG B 189 33.41 -17.75 13.93
N PRO B 190 33.49 -16.53 13.39
CA PRO B 190 33.84 -16.34 11.98
C PRO B 190 35.35 -16.52 11.76
N ASN B 191 35.75 -16.65 10.50
CA ASN B 191 37.16 -16.83 10.15
C ASN B 191 37.84 -15.49 9.95
N THR B 192 37.08 -14.52 9.45
CA THR B 192 37.63 -13.20 9.21
C THR B 192 36.55 -12.13 9.39
N VAL B 193 36.98 -10.94 9.83
CA VAL B 193 36.06 -9.84 10.08
C VAL B 193 36.43 -8.58 9.31
N THR B 194 35.40 -7.87 8.86
CA THR B 194 35.58 -6.62 8.14
C THR B 194 35.08 -5.47 9.01
N TYR B 195 35.90 -4.43 9.14
CA TYR B 195 35.53 -3.29 9.97
C TYR B 195 35.42 -1.95 9.24
N ASP B 196 34.35 -1.24 9.58
CA ASP B 196 34.09 0.10 9.08
C ASP B 196 33.50 0.69 10.35
N ILE B 197 34.26 1.57 10.98
CA ILE B 197 33.83 2.20 12.21
C ILE B 197 34.29 3.64 12.19
N ARG B 198 33.38 4.56 12.47
CA ARG B 198 33.74 5.96 12.48
C ARG B 198 32.59 6.83 12.98
N ASN B 199 32.75 8.13 12.82
CA ASN B 199 31.74 9.07 13.24
C ASN B 199 31.48 9.93 12.02
N ASN B 200 30.39 9.66 11.32
CA ASN B 200 30.05 10.38 10.10
C ASN B 200 29.77 11.86 10.28
N GLU B 201 29.82 12.36 11.52
CA GLU B 201 29.54 13.77 11.77
C GLU B 201 30.65 14.61 12.39
N VAL B 202 31.54 13.96 13.13
CA VAL B 202 32.65 14.68 13.77
C VAL B 202 33.92 13.85 13.71
N GLU B 203 34.88 14.32 12.91
CA GLU B 203 36.18 13.68 12.71
C GLU B 203 36.65 12.66 13.72
N GLY B 204 37.20 13.14 14.83
CA GLY B 204 37.72 12.22 15.84
C GLY B 204 36.80 11.81 16.98
N ALA B 205 35.56 12.28 16.95
CA ALA B 205 34.60 11.93 17.99
C ALA B 205 34.45 10.41 18.09
N VAL B 206 34.01 9.91 19.25
CA VAL B 206 33.82 8.48 19.46
C VAL B 206 32.84 7.93 18.43
N ASP B 207 33.07 6.71 17.96
CA ASP B 207 32.22 6.12 16.93
C ASP B 207 30.72 6.09 17.17
N ASN B 208 29.98 6.60 16.19
CA ASN B 208 28.54 6.62 16.20
C ASN B 208 28.06 5.97 14.91
N TYR B 209 28.94 5.14 14.32
CA TYR B 209 28.63 4.41 13.10
C TYR B 209 29.58 3.24 12.85
N PHE B 210 29.00 2.10 12.51
CA PHE B 210 29.81 0.94 12.20
C PHE B 210 29.12 0.05 11.16
N ASP B 211 29.92 -0.73 10.45
CA ASP B 211 29.45 -1.64 9.42
C ASP B 211 30.46 -2.79 9.48
N VAL B 212 30.11 -3.85 10.19
CA VAL B 212 31.03 -4.95 10.40
C VAL B 212 30.63 -6.25 9.74
N GLY B 213 31.52 -6.79 8.91
CA GLY B 213 31.24 -8.03 8.24
C GLY B 213 31.93 -9.23 8.88
N LEU B 214 31.16 -10.28 9.20
CA LEU B 214 31.68 -11.50 9.80
C LEU B 214 31.57 -12.62 8.76
N HIS B 215 32.71 -12.96 8.14
CA HIS B 215 32.80 -13.99 7.12
C HIS B 215 32.90 -15.40 7.64
N TYR B 216 31.99 -16.25 7.19
CA TYR B 216 31.94 -17.65 7.59
C TYR B 216 32.14 -18.51 6.35
N GLY B 217 33.37 -18.96 6.13
CA GLY B 217 33.64 -19.77 4.97
C GLY B 217 33.69 -18.89 3.74
N ASN B 218 33.15 -19.41 2.63
CA ASN B 218 33.14 -18.69 1.37
C ASN B 218 31.72 -18.28 0.98
N GLN B 219 30.76 -19.02 1.49
CA GLN B 219 29.35 -18.77 1.21
C GLN B 219 28.73 -17.66 2.07
N LEU B 220 28.62 -17.94 3.36
CA LEU B 220 28.00 -17.07 4.36
C LEU B 220 28.71 -15.87 4.94
N LYS B 221 27.97 -14.76 5.02
CA LYS B 221 28.45 -13.53 5.62
C LYS B 221 27.24 -12.86 6.28
N ILE B 222 27.45 -12.28 7.46
CA ILE B 222 26.37 -11.56 8.13
C ILE B 222 26.96 -10.18 8.41
N LYS B 223 26.16 -9.13 8.16
CA LYS B 223 26.62 -7.76 8.37
C LYS B 223 25.98 -7.15 9.60
N LEU B 224 26.75 -6.30 10.29
CA LEU B 224 26.27 -5.62 11.48
C LEU B 224 26.36 -4.15 11.18
N LYS B 225 25.20 -3.52 11.06
CA LYS B 225 25.13 -2.10 10.74
C LYS B 225 24.37 -1.22 11.72
N THR B 226 25.00 -0.13 12.14
CA THR B 226 24.38 0.86 13.02
C THR B 226 24.76 2.23 12.48
N ASN B 227 23.75 3.06 12.25
CA ASN B 227 23.92 4.40 11.72
C ASN B 227 22.93 5.27 12.49
N HIS B 228 23.34 6.45 12.89
CA HIS B 228 22.46 7.34 13.64
C HIS B 228 21.82 8.39 12.71
N ILE B 229 21.88 8.17 11.41
CA ILE B 229 21.31 9.11 10.46
C ILE B 229 20.54 8.36 9.37
N VAL B 230 19.53 7.60 9.78
CA VAL B 230 18.71 6.82 8.87
C VAL B 230 17.27 7.28 8.97
N ALA B 231 16.84 8.10 8.01
CA ALA B 231 15.49 8.66 7.99
C ALA B 231 14.41 7.61 7.73
N LYS B 232 14.66 6.73 6.76
CA LYS B 232 13.73 5.65 6.40
C LYS B 232 14.41 4.33 6.71
N ASP B 233 13.97 3.68 7.79
CA ASP B 233 14.59 2.43 8.22
C ASP B 233 14.80 1.29 7.24
N TYR B 234 15.92 0.62 7.45
CA TYR B 234 16.24 -0.57 6.68
C TYR B 234 15.40 -1.62 7.39
N PRO B 235 15.40 -2.85 6.90
CA PRO B 235 14.63 -3.88 7.59
C PRO B 235 15.43 -4.16 8.87
N ARG B 236 14.76 -4.57 9.94
CA ARG B 236 15.50 -4.87 11.17
C ARG B 236 16.46 -6.03 10.87
N PHE B 237 16.01 -6.95 10.03
CA PHE B 237 16.80 -8.12 9.65
C PHE B 237 16.56 -8.53 8.20
N ILE B 238 17.64 -8.66 7.42
CA ILE B 238 17.55 -9.11 6.03
C ILE B 238 18.23 -10.49 5.99
N VAL B 239 17.49 -11.52 5.63
CA VAL B 239 18.10 -12.84 5.58
C VAL B 239 17.89 -13.54 4.24
N HIS B 240 19.00 -13.87 3.58
CA HIS B 240 18.96 -14.54 2.29
C HIS B 240 19.56 -15.94 2.34
N GLY B 241 18.84 -16.89 1.76
CA GLY B 241 19.28 -18.27 1.71
C GLY B 241 19.15 -18.79 0.29
N THR B 242 19.75 -19.94 0.00
CA THR B 242 19.71 -20.51 -1.33
C THR B 242 18.29 -20.84 -1.81
N ASN B 243 17.37 -21.02 -0.88
CA ASN B 243 15.98 -21.35 -1.21
C ASN B 243 15.01 -20.16 -1.17
N GLY B 244 15.40 -19.09 -0.49
CA GLY B 244 14.52 -17.95 -0.40
C GLY B 244 15.05 -16.83 0.47
N SER B 245 14.15 -16.01 0.99
CA SER B 245 14.53 -14.89 1.83
C SER B 245 13.57 -14.65 2.98
N PHE B 246 14.04 -13.87 3.94
CA PHE B 246 13.22 -13.49 5.08
C PHE B 246 13.56 -12.05 5.43
N ILE B 247 12.57 -11.17 5.29
CA ILE B 247 12.73 -9.76 5.60
C ILE B 247 11.85 -9.46 6.79
N LYS B 248 12.40 -8.81 7.79
CA LYS B 248 11.63 -8.49 8.99
C LYS B 248 11.75 -7.01 9.33
N TYR B 249 10.66 -6.26 9.15
CA TYR B 249 10.69 -4.84 9.48
C TYR B 249 10.16 -4.71 10.90
N GLY B 250 10.61 -3.68 11.60
CA GLY B 250 10.16 -3.43 12.97
C GLY B 250 10.95 -4.10 14.08
N GLU B 251 11.50 -3.29 14.97
CA GLU B 251 12.29 -3.81 16.08
C GLU B 251 11.39 -4.21 17.25
N ASP B 252 11.97 -4.92 18.20
CA ASP B 252 11.25 -5.35 19.39
C ASP B 252 10.80 -4.10 20.14
N GLN B 253 9.62 -4.16 20.72
CA GLN B 253 9.10 -2.98 21.41
C GLN B 253 9.28 -2.91 22.92
N GLN B 254 9.81 -3.97 23.54
CA GLN B 254 10.01 -4.00 24.99
C GLN B 254 10.68 -2.75 25.51
N GLU B 255 11.71 -2.29 24.80
CA GLU B 255 12.42 -1.10 25.25
C GLU B 255 11.54 0.13 25.24
N ASN B 256 10.64 0.24 24.27
CA ASN B 256 9.75 1.40 24.21
C ASN B 256 8.65 1.29 25.26
N ASP B 257 8.10 0.09 25.43
CA ASP B 257 7.07 -0.08 26.43
C ASP B 257 7.66 0.25 27.80
N LEU B 258 8.83 -0.31 28.11
CA LEU B 258 9.46 -0.03 29.38
C LEU B 258 9.65 1.47 29.56
N LYS B 259 10.12 2.16 28.52
CA LYS B 259 10.31 3.61 28.60
C LYS B 259 8.98 4.36 28.75
N ALA B 260 7.87 3.69 28.49
CA ALA B 260 6.56 4.31 28.62
C ALA B 260 5.77 3.70 29.79
N GLY B 261 6.47 3.43 30.89
CA GLY B 261 5.85 2.89 32.08
C GLY B 261 5.06 1.59 31.90
N ILE B 262 5.04 1.04 30.69
CA ILE B 262 4.32 -0.20 30.49
C ILE B 262 5.27 -1.31 30.90
N MET B 263 4.86 -2.11 31.88
CA MET B 263 5.71 -3.18 32.40
C MET B 263 5.33 -4.55 31.85
N PRO B 264 6.23 -5.54 32.00
CA PRO B 264 6.06 -6.91 31.53
C PRO B 264 4.77 -7.66 31.87
N GLU B 265 4.25 -7.47 33.07
CA GLU B 265 3.03 -8.17 33.46
C GLU B 265 1.82 -7.80 32.60
N SER B 266 1.73 -6.54 32.20
CA SER B 266 0.60 -6.09 31.38
C SER B 266 0.38 -6.99 30.16
N ALA B 267 -0.87 -7.05 29.69
CA ALA B 267 -1.24 -7.89 28.54
C ALA B 267 -0.72 -7.38 27.19
N GLY B 268 -0.27 -8.32 26.37
CA GLY B 268 0.25 -7.99 25.06
C GLY B 268 1.65 -7.41 25.08
N PHE B 269 2.26 -7.36 26.27
CA PHE B 269 3.61 -6.82 26.38
C PHE B 269 4.55 -7.59 25.47
N GLY B 270 5.42 -6.86 24.78
CA GLY B 270 6.35 -7.50 23.87
C GLY B 270 5.71 -8.16 22.67
N GLU B 271 4.43 -7.92 22.44
CA GLU B 271 3.73 -8.49 21.30
C GLU B 271 3.94 -7.59 20.09
N ASP B 272 4.41 -8.16 18.99
CA ASP B 272 4.69 -7.42 17.76
C ASP B 272 3.41 -7.11 16.98
N SER B 273 3.43 -6.02 16.22
CA SER B 273 2.28 -5.64 15.39
C SER B 273 2.25 -6.55 14.18
N PRO B 274 1.04 -7.03 13.80
CA PRO B 274 0.89 -7.91 12.65
C PRO B 274 1.50 -7.31 11.39
N MET B 275 1.34 -6.00 11.23
CA MET B 275 1.88 -5.33 10.04
C MET B 275 3.38 -5.51 9.96
N TYR B 276 4.00 -5.78 11.10
CA TYR B 276 5.43 -5.97 11.13
C TYR B 276 5.90 -7.41 11.14
N TYR B 277 4.98 -8.36 10.95
CA TYR B 277 5.41 -9.75 10.92
C TYR B 277 6.34 -9.88 9.71
N GLY B 278 7.39 -10.68 9.85
CA GLY B 278 8.34 -10.86 8.78
C GLY B 278 7.75 -11.62 7.61
N ILE B 279 8.24 -11.32 6.41
CA ILE B 279 7.76 -11.97 5.21
C ILE B 279 8.79 -12.96 4.68
N ALA B 280 8.31 -14.17 4.42
CA ALA B 280 9.13 -15.24 3.88
C ALA B 280 8.73 -15.48 2.45
N LYS B 281 9.72 -15.65 1.57
CA LYS B 281 9.50 -15.92 0.16
C LYS B 281 10.50 -17.00 -0.22
N TYR B 282 10.02 -18.22 -0.37
CA TYR B 282 10.89 -19.33 -0.73
C TYR B 282 10.18 -20.35 -1.63
N ARG B 283 10.95 -21.00 -2.49
CA ARG B 283 10.37 -22.02 -3.35
C ARG B 283 10.73 -23.40 -2.80
N ASN B 284 9.73 -24.27 -2.66
CA ASN B 284 9.98 -25.61 -2.12
C ASN B 284 10.61 -26.52 -3.17
N ALA B 285 10.69 -27.81 -2.82
CA ALA B 285 11.28 -28.83 -3.68
C ALA B 285 10.62 -28.89 -5.06
N ASN B 286 9.32 -28.65 -5.08
CA ASN B 286 8.54 -28.67 -6.30
C ASN B 286 8.71 -27.37 -7.08
N GLY B 287 9.64 -26.52 -6.63
CA GLY B 287 9.87 -25.26 -7.31
C GLY B 287 8.76 -24.23 -7.09
N ASP B 288 7.76 -24.63 -6.30
CA ASP B 288 6.61 -23.80 -5.95
C ASP B 288 7.03 -22.62 -5.07
N TRP B 289 6.77 -21.41 -5.55
CA TRP B 289 7.11 -20.22 -4.77
C TRP B 289 6.10 -19.98 -3.65
N ILE B 290 6.65 -19.62 -2.50
CA ILE B 290 5.83 -19.37 -1.34
C ILE B 290 6.16 -18.04 -0.74
N GLU B 291 5.11 -17.33 -0.33
CA GLU B 291 5.27 -16.02 0.27
C GLU B 291 4.24 -15.94 1.38
N LYS B 292 4.71 -15.92 2.62
CA LYS B 292 3.83 -15.88 3.79
C LYS B 292 4.46 -15.09 4.92
N GLN B 293 3.64 -14.74 5.91
CA GLN B 293 4.13 -14.02 7.07
C GLN B 293 4.51 -15.04 8.12
N ILE B 294 5.40 -14.64 9.03
CA ILE B 294 5.84 -15.49 10.12
C ILE B 294 5.48 -14.75 11.39
N LYS B 295 4.51 -15.24 12.13
CA LYS B 295 4.08 -14.63 13.37
C LYS B 295 5.33 -14.41 14.23
N THR B 296 5.61 -13.17 14.58
CA THR B 296 6.80 -12.87 15.36
C THR B 296 6.77 -13.44 16.78
N PRO B 297 7.81 -14.21 17.14
CA PRO B 297 7.95 -14.85 18.46
C PRO B 297 7.76 -13.83 19.57
N LEU B 298 7.35 -14.28 20.74
CA LEU B 298 7.14 -13.36 21.85
C LEU B 298 8.48 -12.97 22.48
N GLY B 299 8.78 -11.67 22.43
CA GLY B 299 10.02 -11.18 22.99
C GLY B 299 9.95 -10.90 24.48
N ASP B 300 10.65 -11.72 25.26
CA ASP B 300 10.66 -11.59 26.71
C ASP B 300 12.07 -11.64 27.27
N TYR B 301 12.58 -10.48 27.68
CA TYR B 301 13.93 -10.40 28.27
C TYR B 301 14.11 -11.27 29.52
N GLY B 302 13.02 -11.49 30.25
CA GLY B 302 13.10 -12.31 31.44
C GLY B 302 13.59 -13.70 31.12
N ARG B 303 13.30 -14.17 29.91
CA ARG B 303 13.74 -15.49 29.50
C ARG B 303 15.23 -15.69 29.80
N PHE B 304 15.97 -14.58 29.92
CA PHE B 304 17.40 -14.70 30.24
C PHE B 304 17.53 -15.18 31.66
N TYR B 305 16.68 -14.67 32.53
CA TYR B 305 16.72 -15.08 33.92
C TYR B 305 16.16 -16.46 34.11
N ASP B 306 15.41 -16.94 33.13
CA ASP B 306 14.86 -18.29 33.20
C ASP B 306 15.98 -19.30 32.89
N ALA B 307 16.80 -19.00 31.90
CA ALA B 307 17.90 -19.89 31.52
C ALA B 307 18.96 -19.94 32.61
N ALA B 308 19.17 -18.82 33.30
CA ALA B 308 20.17 -18.75 34.36
C ALA B 308 19.66 -19.54 35.58
N TYR B 309 18.36 -19.58 35.76
CA TYR B 309 17.78 -20.32 36.85
C TYR B 309 17.90 -21.81 36.54
N ASP B 310 17.70 -22.17 35.28
CA ASP B 310 17.78 -23.57 34.89
C ASP B 310 19.22 -24.03 34.79
N THR B 311 20.14 -23.10 34.54
CA THR B 311 21.57 -23.44 34.42
C THR B 311 22.23 -23.63 35.78
N ILE B 312 21.75 -22.88 36.78
CA ILE B 312 22.33 -22.96 38.11
C ILE B 312 21.75 -24.06 38.98
N VAL B 313 20.43 -24.11 39.10
CA VAL B 313 19.79 -25.11 39.94
C VAL B 313 19.48 -26.43 39.23
N ASN B 314 19.50 -26.44 37.90
CA ASN B 314 19.21 -27.66 37.16
C ASN B 314 20.37 -28.04 36.24
N GLY B 315 21.56 -27.57 36.56
CA GLY B 315 22.73 -27.86 35.75
C GLY B 315 22.54 -27.77 34.25
N ALA B 316 21.47 -27.15 33.79
CA ALA B 316 21.22 -27.03 32.35
C ALA B 316 22.37 -26.26 31.69
N PRO B 317 22.61 -26.51 30.40
CA PRO B 317 23.69 -25.83 29.67
C PRO B 317 23.59 -24.30 29.67
N LYS B 318 24.71 -23.68 29.97
CA LYS B 318 24.83 -22.23 30.03
C LYS B 318 24.37 -21.55 28.74
N LEU B 319 23.41 -20.63 28.86
CA LEU B 319 22.89 -19.91 27.70
C LEU B 319 23.98 -19.26 26.85
N VAL B 320 24.93 -18.58 27.51
CA VAL B 320 26.00 -17.92 26.79
C VAL B 320 27.29 -18.70 26.94
N LYS B 321 27.62 -19.50 25.94
CA LYS B 321 28.82 -20.32 25.96
C LYS B 321 30.06 -19.44 26.03
N ASP B 322 31.10 -19.93 26.70
CA ASP B 322 32.35 -19.19 26.86
C ASP B 322 32.94 -18.75 25.52
N GLU B 323 32.95 -19.67 24.55
CA GLU B 323 33.49 -19.39 23.23
C GLU B 323 32.88 -18.15 22.58
N GLU B 324 31.57 -17.98 22.74
CA GLU B 324 30.90 -16.82 22.18
C GLU B 324 31.33 -15.59 22.96
N ALA B 325 31.17 -15.66 24.28
CA ALA B 325 31.53 -14.55 25.15
C ALA B 325 32.91 -13.99 24.85
N VAL B 326 33.89 -14.88 24.75
CA VAL B 326 35.26 -14.45 24.47
C VAL B 326 35.40 -13.96 23.03
N THR B 327 34.73 -14.63 22.09
CA THR B 327 34.80 -14.23 20.70
C THR B 327 34.29 -12.81 20.54
N ASN B 328 33.20 -12.50 21.24
CA ASN B 328 32.59 -11.17 21.20
C ASN B 328 33.62 -10.09 21.52
N ILE B 329 34.29 -10.25 22.65
CA ILE B 329 35.28 -9.27 23.08
C ILE B 329 36.35 -9.11 22.02
N GLU B 330 36.84 -10.23 21.52
CA GLU B 330 37.88 -10.24 20.50
C GLU B 330 37.49 -9.35 19.31
N ILE B 331 36.42 -9.74 18.61
CA ILE B 331 36.01 -8.97 17.45
C ILE B 331 35.86 -7.49 17.81
N LEU B 332 35.26 -7.24 18.96
CA LEU B 332 35.01 -5.88 19.43
C LEU B 332 36.30 -5.11 19.68
N GLU B 333 37.27 -5.80 20.28
CA GLU B 333 38.56 -5.20 20.60
C GLU B 333 39.41 -4.91 19.36
N ASN B 334 39.46 -5.87 18.44
CA ASN B 334 40.27 -5.71 17.24
C ASN B 334 39.73 -4.75 16.19
N GLY B 335 38.58 -4.16 16.46
CA GLY B 335 38.05 -3.24 15.49
C GLY B 335 38.89 -1.98 15.53
N PHE B 336 39.49 -1.74 16.69
CA PHE B 336 40.32 -0.55 16.91
C PHE B 336 41.82 -0.83 16.86
N ALA B 337 42.18 -2.01 16.35
CA ALA B 337 43.59 -2.39 16.23
C ALA B 337 44.28 -1.59 15.13
N ALA B 338 43.53 -1.24 14.08
CA ALA B 338 44.07 -0.50 12.97
C ALA B 338 43.05 0.47 12.37
N PRO B 339 43.52 1.62 11.86
CA PRO B 339 42.61 2.59 11.27
C PRO B 339 41.56 1.89 10.41
N SER B 340 40.38 2.49 10.31
CA SER B 340 39.29 1.94 9.52
C SER B 340 39.34 2.49 8.08
N PRO B 341 38.93 1.68 7.09
CA PRO B 341 38.42 0.30 7.21
C PRO B 341 39.56 -0.69 7.40
N SER B 342 39.29 -1.80 8.07
CA SER B 342 40.32 -2.79 8.31
C SER B 342 39.81 -4.22 8.24
N VAL B 343 40.75 -5.15 8.12
CA VAL B 343 40.43 -6.57 8.05
C VAL B 343 41.20 -7.28 9.16
N TYR B 344 40.67 -8.40 9.63
CA TYR B 344 41.31 -9.12 10.71
C TYR B 344 40.87 -10.57 10.74
N LYS B 345 41.83 -11.49 10.61
CA LYS B 345 41.51 -12.92 10.61
C LYS B 345 41.36 -13.48 12.02
N LEU B 346 40.63 -14.58 12.15
CA LEU B 346 40.38 -15.21 13.45
C LEU B 346 40.91 -16.64 13.52
N GLU B 347 41.80 -16.90 14.48
CA GLU B 347 42.34 -18.24 14.66
C GLU B 347 41.37 -19.00 15.55
N ALA B 348 41.41 -20.32 15.50
CA ALA B 348 40.50 -21.12 16.32
C ALA B 348 40.72 -20.84 17.80
N LEU B 349 39.67 -21.06 18.60
CA LEU B 349 39.74 -20.84 20.04
C LEU B 349 40.05 -22.13 20.77
N HIS B 350 41.19 -22.15 21.45
CA HIS B 350 41.62 -23.34 22.19
C HIS B 350 41.61 -23.07 23.69
N LEU B 351 40.43 -23.16 24.30
CA LEU B 351 40.28 -22.93 25.73
C LEU B 351 40.51 -24.22 26.51
N THR C 2 24.99 15.89 -39.37
CA THR C 2 24.74 14.42 -39.52
C THR C 2 25.99 13.57 -39.28
N LEU C 3 26.02 12.89 -38.14
CA LEU C 3 27.13 12.03 -37.76
C LEU C 3 27.11 10.67 -38.47
N THR C 4 28.29 10.19 -38.85
CA THR C 4 28.39 8.90 -39.53
C THR C 4 29.28 7.99 -38.71
N MET C 5 28.74 6.85 -38.30
CA MET C 5 29.50 5.94 -37.47
C MET C 5 29.53 4.50 -38.02
N GLY C 6 30.32 3.68 -37.36
CA GLY C 6 30.43 2.29 -37.75
C GLY C 6 30.39 1.41 -36.52
N PHE C 7 30.21 0.11 -36.72
CA PHE C 7 30.16 -0.82 -35.62
C PHE C 7 31.16 -1.97 -35.74
N ILE C 8 32.22 -1.95 -34.94
CA ILE C 8 33.18 -3.04 -34.95
C ILE C 8 32.53 -4.13 -34.09
N GLY C 9 31.66 -4.92 -34.73
CA GLY C 9 30.96 -5.97 -34.03
C GLY C 9 29.50 -5.95 -34.46
N PHE C 10 28.71 -6.91 -33.97
CA PHE C 10 27.30 -7.01 -34.32
C PHE C 10 26.66 -8.12 -33.50
N GLY C 11 27.19 -8.34 -32.30
CA GLY C 11 26.66 -9.38 -31.43
C GLY C 11 25.36 -9.03 -30.73
N LYS C 12 25.03 -9.83 -29.73
CA LYS C 12 23.82 -9.62 -28.97
C LYS C 12 23.70 -8.18 -28.53
N SER C 13 24.83 -7.56 -28.23
CA SER C 13 24.89 -6.17 -27.77
C SER C 13 24.41 -5.14 -28.81
N ALA C 14 25.12 -5.03 -29.92
CA ALA C 14 24.76 -4.07 -30.96
C ALA C 14 23.29 -4.20 -31.34
N ASN C 15 22.77 -5.41 -31.27
CA ASN C 15 21.39 -5.69 -31.62
C ASN C 15 20.41 -5.48 -30.47
N ARG C 16 20.83 -4.78 -29.42
CA ARG C 16 19.96 -4.58 -28.27
C ARG C 16 20.08 -3.26 -27.53
N TYR C 17 21.28 -2.70 -27.48
CA TYR C 17 21.54 -1.44 -26.78
C TYR C 17 22.00 -0.32 -27.67
N HIS C 18 22.23 -0.60 -28.94
CA HIS C 18 22.71 0.44 -29.83
C HIS C 18 21.80 0.71 -31.01
N LEU C 19 21.85 -0.20 -31.97
CA LEU C 19 21.08 -0.07 -33.17
C LEU C 19 19.61 0.26 -32.92
N PRO C 20 18.93 -0.52 -32.07
CA PRO C 20 17.51 -0.25 -31.79
C PRO C 20 17.22 1.17 -31.34
N TYR C 21 18.21 1.86 -30.79
CA TYR C 21 18.03 3.23 -30.32
C TYR C 21 18.40 4.22 -31.41
N LEU C 22 19.27 3.79 -32.32
CA LEU C 22 19.74 4.64 -33.40
C LEU C 22 18.74 4.91 -34.53
N LYS C 23 17.70 4.07 -34.62
CA LYS C 23 16.69 4.24 -35.66
C LYS C 23 15.71 5.34 -35.30
N THR C 24 16.17 6.29 -34.51
CA THR C 24 15.35 7.42 -34.08
C THR C 24 16.20 8.68 -34.16
N ARG C 25 17.51 8.49 -34.02
CA ARG C 25 18.46 9.59 -34.08
C ARG C 25 18.66 9.91 -35.55
N ASN C 26 17.78 10.75 -36.09
CA ASN C 26 17.85 11.15 -37.49
C ASN C 26 19.19 11.79 -37.85
N ASN C 27 19.81 12.46 -36.89
CA ASN C 27 21.10 13.12 -37.11
C ASN C 27 22.28 12.13 -37.17
N ILE C 28 22.01 10.87 -36.85
CA ILE C 28 23.06 9.84 -36.88
C ILE C 28 22.81 8.87 -38.03
N LYS C 29 23.87 8.54 -38.77
CA LYS C 29 23.78 7.61 -39.89
C LYS C 29 24.81 6.49 -39.77
N VAL C 30 24.32 5.26 -39.75
CA VAL C 30 25.16 4.08 -39.65
C VAL C 30 25.48 3.61 -41.06
N LYS C 31 26.67 3.96 -41.55
CA LYS C 31 27.09 3.60 -42.90
C LYS C 31 27.60 2.17 -43.06
N THR C 32 28.27 1.66 -42.04
CA THR C 32 28.79 0.31 -42.14
C THR C 32 29.08 -0.40 -40.81
N ILE C 33 28.70 -1.67 -40.75
CA ILE C 33 28.91 -2.53 -39.59
C ILE C 33 29.92 -3.60 -39.99
N PHE C 34 30.98 -3.76 -39.19
CA PHE C 34 31.99 -4.76 -39.47
C PHE C 34 31.72 -6.01 -38.64
N VAL C 35 31.91 -7.17 -39.26
CA VAL C 35 31.73 -8.45 -38.60
C VAL C 35 32.50 -9.56 -39.35
N ARG C 36 33.18 -10.42 -38.60
CA ARG C 36 33.98 -11.52 -39.16
C ARG C 36 33.14 -12.46 -40.02
N GLN C 37 32.05 -12.94 -39.44
CA GLN C 37 31.16 -13.86 -40.12
C GLN C 37 29.77 -13.23 -40.03
N ILE C 38 29.33 -12.67 -41.17
CA ILE C 38 28.05 -12.00 -41.25
C ILE C 38 26.86 -12.95 -41.08
N ASN C 39 25.79 -12.45 -40.49
CA ASN C 39 24.57 -13.23 -40.25
C ASN C 39 23.40 -12.48 -40.88
N GLU C 40 23.17 -12.74 -42.17
CA GLU C 40 22.10 -12.07 -42.91
C GLU C 40 20.75 -12.12 -42.21
N GLU C 41 20.45 -13.23 -41.55
CA GLU C 41 19.18 -13.38 -40.84
C GLU C 41 18.98 -12.23 -39.85
N LEU C 42 20.01 -11.94 -39.06
CA LEU C 42 19.91 -10.87 -38.07
C LEU C 42 20.41 -9.53 -38.63
N ALA C 43 20.86 -9.53 -39.87
CA ALA C 43 21.38 -8.32 -40.51
C ALA C 43 20.53 -7.85 -41.68
N ALA C 44 19.51 -8.62 -42.02
CA ALA C 44 18.61 -8.28 -43.12
C ALA C 44 17.84 -6.98 -42.90
N PRO C 45 17.10 -6.87 -41.78
CA PRO C 45 16.33 -5.65 -41.51
C PRO C 45 17.15 -4.37 -41.71
N TYR C 46 18.36 -4.37 -41.17
CA TYR C 46 19.24 -3.23 -41.24
C TYR C 46 19.77 -2.97 -42.65
N GLU C 47 20.27 -4.02 -43.29
CA GLU C 47 20.80 -3.88 -44.64
C GLU C 47 19.75 -3.19 -45.50
N GLU C 48 18.50 -3.62 -45.34
CA GLU C 48 17.39 -3.06 -46.10
C GLU C 48 17.10 -1.61 -45.76
N ARG C 49 17.98 -0.98 -45.00
CA ARG C 49 17.77 0.42 -44.65
C ARG C 49 18.96 1.30 -45.02
N GLY C 50 19.99 0.68 -45.58
CA GLY C 50 21.17 1.43 -45.99
C GLY C 50 22.47 1.07 -45.33
N VAL C 51 22.45 0.17 -44.35
CA VAL C 51 23.70 -0.20 -43.69
C VAL C 51 24.34 -1.42 -44.33
N TYR C 52 25.60 -1.25 -44.72
CA TYR C 52 26.37 -2.30 -45.37
C TYR C 52 27.22 -3.03 -44.35
N PHE C 53 27.57 -4.28 -44.66
CA PHE C 53 28.39 -5.11 -43.78
C PHE C 53 29.59 -5.67 -44.56
N THR C 54 30.76 -5.67 -43.92
CA THR C 54 31.99 -6.16 -44.54
C THR C 54 32.77 -6.95 -43.50
N THR C 55 33.94 -7.45 -43.88
CA THR C 55 34.79 -8.21 -42.98
C THR C 55 36.24 -7.74 -43.05
N ASP C 56 36.43 -6.44 -43.20
CA ASP C 56 37.75 -5.86 -43.28
C ASP C 56 37.79 -4.45 -42.68
N LEU C 57 38.39 -3.51 -43.41
CA LEU C 57 38.49 -2.14 -42.95
C LEU C 57 37.14 -1.63 -42.45
N LEU C 60 38.66 4.00 -42.64
CA LEU C 60 38.91 4.26 -44.06
C LEU C 60 37.70 4.97 -44.70
N LEU C 61 37.58 6.27 -44.44
CA LEU C 61 36.49 7.05 -44.98
C LEU C 61 36.69 8.55 -44.73
N GLN C 67 33.45 9.18 -38.91
CA GLN C 67 34.30 9.89 -37.97
C GLN C 67 34.26 9.31 -36.55
N VAL C 68 33.69 8.11 -36.42
CA VAL C 68 33.57 7.46 -35.12
C VAL C 68 32.96 6.06 -35.24
N VAL C 69 33.55 5.09 -34.55
CA VAL C 69 33.04 3.73 -34.58
C VAL C 69 32.77 3.23 -33.15
N THR C 70 31.96 2.18 -33.04
CA THR C 70 31.63 1.63 -31.73
C THR C 70 32.12 0.19 -31.63
N ILE C 71 33.01 -0.07 -30.69
CA ILE C 71 33.52 -1.42 -30.51
C ILE C 71 32.59 -2.19 -29.61
N CYS C 72 32.08 -3.32 -30.12
CA CYS C 72 31.16 -4.16 -29.35
C CYS C 72 31.51 -5.63 -29.49
N THR C 73 32.63 -5.90 -30.15
CA THR C 73 33.09 -7.27 -30.36
C THR C 73 33.50 -7.89 -29.02
N PRO C 74 34.00 -9.14 -29.04
CA PRO C 74 34.41 -9.80 -27.80
C PRO C 74 35.32 -8.93 -26.93
N ALA C 75 35.06 -8.96 -25.63
CA ALA C 75 35.81 -8.17 -24.66
C ALA C 75 37.25 -8.61 -24.46
N HIS C 76 38.05 -8.49 -25.50
CA HIS C 76 39.47 -8.85 -25.46
C HIS C 76 40.13 -7.95 -26.49
N THR C 77 39.62 -8.01 -27.70
CA THR C 77 40.12 -7.22 -28.82
C THR C 77 39.81 -5.74 -28.65
N HIS C 78 39.08 -5.40 -27.59
CA HIS C 78 38.72 -3.99 -27.34
C HIS C 78 39.94 -3.08 -27.41
N TYR C 79 40.91 -3.30 -26.53
CA TYR C 79 42.13 -2.48 -26.53
C TYR C 79 42.82 -2.50 -27.88
N GLU C 80 43.00 -3.71 -28.41
CA GLU C 80 43.65 -3.89 -29.71
C GLU C 80 42.90 -3.14 -30.81
N LEU C 81 41.58 -3.28 -30.84
CA LEU C 81 40.74 -2.64 -31.85
C LEU C 81 40.56 -1.16 -31.52
N ALA C 82 40.77 -0.82 -30.26
CA ALA C 82 40.64 0.54 -29.77
C ALA C 82 41.74 1.44 -30.33
N LYS C 83 42.98 1.15 -29.96
CA LYS C 83 44.09 1.98 -30.45
C LYS C 83 44.28 1.79 -31.95
N LYS C 84 43.52 0.88 -32.53
CA LYS C 84 43.59 0.61 -33.96
C LYS C 84 42.79 1.67 -34.73
N VAL C 85 41.59 1.96 -34.25
CA VAL C 85 40.70 2.95 -34.88
C VAL C 85 41.10 4.40 -34.57
N ILE C 86 41.85 4.58 -33.48
CA ILE C 86 42.30 5.90 -33.12
C ILE C 86 43.43 6.22 -34.10
N LEU C 87 44.21 5.20 -34.44
CA LEU C 87 45.31 5.36 -35.38
C LEU C 87 44.74 5.88 -36.71
N ALA C 88 43.44 5.70 -36.87
CA ALA C 88 42.74 6.21 -38.05
C ALA C 88 42.01 7.46 -37.56
N GLY C 89 41.75 8.41 -38.46
CA GLY C 89 41.07 9.62 -38.05
C GLY C 89 39.62 9.35 -37.66
N LYS C 90 39.42 8.62 -36.57
CA LYS C 90 38.06 8.29 -36.14
C LYS C 90 37.91 8.20 -34.62
N SER C 91 36.88 8.85 -34.10
CA SER C 91 36.59 8.86 -32.66
C SER C 91 36.16 7.48 -32.21
N VAL C 92 36.39 7.15 -30.94
CA VAL C 92 36.05 5.83 -30.41
C VAL C 92 35.07 5.79 -29.22
N ILE C 93 34.09 4.89 -29.33
CA ILE C 93 33.10 4.66 -28.28
C ILE C 93 33.25 3.18 -27.94
N VAL C 94 34.07 2.89 -26.92
CA VAL C 94 34.35 1.51 -26.51
C VAL C 94 33.40 0.93 -25.46
N GLU C 95 33.05 -0.34 -25.62
CA GLU C 95 32.17 -1.01 -24.67
C GLU C 95 33.01 -1.58 -23.53
N LYS C 96 32.35 -1.95 -22.44
CA LYS C 96 33.05 -2.52 -21.29
C LYS C 96 33.48 -3.95 -21.59
N PRO C 97 34.74 -4.30 -21.30
CA PRO C 97 35.78 -3.47 -20.69
C PRO C 97 36.34 -2.45 -21.67
N PHE C 98 36.52 -1.22 -21.21
CA PHE C 98 37.09 -0.16 -22.04
C PHE C 98 38.55 -0.47 -22.29
N CYS C 99 39.19 -1.07 -21.29
CA CYS C 99 40.59 -1.45 -21.36
C CYS C 99 40.90 -2.50 -20.28
N ASP C 100 41.81 -3.41 -20.60
CA ASP C 100 42.20 -4.46 -19.68
C ASP C 100 42.85 -3.88 -18.42
N THR C 101 43.90 -3.10 -18.62
CA THR C 101 44.64 -2.50 -17.52
C THR C 101 44.50 -0.99 -17.46
N VAL C 102 44.93 -0.40 -16.34
CA VAL C 102 44.86 1.04 -16.15
C VAL C 102 45.83 1.81 -17.04
N GLU C 103 46.99 1.22 -17.34
CA GLU C 103 47.98 1.89 -18.19
C GLU C 103 47.46 1.94 -19.61
N HIS C 104 46.91 0.82 -20.07
CA HIS C 104 46.37 0.74 -21.42
C HIS C 104 45.26 1.77 -21.61
N ALA C 105 44.46 1.97 -20.57
CA ALA C 105 43.37 2.94 -20.64
C ALA C 105 43.94 4.35 -20.78
N LYS C 106 44.78 4.74 -19.84
CA LYS C 106 45.38 6.07 -19.87
C LYS C 106 46.12 6.27 -21.19
N GLU C 107 46.54 5.15 -21.79
CA GLU C 107 47.24 5.19 -23.06
C GLU C 107 46.28 5.69 -24.14
N LEU C 108 45.29 4.87 -24.47
CA LEU C 108 44.30 5.23 -25.47
C LEU C 108 43.82 6.66 -25.29
N LEU C 109 43.69 7.07 -24.03
CA LEU C 109 43.25 8.43 -23.70
C LEU C 109 44.25 9.44 -24.26
N ALA C 110 45.53 9.21 -23.97
CA ALA C 110 46.59 10.10 -24.46
C ALA C 110 46.61 10.13 -25.98
N LEU C 111 46.59 8.94 -26.58
CA LEU C 111 46.60 8.80 -28.02
C LEU C 111 45.45 9.58 -28.63
N GLY C 112 44.27 9.43 -28.05
CA GLY C 112 43.11 10.14 -28.55
C GLY C 112 43.25 11.64 -28.49
N ARG C 113 43.77 12.14 -27.37
CA ARG C 113 43.93 13.58 -27.18
C ARG C 113 44.85 14.22 -28.20
N GLU C 114 45.87 13.48 -28.64
CA GLU C 114 46.82 14.01 -29.62
C GLU C 114 46.45 13.67 -31.06
N LYS C 115 45.73 12.54 -31.24
CA LYS C 115 45.32 12.11 -32.57
C LYS C 115 44.18 12.98 -33.09
N GLY C 116 43.63 13.81 -32.19
CA GLY C 116 42.54 14.70 -32.56
C GLY C 116 41.17 14.05 -32.62
N VAL C 117 40.94 13.06 -31.75
CA VAL C 117 39.65 12.38 -31.72
C VAL C 117 39.11 12.21 -30.30
N VAL C 118 37.82 11.86 -30.21
CA VAL C 118 37.18 11.65 -28.92
C VAL C 118 37.19 10.17 -28.54
N VAL C 119 37.53 9.89 -27.29
CA VAL C 119 37.60 8.52 -26.82
C VAL C 119 37.03 8.39 -25.42
N MET C 120 35.98 7.59 -25.28
CA MET C 120 35.35 7.39 -23.99
C MET C 120 34.63 6.05 -23.92
N PRO C 121 34.42 5.54 -22.71
CA PRO C 121 33.75 4.26 -22.45
C PRO C 121 32.23 4.36 -22.66
N TYR C 122 31.59 3.24 -22.98
CA TYR C 122 30.16 3.21 -23.19
C TYR C 122 29.43 2.97 -21.88
N GLN C 123 29.07 4.05 -21.18
CA GLN C 123 28.38 3.94 -19.90
C GLN C 123 26.88 4.20 -20.11
N ASN C 124 26.19 3.28 -20.78
CA ASN C 124 24.76 3.44 -21.03
C ASN C 124 23.91 3.48 -19.76
N ARG C 125 24.37 2.83 -18.70
CA ARG C 125 23.66 2.78 -17.43
C ARG C 125 23.61 4.12 -16.70
N ARG C 126 24.25 5.14 -17.26
CA ARG C 126 24.21 6.46 -16.65
C ARG C 126 22.86 7.09 -16.97
N PHE C 127 22.10 6.41 -17.82
CA PHE C 127 20.79 6.89 -18.25
C PHE C 127 19.69 5.93 -17.86
N ASP C 128 19.98 5.14 -16.84
CA ASP C 128 19.01 4.21 -16.27
C ASP C 128 18.03 5.07 -15.47
N GLY C 129 16.75 4.72 -15.52
CA GLY C 129 15.74 5.46 -14.78
C GLY C 129 16.04 5.58 -13.29
N ASP C 130 16.21 4.43 -12.64
CA ASP C 130 16.52 4.41 -11.21
C ASP C 130 17.72 5.31 -10.89
N PHE C 131 18.82 5.19 -11.63
CA PHE C 131 19.95 6.07 -11.35
C PHE C 131 19.59 7.53 -11.56
N LEU C 132 18.87 7.83 -12.64
CA LEU C 132 18.48 9.21 -12.90
C LEU C 132 17.65 9.81 -11.76
N ALA C 133 16.87 8.98 -11.08
CA ALA C 133 16.07 9.45 -9.96
C ALA C 133 16.97 9.84 -8.77
N VAL C 134 17.92 8.98 -8.36
CA VAL C 134 18.78 9.36 -7.23
C VAL C 134 19.79 10.43 -7.64
N LYS C 135 19.94 10.64 -8.94
CA LYS C 135 20.87 11.67 -9.38
C LYS C 135 20.14 13.01 -9.22
N GLN C 136 18.88 13.00 -9.63
CA GLN C 136 18.03 14.18 -9.55
C GLN C 136 17.92 14.65 -8.09
N VAL C 137 17.62 13.69 -7.22
CA VAL C 137 17.50 13.99 -5.79
C VAL C 137 18.80 14.57 -5.25
N VAL C 138 19.93 13.92 -5.53
CA VAL C 138 21.19 14.42 -5.03
C VAL C 138 21.50 15.81 -5.57
N GLU C 139 21.20 16.08 -6.82
CA GLU C 139 21.47 17.40 -7.34
C GLU C 139 20.67 18.48 -6.59
N GLN C 140 19.35 18.31 -6.53
CA GLN C 140 18.50 19.26 -5.83
C GLN C 140 18.95 19.41 -4.37
N GLY C 141 19.62 18.39 -3.85
CA GLY C 141 20.13 18.43 -2.49
C GLY C 141 19.23 18.61 -1.27
N PHE C 142 17.93 18.37 -1.37
CA PHE C 142 17.09 18.53 -0.20
C PHE C 142 17.30 17.43 0.83
N LEU C 143 18.23 16.51 0.57
CA LEU C 143 18.50 15.46 1.54
C LEU C 143 19.72 15.82 2.38
N GLY C 144 20.26 17.01 2.13
CA GLY C 144 21.42 17.46 2.87
C GLY C 144 22.69 16.69 2.52
N ASP C 145 23.64 16.69 3.45
CA ASP C 145 24.90 15.98 3.24
C ASP C 145 24.64 14.49 3.16
N ILE C 146 24.89 13.91 1.99
CA ILE C 146 24.68 12.48 1.80
C ILE C 146 25.74 11.73 2.61
N ILE C 147 25.33 10.68 3.31
CA ILE C 147 26.32 9.92 4.08
C ILE C 147 26.44 8.46 3.65
N GLU C 148 25.45 7.96 2.95
CA GLU C 148 25.51 6.58 2.49
C GLU C 148 24.59 6.31 1.32
N ILE C 149 25.07 5.48 0.41
CA ILE C 149 24.32 5.11 -0.76
C ILE C 149 24.63 3.64 -0.99
N GLU C 150 23.64 2.90 -1.46
CA GLU C 150 23.83 1.49 -1.72
C GLU C 150 23.14 1.20 -3.04
N SER C 151 23.92 0.76 -4.02
CA SER C 151 23.38 0.45 -5.34
C SER C 151 23.43 -1.05 -5.53
N HIS C 152 22.29 -1.63 -5.87
CA HIS C 152 22.18 -3.08 -6.08
C HIS C 152 21.92 -3.48 -7.53
N ILE C 153 22.19 -4.75 -7.83
CA ILE C 153 21.95 -5.37 -9.12
C ILE C 153 22.02 -6.85 -8.76
N ASP C 154 20.90 -7.41 -8.32
CA ASP C 154 20.89 -8.79 -7.92
C ASP C 154 20.03 -9.64 -8.82
N TYR C 155 20.12 -10.94 -8.62
CA TYR C 155 19.35 -11.91 -9.38
C TYR C 155 19.11 -13.06 -8.41
N PHE C 156 18.39 -14.07 -8.88
CA PHE C 156 18.17 -15.24 -8.07
C PHE C 156 18.31 -16.36 -9.08
N ARG C 157 19.56 -16.60 -9.47
CA ARG C 157 19.88 -17.62 -10.43
C ARG C 157 20.83 -18.63 -9.78
N PRO C 158 20.34 -19.34 -8.75
CA PRO C 158 21.23 -20.31 -8.11
C PRO C 158 21.65 -21.42 -9.09
N GLY C 159 22.97 -21.60 -9.24
CA GLY C 159 23.49 -22.62 -10.13
C GLY C 159 24.13 -22.00 -11.36
N SER C 160 23.79 -20.75 -11.64
CA SER C 160 24.30 -20.01 -12.78
C SER C 160 25.82 -20.05 -12.94
N ILE C 161 26.52 -19.10 -12.31
CA ILE C 161 27.99 -19.03 -12.39
C ILE C 161 28.66 -20.14 -11.59
N THR C 162 29.18 -21.16 -12.28
CA THR C 162 29.82 -22.29 -11.61
C THR C 162 31.05 -22.81 -12.32
N HIS C 163 31.90 -21.91 -12.80
CA HIS C 163 33.12 -22.30 -13.50
C HIS C 163 34.20 -21.25 -13.30
N GLU C 164 35.45 -21.71 -13.32
CA GLU C 164 36.57 -20.80 -13.14
C GLU C 164 36.77 -20.00 -14.42
N ALA C 165 37.40 -18.83 -14.28
CA ALA C 165 37.65 -17.95 -15.41
C ALA C 165 38.33 -16.67 -14.94
N PRO C 166 38.94 -15.92 -15.88
CA PRO C 166 39.63 -14.68 -15.52
C PRO C 166 38.71 -13.60 -14.94
N LYS C 167 39.30 -12.69 -14.19
CA LYS C 167 38.56 -11.61 -13.57
C LYS C 167 37.79 -10.78 -14.60
N GLU C 168 38.26 -10.77 -15.84
CA GLU C 168 37.61 -10.00 -16.89
C GLU C 168 36.18 -10.45 -17.22
N GLU C 169 35.79 -11.65 -16.80
CA GLU C 169 34.45 -12.15 -17.08
C GLU C 169 33.64 -12.59 -15.85
N GLY C 170 33.71 -11.80 -14.79
CA GLY C 170 32.98 -12.11 -13.58
C GLY C 170 31.94 -11.02 -13.37
N SER C 171 31.13 -11.14 -12.32
CA SER C 171 30.10 -10.14 -12.04
C SER C 171 30.67 -8.76 -11.74
N PHE C 172 31.76 -8.74 -10.99
CA PHE C 172 32.36 -7.46 -10.62
C PHE C 172 32.79 -6.66 -11.85
N TYR C 173 33.13 -7.37 -12.92
CA TYR C 173 33.55 -6.69 -14.15
C TYR C 173 32.36 -6.46 -15.07
N SER C 174 31.48 -7.45 -15.18
CA SER C 174 30.28 -7.32 -16.01
C SER C 174 29.38 -6.23 -15.46
N LEU C 175 28.53 -6.64 -14.50
CA LEU C 175 27.56 -5.77 -13.85
C LEU C 175 28.25 -4.65 -13.07
N GLY C 176 29.12 -5.05 -12.13
CA GLY C 176 29.86 -4.12 -11.28
C GLY C 176 30.36 -2.81 -11.85
N ILE C 177 30.98 -2.83 -13.02
CA ILE C 177 31.51 -1.61 -13.64
C ILE C 177 30.44 -0.54 -13.87
N HIS C 178 29.20 -0.97 -14.12
CA HIS C 178 28.10 -0.04 -14.36
C HIS C 178 27.74 0.75 -13.12
N THR C 179 27.42 0.05 -12.03
CA THR C 179 27.05 0.72 -10.78
C THR C 179 28.16 1.59 -10.24
N MET C 180 29.39 1.07 -10.30
CA MET C 180 30.54 1.81 -9.82
C MET C 180 30.68 3.13 -10.60
N ASP C 181 30.53 3.04 -11.91
CA ASP C 181 30.67 4.21 -12.78
C ASP C 181 29.75 5.40 -12.47
N ARG C 182 28.44 5.16 -12.58
CA ARG C 182 27.46 6.22 -12.31
C ARG C 182 27.61 6.79 -10.92
N MET C 183 28.04 5.97 -9.96
CA MET C 183 28.25 6.46 -8.61
C MET C 183 29.47 7.40 -8.59
N ILE C 184 30.47 7.09 -9.39
CA ILE C 184 31.68 7.92 -9.44
C ILE C 184 31.45 9.21 -10.19
N SER C 185 30.67 9.15 -11.27
CA SER C 185 30.40 10.35 -12.06
C SER C 185 29.52 11.29 -11.23
N LEU C 186 29.24 10.91 -9.98
CA LEU C 186 28.41 11.74 -9.12
C LEU C 186 29.21 12.25 -7.92
N PHE C 187 30.11 11.44 -7.39
CA PHE C 187 30.89 11.86 -6.22
C PHE C 187 32.39 12.05 -6.43
N GLY C 188 32.96 11.40 -7.43
CA GLY C 188 34.38 11.56 -7.68
C GLY C 188 35.23 10.35 -7.40
N ARG C 189 36.50 10.60 -7.11
CA ARG C 189 37.46 9.54 -6.85
C ARG C 189 37.62 9.26 -5.35
N PRO C 190 37.18 8.08 -4.90
CA PRO C 190 37.25 7.64 -3.50
C PRO C 190 38.67 7.75 -2.89
N ASN C 191 38.75 7.92 -1.57
CA ASN C 191 40.04 8.02 -0.89
C ASN C 191 40.51 6.65 -0.41
N THR C 192 39.69 5.63 -0.63
CA THR C 192 40.02 4.25 -0.24
C THR C 192 38.85 3.35 -0.63
N VAL C 193 39.12 2.07 -0.91
CA VAL C 193 38.08 1.13 -1.34
C VAL C 193 38.08 -0.19 -0.56
N THR C 194 36.90 -0.77 -0.40
CA THR C 194 36.74 -2.02 0.33
C THR C 194 36.26 -3.09 -0.64
N TYR C 195 36.97 -4.21 -0.67
CA TYR C 195 36.62 -5.28 -1.57
C TYR C 195 36.19 -6.57 -0.88
N ASP C 196 35.09 -7.15 -1.33
CA ASP C 196 34.62 -8.43 -0.82
C ASP C 196 34.10 -9.24 -2.00
N ILE C 197 34.97 -9.50 -2.97
CA ILE C 197 34.61 -10.26 -4.16
C ILE C 197 34.80 -11.78 -3.95
N ARG C 198 33.86 -12.58 -4.42
CA ARG C 198 33.95 -14.04 -4.30
C ARG C 198 32.81 -14.73 -5.01
N ASN C 199 32.71 -16.05 -4.85
CA ASN C 199 31.64 -16.81 -5.48
C ASN C 199 30.97 -17.59 -4.36
N ASN C 200 29.77 -17.17 -3.98
CA ASN C 200 29.07 -17.83 -2.88
C ASN C 200 28.57 -19.24 -3.16
N GLU C 201 28.91 -19.80 -4.32
CA GLU C 201 28.45 -21.15 -4.65
C GLU C 201 29.56 -22.14 -4.98
N VAL C 202 30.53 -21.70 -5.79
CA VAL C 202 31.65 -22.52 -6.22
C VAL C 202 32.95 -21.87 -5.76
N GLU C 203 33.52 -22.42 -4.69
CA GLU C 203 34.76 -21.91 -4.10
C GLU C 203 35.82 -21.30 -5.02
N GLY C 204 35.91 -21.78 -6.26
CA GLY C 204 36.92 -21.23 -7.15
C GLY C 204 36.46 -20.60 -8.45
N ALA C 205 35.19 -20.78 -8.80
CA ALA C 205 34.64 -20.23 -10.03
C ALA C 205 34.83 -18.72 -10.11
N VAL C 206 34.63 -18.14 -11.29
CA VAL C 206 34.77 -16.71 -11.42
C VAL C 206 33.73 -16.08 -10.48
N ASP C 207 34.08 -14.95 -9.88
CA ASP C 207 33.19 -14.27 -8.92
C ASP C 207 31.76 -14.05 -9.40
N ASN C 208 30.79 -14.43 -8.57
CA ASN C 208 29.38 -14.23 -8.87
C ASN C 208 28.76 -13.42 -7.73
N TYR C 209 29.61 -12.70 -7.02
CA TYR C 209 29.18 -11.89 -5.89
C TYR C 209 30.23 -10.89 -5.53
N PHE C 210 29.81 -9.70 -5.13
CA PHE C 210 30.74 -8.70 -4.68
C PHE C 210 30.01 -7.65 -3.84
N ASP C 211 30.74 -7.05 -2.91
CA ASP C 211 30.25 -6.04 -1.99
C ASP C 211 31.42 -5.07 -1.91
N VAL C 212 31.38 -4.04 -2.75
CA VAL C 212 32.44 -3.04 -2.82
C VAL C 212 31.98 -1.71 -2.29
N GLY C 213 32.74 -1.16 -1.37
CA GLY C 213 32.39 0.13 -0.79
C GLY C 213 33.42 1.21 -1.05
N LEU C 214 32.99 2.36 -1.53
CA LEU C 214 33.90 3.47 -1.81
C LEU C 214 33.80 4.48 -0.69
N HIS C 215 34.91 4.72 0.01
CA HIS C 215 34.93 5.68 1.11
C HIS C 215 35.37 7.08 0.70
N TYR C 216 34.66 8.07 1.23
CA TYR C 216 34.92 9.48 0.97
C TYR C 216 35.09 10.25 2.28
N GLY C 217 36.19 10.00 2.98
CA GLY C 217 36.44 10.70 4.22
C GLY C 217 35.63 10.07 5.34
N ASN C 218 35.15 10.90 6.27
CA ASN C 218 34.37 10.40 7.40
C ASN C 218 32.89 10.34 7.08
N GLN C 219 32.46 11.30 6.27
CA GLN C 219 31.08 11.45 5.86
C GLN C 219 30.52 10.40 4.91
N LEU C 220 30.93 10.52 3.65
CA LEU C 220 30.45 9.68 2.57
C LEU C 220 31.02 8.29 2.37
N LYS C 221 30.14 7.39 1.98
CA LYS C 221 30.49 6.00 1.74
C LYS C 221 29.39 5.40 0.86
N ILE C 222 29.75 4.95 -0.35
CA ILE C 222 28.77 4.35 -1.25
C ILE C 222 29.07 2.86 -1.39
N LYS C 223 28.05 2.02 -1.33
CA LYS C 223 28.25 0.58 -1.44
C LYS C 223 27.62 0.04 -2.71
N LEU C 224 28.36 -0.85 -3.37
CA LEU C 224 27.90 -1.47 -4.61
C LEU C 224 27.88 -2.97 -4.38
N LYS C 225 26.81 -3.64 -4.75
CA LYS C 225 26.78 -5.07 -4.55
C LYS C 225 25.85 -5.89 -5.43
N THR C 226 26.35 -7.05 -5.85
CA THR C 226 25.61 -7.98 -6.68
C THR C 226 25.64 -9.33 -5.98
N ASN C 227 24.55 -10.08 -6.09
CA ASN C 227 24.42 -11.40 -5.48
C ASN C 227 23.45 -12.13 -6.40
N HIS C 228 23.63 -13.42 -6.62
CA HIS C 228 22.72 -14.13 -7.50
C HIS C 228 21.78 -15.01 -6.71
N ILE C 229 21.75 -14.83 -5.38
CA ILE C 229 20.84 -15.62 -4.56
C ILE C 229 19.92 -14.74 -3.72
N VAL C 230 19.29 -13.75 -4.38
CA VAL C 230 18.36 -12.86 -3.68
C VAL C 230 16.92 -13.10 -4.16
N ALA C 231 16.13 -13.78 -3.33
CA ALA C 231 14.75 -14.10 -3.66
C ALA C 231 13.82 -12.91 -3.50
N LYS C 232 14.10 -12.06 -2.51
CA LYS C 232 13.29 -10.85 -2.31
C LYS C 232 14.25 -9.70 -2.43
N ASP C 233 14.17 -8.98 -3.53
CA ASP C 233 15.05 -7.87 -3.82
C ASP C 233 15.17 -6.74 -2.81
N TYR C 234 16.36 -6.19 -2.77
CA TYR C 234 16.65 -5.05 -1.93
C TYR C 234 16.17 -3.93 -2.82
N PRO C 235 16.17 -2.72 -2.30
CA PRO C 235 15.72 -1.65 -3.19
C PRO C 235 16.92 -1.43 -4.11
N ARG C 236 16.66 -1.01 -5.33
CA ARG C 236 17.71 -0.74 -6.30
C ARG C 236 18.65 0.30 -5.74
N PHE C 237 18.13 1.24 -4.97
CA PHE C 237 18.94 2.29 -4.38
C PHE C 237 18.48 2.73 -2.99
N ILE C 238 19.44 2.86 -2.09
CA ILE C 238 19.18 3.35 -0.75
C ILE C 238 20.06 4.57 -0.58
N VAL C 239 19.46 5.74 -0.35
CA VAL C 239 20.24 6.97 -0.17
C VAL C 239 19.91 7.68 1.16
N HIS C 240 20.91 7.84 2.02
CA HIS C 240 20.73 8.49 3.32
C HIS C 240 21.51 9.81 3.48
N GLY C 241 20.77 10.86 3.81
CA GLY C 241 21.39 12.16 4.00
C GLY C 241 21.15 12.63 5.42
N THR C 242 21.66 13.82 5.76
CA THR C 242 21.48 14.39 7.10
C THR C 242 20.10 15.04 7.29
N ASN C 243 19.30 15.06 6.23
CA ASN C 243 17.97 15.67 6.27
C ASN C 243 16.89 14.69 5.90
N GLY C 244 17.28 13.51 5.42
CA GLY C 244 16.27 12.53 5.06
C GLY C 244 16.79 11.39 4.20
N SER C 245 15.88 10.60 3.65
CA SER C 245 16.27 9.46 2.82
C SER C 245 15.51 9.41 1.50
N PHE C 246 15.90 8.43 0.70
CA PHE C 246 15.28 8.17 -0.60
C PHE C 246 15.57 6.70 -0.85
N ILE C 247 14.51 5.92 -0.99
CA ILE C 247 14.61 4.50 -1.26
C ILE C 247 13.91 4.23 -2.60
N LYS C 248 14.58 3.51 -3.51
CA LYS C 248 13.97 3.23 -4.81
C LYS C 248 13.96 1.74 -5.07
N TYR C 249 12.76 1.19 -5.27
CA TYR C 249 12.59 -0.24 -5.58
C TYR C 249 12.37 -0.36 -7.09
N GLY C 250 12.66 -1.52 -7.64
CA GLY C 250 12.47 -1.74 -9.06
C GLY C 250 13.58 -1.24 -9.98
N GLU C 251 14.01 -2.10 -10.90
CA GLU C 251 15.06 -1.71 -11.85
C GLU C 251 14.48 -1.09 -13.13
N ASP C 252 15.31 -0.36 -13.86
CA ASP C 252 14.89 0.24 -15.12
C ASP C 252 14.36 -0.88 -16.02
N GLN C 253 13.34 -0.61 -16.81
CA GLN C 253 12.78 -1.68 -17.62
C GLN C 253 13.18 -1.73 -19.09
N GLN C 254 14.08 -0.85 -19.51
CA GLN C 254 14.52 -0.83 -20.90
C GLN C 254 14.99 -2.22 -21.35
N GLU C 255 15.98 -2.77 -20.64
CA GLU C 255 16.53 -4.07 -20.98
C GLU C 255 15.43 -5.11 -21.17
N ASN C 256 14.58 -5.28 -20.18
CA ASN C 256 13.50 -6.25 -20.25
C ASN C 256 12.55 -6.02 -21.42
N ASP C 257 12.20 -4.76 -21.68
CA ASP C 257 11.30 -4.45 -22.78
C ASP C 257 12.02 -4.79 -24.09
N LEU C 258 13.34 -4.67 -24.10
CA LEU C 258 14.14 -4.98 -25.30
C LEU C 258 14.09 -6.49 -25.59
N LYS C 259 14.16 -7.27 -24.53
CA LYS C 259 14.13 -8.72 -24.67
C LYS C 259 12.74 -9.20 -25.05
N ALA C 260 11.73 -8.43 -24.67
CA ALA C 260 10.35 -8.79 -24.98
C ALA C 260 10.06 -8.53 -26.46
N GLY C 261 10.98 -7.84 -27.12
CA GLY C 261 10.78 -7.52 -28.52
C GLY C 261 10.17 -6.14 -28.63
N ILE C 262 10.22 -5.38 -27.54
CA ILE C 262 9.69 -4.02 -27.52
C ILE C 262 10.84 -3.10 -27.85
N MET C 263 10.63 -2.18 -28.78
CA MET C 263 11.69 -1.28 -29.19
C MET C 263 11.49 0.17 -28.75
N PRO C 264 12.59 0.89 -28.51
CA PRO C 264 12.63 2.29 -28.07
C PRO C 264 11.51 3.19 -28.60
N GLU C 265 11.20 3.04 -29.89
CA GLU C 265 10.17 3.85 -30.53
C GLU C 265 8.77 3.64 -29.93
N SER C 266 8.42 2.40 -29.58
CA SER C 266 7.10 2.13 -29.04
C SER C 266 6.76 2.99 -27.84
N ALA C 267 5.46 3.11 -27.56
CA ALA C 267 4.99 3.93 -26.44
C ALA C 267 5.17 3.22 -25.09
N GLY C 268 5.43 4.02 -24.06
CA GLY C 268 5.62 3.47 -22.72
C GLY C 268 7.02 2.91 -22.50
N PHE C 269 7.80 2.86 -23.59
CA PHE C 269 9.15 2.35 -23.50
C PHE C 269 9.98 3.15 -22.50
N GLY C 270 10.57 2.44 -21.54
CA GLY C 270 11.38 3.09 -20.53
C GLY C 270 10.58 3.82 -19.45
N GLU C 271 9.26 3.63 -19.43
CA GLU C 271 8.44 4.26 -18.41
C GLU C 271 8.38 3.37 -17.19
N ASP C 272 8.62 3.96 -16.04
CA ASP C 272 8.60 3.24 -14.78
C ASP C 272 7.14 3.05 -14.34
N SER C 273 6.88 2.05 -13.51
CA SER C 273 5.53 1.83 -12.99
C SER C 273 5.42 2.76 -11.77
N PRO C 274 4.26 3.43 -11.61
CA PRO C 274 4.09 4.33 -10.46
C PRO C 274 4.45 3.66 -9.15
N MET C 275 4.05 2.40 -9.02
CA MET C 275 4.31 1.66 -7.81
C MET C 275 5.79 1.56 -7.49
N TYR C 276 6.66 1.82 -8.46
CA TYR C 276 8.09 1.76 -8.18
C TYR C 276 8.72 3.12 -8.04
N TYR C 277 7.90 4.18 -8.07
CA TYR C 277 8.47 5.52 -7.91
C TYR C 277 9.12 5.49 -6.55
N GLY C 278 10.32 6.03 -6.46
CA GLY C 278 11.02 6.07 -5.20
C GLY C 278 10.35 6.98 -4.17
N ILE C 279 10.58 6.68 -2.90
CA ILE C 279 9.99 7.50 -1.85
C ILE C 279 11.02 8.30 -1.08
N ALA C 280 10.83 9.62 -1.04
CA ALA C 280 11.74 10.48 -0.31
C ALA C 280 11.05 10.88 1.00
N LYS C 281 11.79 10.73 2.10
CA LYS C 281 11.30 11.06 3.44
C LYS C 281 12.37 11.96 4.06
N TYR C 282 12.05 13.24 4.21
CA TYR C 282 13.00 14.19 4.77
C TYR C 282 12.29 15.30 5.51
N ARG C 283 13.07 16.10 6.23
CA ARG C 283 12.52 17.21 6.96
C ARG C 283 13.10 18.53 6.47
N ASN C 284 12.22 19.52 6.28
CA ASN C 284 12.62 20.86 5.84
C ASN C 284 13.30 21.67 6.93
N ALA C 285 13.61 22.92 6.64
CA ALA C 285 14.26 23.80 7.60
C ALA C 285 13.47 23.93 8.88
N ASN C 286 12.16 24.06 8.73
CA ASN C 286 11.26 24.20 9.87
C ASN C 286 11.28 22.97 10.75
N GLY C 287 11.62 21.83 10.15
CA GLY C 287 11.65 20.58 10.91
C GLY C 287 10.47 19.68 10.61
N ASP C 288 9.65 20.06 9.64
CA ASP C 288 8.50 19.25 9.29
C ASP C 288 8.96 18.07 8.45
N TRP C 289 8.39 16.89 8.72
CA TRP C 289 8.73 15.73 7.91
C TRP C 289 7.87 15.71 6.66
N ILE C 290 8.49 15.34 5.55
CA ILE C 290 7.77 15.25 4.29
C ILE C 290 8.10 13.91 3.69
N GLU C 291 7.08 13.24 3.19
CA GLU C 291 7.29 11.94 2.57
C GLU C 291 6.50 11.88 1.26
N LYS C 292 7.19 12.01 0.14
CA LYS C 292 6.51 11.99 -1.16
C LYS C 292 7.17 11.03 -2.15
N GLN C 293 6.49 10.78 -3.27
CA GLN C 293 7.03 9.91 -4.33
C GLN C 293 7.76 10.77 -5.34
N ILE C 294 8.89 10.28 -5.86
CA ILE C 294 9.61 11.03 -6.88
C ILE C 294 9.33 10.35 -8.22
N LYS C 295 8.78 11.11 -9.15
CA LYS C 295 8.46 10.59 -10.47
C LYS C 295 9.78 10.16 -11.08
N THR C 296 9.90 8.90 -11.47
CA THR C 296 11.15 8.43 -12.06
C THR C 296 11.39 9.07 -13.42
N PRO C 297 12.62 9.53 -13.67
CA PRO C 297 12.88 10.14 -14.98
C PRO C 297 12.85 9.03 -16.02
N LEU C 298 12.56 9.38 -17.26
CA LEU C 298 12.49 8.40 -18.34
C LEU C 298 13.85 7.76 -18.63
N GLY C 299 13.91 6.44 -18.58
CA GLY C 299 15.16 5.80 -18.88
C GLY C 299 15.34 5.74 -20.39
N ASP C 300 16.49 6.21 -20.89
CA ASP C 300 16.74 6.16 -22.33
C ASP C 300 18.22 6.05 -22.68
N TYR C 301 18.65 4.82 -22.99
CA TYR C 301 20.04 4.58 -23.35
C TYR C 301 20.47 5.40 -24.56
N GLY C 302 19.53 5.65 -25.47
CA GLY C 302 19.81 6.44 -26.66
C GLY C 302 20.45 7.79 -26.38
N ARG C 303 20.37 8.23 -25.13
CA ARG C 303 20.95 9.52 -24.74
C ARG C 303 22.47 9.49 -24.79
N PHE C 304 23.06 8.30 -24.73
CA PHE C 304 24.51 8.19 -24.78
C PHE C 304 25.04 8.77 -26.09
N TYR C 305 24.38 8.41 -27.20
CA TYR C 305 24.76 8.90 -28.51
C TYR C 305 24.38 10.37 -28.69
N ASP C 306 23.16 10.74 -28.26
CA ASP C 306 22.71 12.12 -28.37
C ASP C 306 23.76 13.02 -27.73
N ALA C 307 24.24 12.61 -26.55
CA ALA C 307 25.23 13.38 -25.83
C ALA C 307 26.57 13.32 -26.57
N ALA C 308 26.90 12.15 -27.10
CA ALA C 308 28.14 11.97 -27.83
C ALA C 308 28.10 12.84 -29.08
N TYR C 309 26.88 13.09 -29.55
CA TYR C 309 26.67 13.92 -30.72
C TYR C 309 27.17 15.34 -30.38
N ASP C 310 26.58 15.95 -29.36
CA ASP C 310 26.97 17.28 -28.93
C ASP C 310 28.45 17.38 -28.61
N THR C 311 29.13 16.24 -28.46
CA THR C 311 30.56 16.28 -28.14
C THR C 311 31.43 16.28 -29.38
N ILE C 312 31.08 15.44 -30.35
CA ILE C 312 31.87 15.34 -31.57
C ILE C 312 31.47 16.33 -32.65
N VAL C 313 30.22 16.81 -32.60
CA VAL C 313 29.76 17.74 -33.62
C VAL C 313 29.57 19.17 -33.08
N ASN C 314 29.36 19.30 -31.77
CA ASN C 314 29.18 20.61 -31.17
C ASN C 314 30.26 20.94 -30.15
N GLY C 315 31.27 20.07 -30.08
CA GLY C 315 32.38 20.28 -29.16
C GLY C 315 32.09 20.09 -27.68
N ALA C 316 30.82 20.16 -27.29
CA ALA C 316 30.41 20.00 -25.90
C ALA C 316 31.24 18.92 -25.19
N PRO C 317 31.52 19.10 -23.89
CA PRO C 317 32.32 18.12 -23.14
C PRO C 317 31.68 16.72 -23.14
N LYS C 318 32.51 15.70 -23.19
CA LYS C 318 32.02 14.32 -23.21
C LYS C 318 31.33 13.92 -21.90
N LEU C 319 30.52 12.87 -21.97
CA LEU C 319 29.79 12.39 -20.80
C LEU C 319 30.72 11.79 -19.77
N VAL C 320 31.50 10.81 -20.19
CA VAL C 320 32.44 10.13 -19.31
C VAL C 320 33.77 10.89 -19.26
N LYS C 321 34.14 11.38 -18.08
CA LYS C 321 35.39 12.11 -17.97
C LYS C 321 36.60 11.17 -17.84
N ASP C 322 37.78 11.68 -18.20
CA ASP C 322 39.03 10.93 -18.11
C ASP C 322 39.24 10.43 -16.69
N GLU C 323 39.31 11.38 -15.74
CA GLU C 323 39.51 11.06 -14.33
C GLU C 323 38.56 9.91 -14.00
N GLU C 324 37.36 9.97 -14.56
CA GLU C 324 36.34 8.95 -14.35
C GLU C 324 36.78 7.58 -14.88
N ALA C 325 36.86 7.45 -16.21
CA ALA C 325 37.24 6.19 -16.83
C ALA C 325 38.45 5.51 -16.20
N VAL C 326 39.52 6.27 -15.96
CA VAL C 326 40.71 5.69 -15.37
C VAL C 326 40.47 5.25 -13.93
N THR C 327 39.90 6.14 -13.13
CA THR C 327 39.63 5.83 -11.73
C THR C 327 38.72 4.61 -11.65
N ASN C 328 37.97 4.40 -12.72
CA ASN C 328 37.03 3.30 -12.80
C ASN C 328 37.72 1.96 -13.02
N ILE C 329 38.78 1.96 -13.81
CA ILE C 329 39.47 0.70 -14.07
C ILE C 329 40.42 0.38 -12.93
N GLU C 330 40.89 1.41 -12.25
CA GLU C 330 41.79 1.23 -11.12
C GLU C 330 41.08 0.48 -10.00
N ILE C 331 39.94 1.02 -9.56
CA ILE C 331 39.18 0.37 -8.51
C ILE C 331 38.91 -1.07 -8.94
N LEU C 332 38.41 -1.20 -10.16
CA LEU C 332 38.08 -2.48 -10.76
C LEU C 332 39.20 -3.53 -10.78
N GLU C 333 40.44 -3.09 -10.99
CA GLU C 333 41.57 -4.00 -11.05
C GLU C 333 42.15 -4.35 -9.68
N ASN C 334 42.41 -3.32 -8.87
CA ASN C 334 42.99 -3.53 -7.55
C ASN C 334 42.15 -4.39 -6.60
N GLY C 335 40.98 -4.82 -7.05
CA GLY C 335 40.13 -5.65 -6.21
C GLY C 335 40.60 -7.10 -6.33
N PHE C 336 41.73 -7.27 -7.00
CA PHE C 336 42.28 -8.60 -7.19
C PHE C 336 43.74 -8.58 -6.76
N ALA C 337 44.29 -7.38 -6.67
CA ALA C 337 45.67 -7.19 -6.25
C ALA C 337 45.97 -7.96 -4.96
N ALA C 338 44.93 -8.41 -4.27
CA ALA C 338 45.08 -9.18 -3.02
C ALA C 338 43.88 -10.09 -2.83
N PRO C 339 43.97 -11.07 -1.90
CA PRO C 339 42.79 -11.92 -1.73
C PRO C 339 41.76 -11.10 -0.96
N SER C 340 40.49 -11.29 -1.25
CA SER C 340 39.47 -10.51 -0.55
C SER C 340 39.07 -11.24 0.73
N PRO C 341 38.57 -10.50 1.72
CA PRO C 341 38.35 -9.05 1.70
C PRO C 341 39.63 -8.29 1.86
N SER C 342 39.75 -7.17 1.15
CA SER C 342 40.96 -6.36 1.23
C SER C 342 40.59 -4.90 1.17
N VAL C 343 41.56 -4.05 1.49
CA VAL C 343 41.34 -2.61 1.47
C VAL C 343 42.39 -2.04 0.54
N TYR C 344 42.11 -0.87 -0.02
CA TYR C 344 43.03 -0.26 -0.96
C TYR C 344 42.85 1.26 -0.97
N LYS C 345 43.94 1.99 -0.79
CA LYS C 345 43.88 3.46 -0.78
C LYS C 345 44.02 4.06 -2.18
N LEU C 346 43.24 5.09 -2.47
CA LEU C 346 43.31 5.75 -3.77
C LEU C 346 43.97 7.12 -3.67
N GLU C 347 45.03 7.32 -4.44
CA GLU C 347 45.74 8.59 -4.43
C GLU C 347 45.34 9.32 -5.71
N ALA C 348 45.49 10.64 -5.75
CA ALA C 348 45.13 11.42 -6.94
C ALA C 348 45.87 11.01 -8.22
N THR D 2 -15.88 15.04 -46.63
CA THR D 2 -16.49 15.03 -45.28
C THR D 2 -17.76 14.18 -45.26
N LEU D 3 -17.64 12.96 -44.76
CA LEU D 3 -18.75 12.01 -44.67
C LEU D 3 -19.98 12.61 -43.99
N THR D 4 -21.15 12.33 -44.55
CA THR D 4 -22.43 12.84 -44.04
C THR D 4 -23.29 11.70 -43.47
N MET D 5 -23.80 11.86 -42.25
CA MET D 5 -24.61 10.80 -41.65
C MET D 5 -25.94 11.20 -41.01
N GLY D 6 -26.68 10.19 -40.58
CA GLY D 6 -27.95 10.40 -39.94
C GLY D 6 -28.09 9.39 -38.82
N PHE D 7 -29.06 9.58 -37.94
CA PHE D 7 -29.28 8.67 -36.83
C PHE D 7 -30.74 8.25 -36.75
N ILE D 8 -31.00 7.00 -36.42
CA ILE D 8 -32.38 6.55 -36.26
C ILE D 8 -32.51 6.26 -34.77
N GLY D 9 -32.96 7.28 -34.03
CA GLY D 9 -33.11 7.16 -32.59
C GLY D 9 -32.37 8.31 -31.95
N PHE D 10 -32.90 8.81 -30.84
CA PHE D 10 -32.29 9.93 -30.15
C PHE D 10 -32.48 9.72 -28.66
N GLY D 11 -32.20 8.50 -28.22
CA GLY D 11 -32.31 8.16 -26.81
C GLY D 11 -30.95 8.21 -26.14
N LYS D 12 -30.87 7.62 -24.95
CA LYS D 12 -29.64 7.60 -24.17
C LYS D 12 -28.39 7.22 -24.94
N SER D 13 -28.46 6.15 -25.72
CA SER D 13 -27.31 5.68 -26.50
C SER D 13 -26.73 6.77 -27.40
N ALA D 14 -27.56 7.34 -28.26
CA ALA D 14 -27.15 8.38 -29.19
C ALA D 14 -26.48 9.53 -28.47
N ASN D 15 -27.15 9.98 -27.41
CA ASN D 15 -26.68 11.08 -26.61
C ASN D 15 -25.60 10.75 -25.60
N ARG D 16 -24.93 9.62 -25.77
CA ARG D 16 -23.87 9.24 -24.83
C ARG D 16 -22.65 8.62 -25.49
N TYR D 17 -22.84 7.58 -26.30
CA TYR D 17 -21.71 6.91 -26.95
C TYR D 17 -21.46 7.36 -28.38
N HIS D 18 -22.34 8.19 -28.92
CA HIS D 18 -22.20 8.64 -30.30
C HIS D 18 -21.95 10.14 -30.50
N LEU D 19 -22.97 10.96 -30.27
CA LEU D 19 -22.89 12.39 -30.47
C LEU D 19 -21.73 13.13 -29.80
N PRO D 20 -21.61 13.07 -28.46
CA PRO D 20 -20.49 13.79 -27.83
C PRO D 20 -19.13 13.48 -28.43
N TYR D 21 -18.95 12.26 -28.92
CA TYR D 21 -17.67 11.89 -29.52
C TYR D 21 -17.52 12.51 -30.92
N LEU D 22 -18.62 12.66 -31.63
CA LEU D 22 -18.60 13.22 -32.98
C LEU D 22 -18.49 14.72 -32.94
N LYS D 23 -18.40 15.28 -31.74
CA LYS D 23 -18.31 16.73 -31.58
C LYS D 23 -16.95 17.30 -31.95
N THR D 24 -15.92 16.46 -31.88
CA THR D 24 -14.57 16.91 -32.23
C THR D 24 -14.18 16.33 -33.59
N ARG D 25 -15.01 15.41 -34.09
CA ARG D 25 -14.77 14.79 -35.38
C ARG D 25 -15.35 15.71 -36.46
N ASN D 26 -14.50 16.56 -37.01
CA ASN D 26 -14.92 17.51 -38.04
C ASN D 26 -15.37 16.84 -39.33
N ASN D 27 -14.51 16.01 -39.92
CA ASN D 27 -14.81 15.32 -41.16
C ASN D 27 -16.18 14.66 -41.22
N ILE D 28 -16.80 14.42 -40.06
CA ILE D 28 -18.13 13.81 -40.06
C ILE D 28 -19.18 14.90 -39.84
N LYS D 29 -20.33 14.74 -40.47
CA LYS D 29 -21.40 15.70 -40.32
C LYS D 29 -22.72 15.00 -40.09
N VAL D 30 -23.38 15.38 -38.99
CA VAL D 30 -24.66 14.78 -38.65
C VAL D 30 -25.74 15.71 -39.21
N LYS D 31 -26.24 15.36 -40.41
CA LYS D 31 -27.25 16.16 -41.07
C LYS D 31 -28.63 16.05 -40.46
N THR D 32 -29.14 14.83 -40.36
CA THR D 32 -30.48 14.64 -39.80
C THR D 32 -30.64 13.48 -38.80
N ILE D 33 -31.53 13.68 -37.84
CA ILE D 33 -31.81 12.70 -36.82
C ILE D 33 -33.31 12.39 -36.78
N PHE D 34 -33.66 11.10 -36.80
CA PHE D 34 -35.06 10.70 -36.75
C PHE D 34 -35.46 10.13 -35.38
N VAL D 35 -36.64 10.52 -34.91
CA VAL D 35 -37.14 10.04 -33.63
C VAL D 35 -38.66 10.03 -33.59
N ARG D 36 -39.24 9.08 -32.85
CA ARG D 36 -40.69 8.97 -32.74
C ARG D 36 -41.29 10.29 -32.26
N GLN D 37 -40.73 10.83 -31.18
CA GLN D 37 -41.19 12.09 -30.61
C GLN D 37 -39.97 12.92 -30.27
N ILE D 38 -39.96 14.16 -30.74
CA ILE D 38 -38.84 15.07 -30.50
C ILE D 38 -38.94 15.85 -29.19
N ASN D 39 -37.87 15.81 -28.42
CA ASN D 39 -37.76 16.54 -27.15
C ASN D 39 -36.83 17.71 -27.45
N GLU D 40 -37.40 18.89 -27.72
CA GLU D 40 -36.61 20.07 -28.05
C GLU D 40 -35.46 20.35 -27.08
N GLU D 41 -35.71 20.12 -25.79
CA GLU D 41 -34.70 20.37 -24.77
C GLU D 41 -33.37 19.79 -25.20
N LEU D 42 -33.39 18.56 -25.68
CA LEU D 42 -32.17 17.90 -26.14
C LEU D 42 -31.86 18.22 -27.60
N ALA D 43 -32.87 18.67 -28.34
CA ALA D 43 -32.69 18.97 -29.75
C ALA D 43 -31.97 20.28 -29.97
N ALA D 44 -32.44 21.32 -29.28
CA ALA D 44 -31.88 22.67 -29.39
C ALA D 44 -30.35 22.77 -29.47
N PRO D 45 -29.63 22.24 -28.47
CA PRO D 45 -28.17 22.33 -28.52
C PRO D 45 -27.59 21.85 -29.83
N TYR D 46 -28.21 20.82 -30.41
CA TYR D 46 -27.75 20.27 -31.68
C TYR D 46 -28.29 21.09 -32.84
N GLU D 47 -29.54 21.50 -32.74
CA GLU D 47 -30.15 22.29 -33.79
C GLU D 47 -29.33 23.56 -34.00
N GLU D 48 -28.80 24.09 -32.90
CA GLU D 48 -27.96 25.29 -32.90
C GLU D 48 -26.76 25.03 -33.79
N ARG D 49 -26.56 23.76 -34.13
CA ARG D 49 -25.46 23.36 -34.99
C ARG D 49 -26.12 22.88 -36.28
N GLY D 50 -25.35 22.23 -37.15
CA GLY D 50 -25.97 21.76 -38.38
C GLY D 50 -26.68 20.43 -38.22
N VAL D 51 -27.95 20.43 -37.81
CA VAL D 51 -28.67 19.17 -37.64
C VAL D 51 -30.19 19.31 -37.65
N TYR D 52 -30.83 18.51 -38.50
CA TYR D 52 -32.27 18.51 -38.68
C TYR D 52 -32.93 17.37 -37.94
N PHE D 53 -33.90 17.70 -37.11
CA PHE D 53 -34.63 16.69 -36.35
C PHE D 53 -36.00 16.47 -36.97
N THR D 54 -36.20 15.29 -37.56
CA THR D 54 -37.48 14.97 -38.20
C THR D 54 -38.25 13.88 -37.47
N THR D 55 -39.56 13.83 -37.71
CA THR D 55 -40.41 12.83 -37.10
C THR D 55 -40.95 11.85 -38.17
N ASP D 56 -40.49 12.03 -39.39
CA ASP D 56 -40.90 11.19 -40.51
C ASP D 56 -39.68 10.42 -41.05
N LEU D 57 -39.68 9.11 -40.83
CA LEU D 57 -38.58 8.25 -41.24
C LEU D 57 -38.11 8.48 -42.68
N ASP D 58 -39.06 8.58 -43.60
CA ASP D 58 -38.76 8.79 -45.01
C ASP D 58 -37.86 9.99 -45.24
N GLU D 59 -38.07 11.05 -44.45
CA GLU D 59 -37.28 12.26 -44.56
C GLU D 59 -35.79 11.92 -44.57
N LEU D 60 -35.41 10.96 -43.74
CA LEU D 60 -34.02 10.53 -43.64
C LEU D 60 -33.61 9.61 -44.78
N LEU D 61 -34.23 8.44 -44.84
CA LEU D 61 -33.93 7.44 -45.86
C LEU D 61 -33.94 7.98 -47.28
N ASN D 62 -34.92 8.82 -47.59
CA ASN D 62 -35.03 9.38 -48.93
C ASN D 62 -34.14 10.60 -49.16
N ASP D 63 -33.01 10.63 -48.46
CA ASP D 63 -32.06 11.73 -48.59
C ASP D 63 -31.00 11.32 -49.62
N LYS D 64 -30.26 12.30 -50.14
CA LYS D 64 -29.24 12.01 -51.13
C LYS D 64 -27.81 12.11 -50.58
N GLU D 65 -27.60 13.02 -49.62
CA GLU D 65 -26.26 13.18 -49.06
C GLU D 65 -26.01 12.33 -47.82
N ILE D 66 -27.08 11.78 -47.25
CA ILE D 66 -26.95 10.92 -46.07
C ILE D 66 -26.38 9.60 -46.60
N GLN D 67 -25.07 9.44 -46.44
CA GLN D 67 -24.38 8.25 -46.91
C GLN D 67 -24.48 7.10 -45.92
N VAL D 68 -24.51 7.44 -44.63
CA VAL D 68 -24.58 6.42 -43.60
C VAL D 68 -25.47 6.84 -42.43
N VAL D 69 -26.16 5.87 -41.84
CA VAL D 69 -27.03 6.15 -40.71
C VAL D 69 -26.74 5.15 -39.57
N THR D 70 -26.88 5.62 -38.34
CA THR D 70 -26.64 4.78 -37.18
C THR D 70 -27.96 4.45 -36.51
N ILE D 71 -28.27 3.17 -36.41
CA ILE D 71 -29.50 2.70 -35.79
C ILE D 71 -29.34 2.49 -34.29
N CYS D 72 -29.91 3.38 -33.48
CA CYS D 72 -29.81 3.28 -32.03
C CYS D 72 -31.14 3.01 -31.39
N THR D 73 -32.16 2.78 -32.22
CA THR D 73 -33.50 2.53 -31.73
C THR D 73 -33.53 1.18 -31.01
N PRO D 74 -34.54 0.93 -30.14
CA PRO D 74 -34.60 -0.35 -29.43
C PRO D 74 -34.37 -1.60 -30.29
N ALA D 75 -33.86 -2.65 -29.66
CA ALA D 75 -33.55 -3.91 -30.34
C ALA D 75 -34.71 -4.59 -31.05
N HIS D 76 -35.93 -4.43 -30.55
CA HIS D 76 -37.09 -5.07 -31.16
C HIS D 76 -37.46 -4.47 -32.52
N THR D 77 -36.54 -3.69 -33.09
CA THR D 77 -36.76 -3.04 -34.39
C THR D 77 -35.50 -2.95 -35.23
N HIS D 78 -34.40 -3.50 -34.73
CA HIS D 78 -33.14 -3.44 -35.44
C HIS D 78 -33.13 -4.11 -36.81
N TYR D 79 -33.66 -5.33 -36.87
CA TYR D 79 -33.70 -6.11 -38.12
C TYR D 79 -34.39 -5.39 -39.28
N GLU D 80 -35.71 -5.24 -39.18
CA GLU D 80 -36.49 -4.58 -40.22
C GLU D 80 -35.87 -3.24 -40.65
N LEU D 81 -35.68 -2.33 -39.69
CA LEU D 81 -35.11 -1.01 -39.97
C LEU D 81 -33.76 -1.07 -40.68
N ALA D 82 -32.96 -2.06 -40.33
CA ALA D 82 -31.66 -2.21 -40.97
C ALA D 82 -31.90 -2.25 -42.47
N LYS D 83 -32.88 -3.05 -42.89
CA LYS D 83 -33.25 -3.20 -44.29
C LYS D 83 -33.55 -1.88 -44.99
N LYS D 84 -34.37 -1.04 -44.35
CA LYS D 84 -34.74 0.26 -44.92
C LYS D 84 -33.54 1.05 -45.44
N VAL D 85 -32.59 1.32 -44.57
CA VAL D 85 -31.39 2.06 -44.94
C VAL D 85 -30.57 1.25 -45.95
N ILE D 86 -30.70 -0.06 -45.88
CA ILE D 86 -29.99 -0.96 -46.78
C ILE D 86 -30.53 -0.79 -48.20
N LEU D 87 -31.86 -0.80 -48.32
CA LEU D 87 -32.54 -0.64 -49.60
C LEU D 87 -32.49 0.81 -50.08
N ALA D 88 -31.29 1.39 -50.01
CA ALA D 88 -31.03 2.77 -50.42
C ALA D 88 -29.53 2.99 -50.31
N GLY D 89 -29.12 4.23 -50.08
CA GLY D 89 -27.70 4.51 -49.95
C GLY D 89 -27.04 3.73 -48.82
N SER D 91 -25.14 2.70 -46.40
CA SER D 91 -24.22 2.27 -45.36
C SER D 91 -24.94 2.23 -44.02
N VAL D 92 -24.73 1.16 -43.26
CA VAL D 92 -25.41 1.02 -41.97
C VAL D 92 -24.47 0.68 -40.81
N ILE D 93 -24.72 1.32 -39.67
CA ILE D 93 -23.98 1.10 -38.45
C ILE D 93 -25.04 0.77 -37.41
N VAL D 94 -25.22 -0.50 -37.12
CA VAL D 94 -26.24 -0.90 -36.18
C VAL D 94 -25.68 -1.02 -34.77
N GLU D 95 -26.48 -0.61 -33.80
CA GLU D 95 -26.07 -0.68 -32.42
C GLU D 95 -26.54 -2.01 -31.83
N LYS D 96 -25.73 -2.52 -30.91
CA LYS D 96 -26.04 -3.76 -30.21
C LYS D 96 -27.53 -3.87 -29.95
N PRO D 97 -28.14 -5.02 -30.30
CA PRO D 97 -27.52 -6.18 -30.93
C PRO D 97 -27.86 -6.15 -32.42
N PHE D 98 -26.88 -6.43 -33.27
CA PHE D 98 -27.08 -6.43 -34.73
C PHE D 98 -28.40 -7.10 -35.13
N CYS D 99 -28.40 -8.43 -35.18
CA CYS D 99 -29.61 -9.17 -35.55
C CYS D 99 -29.92 -10.15 -34.44
N ASP D 100 -30.99 -10.94 -34.60
CA ASP D 100 -31.34 -11.91 -33.59
C ASP D 100 -30.95 -13.31 -34.04
N THR D 101 -30.89 -13.51 -35.36
CA THR D 101 -30.53 -14.82 -35.91
C THR D 101 -29.37 -14.69 -36.90
N VAL D 102 -28.54 -15.72 -36.96
CA VAL D 102 -27.39 -15.72 -37.87
C VAL D 102 -27.82 -15.58 -39.31
N GLU D 103 -29.08 -15.93 -39.56
CA GLU D 103 -29.69 -15.86 -40.88
C GLU D 103 -29.93 -14.39 -41.23
N HIS D 104 -30.77 -13.72 -40.44
CA HIS D 104 -31.05 -12.32 -40.69
C HIS D 104 -29.73 -11.57 -40.77
N ALA D 105 -28.78 -11.99 -39.94
CA ALA D 105 -27.45 -11.37 -39.90
C ALA D 105 -26.71 -11.64 -41.21
N LYS D 106 -26.79 -12.88 -41.68
CA LYS D 106 -26.14 -13.27 -42.91
C LYS D 106 -26.79 -12.51 -44.06
N GLU D 107 -28.12 -12.43 -44.01
CA GLU D 107 -28.91 -11.73 -45.02
C GLU D 107 -28.50 -10.28 -45.15
N LEU D 108 -28.81 -9.49 -44.12
CA LEU D 108 -28.49 -8.08 -44.09
C LEU D 108 -27.05 -7.81 -44.50
N LEU D 109 -26.13 -8.64 -44.02
CA LEU D 109 -24.72 -8.50 -44.32
C LEU D 109 -24.44 -8.58 -45.82
N ALA D 110 -24.88 -9.66 -46.45
CA ALA D 110 -24.66 -9.83 -47.89
C ALA D 110 -25.57 -8.96 -48.73
N LEU D 111 -26.86 -8.94 -48.37
CA LEU D 111 -27.85 -8.15 -49.08
C LEU D 111 -27.42 -6.69 -49.13
N GLY D 112 -26.35 -6.37 -48.40
CA GLY D 112 -25.85 -5.02 -48.38
C GLY D 112 -24.73 -4.84 -49.39
N ARG D 113 -24.11 -5.93 -49.81
CA ARG D 113 -23.02 -5.84 -50.77
C ARG D 113 -23.59 -5.80 -52.17
N GLU D 114 -24.85 -6.21 -52.31
CA GLU D 114 -25.52 -6.20 -53.60
C GLU D 114 -26.11 -4.82 -53.83
N LYS D 115 -25.80 -3.89 -52.93
CA LYS D 115 -26.28 -2.52 -52.99
C LYS D 115 -25.13 -1.52 -53.06
N GLY D 116 -23.97 -1.91 -52.54
CA GLY D 116 -22.81 -1.04 -52.58
C GLY D 116 -22.62 -0.19 -51.34
N VAL D 117 -23.01 -0.72 -50.18
CA VAL D 117 -22.87 0.01 -48.92
C VAL D 117 -22.26 -0.86 -47.83
N VAL D 118 -21.53 -0.23 -46.91
CA VAL D 118 -20.90 -0.94 -45.81
C VAL D 118 -21.94 -1.26 -44.74
N VAL D 119 -21.84 -2.44 -44.16
CA VAL D 119 -22.80 -2.85 -43.15
C VAL D 119 -22.14 -3.52 -41.95
N MET D 120 -21.56 -2.72 -41.05
CA MET D 120 -20.92 -3.28 -39.87
C MET D 120 -21.63 -2.88 -38.57
N PRO D 121 -21.60 -3.77 -37.57
CA PRO D 121 -22.24 -3.52 -36.26
C PRO D 121 -21.46 -2.49 -35.46
N TYR D 122 -22.03 -2.06 -34.34
CA TYR D 122 -21.38 -1.08 -33.49
C TYR D 122 -20.69 -1.76 -32.31
N GLN D 123 -19.37 -1.86 -32.42
CA GLN D 123 -18.55 -2.49 -31.38
C GLN D 123 -17.65 -1.41 -30.79
N ASN D 124 -18.24 -0.51 -30.02
CA ASN D 124 -17.45 0.56 -29.42
C ASN D 124 -16.54 0.10 -28.30
N ARG D 125 -16.93 -0.92 -27.56
CA ARG D 125 -16.11 -1.39 -26.45
C ARG D 125 -14.90 -2.19 -26.88
N ARG D 126 -14.56 -2.06 -28.15
CA ARG D 126 -13.40 -2.74 -28.68
C ARG D 126 -12.31 -1.68 -28.52
N PHE D 127 -12.71 -0.58 -27.87
CA PHE D 127 -11.83 0.55 -27.60
C PHE D 127 -11.80 0.90 -26.11
N ASP D 128 -12.12 -0.08 -25.27
CA ASP D 128 -12.05 0.12 -23.83
C ASP D 128 -10.58 0.01 -23.48
N GLY D 129 -10.12 0.87 -22.58
CA GLY D 129 -8.74 0.84 -22.17
C GLY D 129 -8.34 -0.51 -21.58
N ASP D 130 -9.19 -1.09 -20.72
CA ASP D 130 -8.89 -2.39 -20.11
C ASP D 130 -8.68 -3.46 -21.16
N PHE D 131 -9.47 -3.42 -22.23
CA PHE D 131 -9.29 -4.39 -23.31
C PHE D 131 -8.06 -4.03 -24.13
N LEU D 132 -7.85 -2.74 -24.39
CA LEU D 132 -6.68 -2.32 -25.16
C LEU D 132 -5.41 -2.74 -24.42
N ALA D 133 -5.54 -2.96 -23.12
CA ALA D 133 -4.41 -3.36 -22.30
C ALA D 133 -4.09 -4.83 -22.54
N VAL D 134 -5.05 -5.73 -22.32
CA VAL D 134 -4.80 -7.16 -22.55
C VAL D 134 -4.39 -7.36 -24.00
N LYS D 135 -4.97 -6.56 -24.89
CA LYS D 135 -4.66 -6.63 -26.31
C LYS D 135 -3.20 -6.24 -26.55
N GLN D 136 -2.75 -5.20 -25.85
CA GLN D 136 -1.35 -4.75 -25.99
C GLN D 136 -0.41 -5.82 -25.44
N VAL D 137 -0.84 -6.50 -24.37
CA VAL D 137 -0.02 -7.55 -23.77
C VAL D 137 0.08 -8.72 -24.73
N VAL D 138 -1.06 -9.25 -25.15
CA VAL D 138 -1.07 -10.39 -26.04
C VAL D 138 -0.21 -10.24 -27.29
N GLU D 139 -0.24 -9.07 -27.93
CA GLU D 139 0.56 -8.88 -29.13
C GLU D 139 2.06 -8.95 -28.83
N GLN D 140 2.51 -8.22 -27.81
CA GLN D 140 3.92 -8.26 -27.46
C GLN D 140 4.26 -9.69 -27.04
N GLY D 141 3.21 -10.44 -26.68
CA GLY D 141 3.34 -11.83 -26.26
C GLY D 141 4.39 -12.26 -25.25
N PHE D 142 4.82 -11.37 -24.34
CA PHE D 142 5.83 -11.77 -23.39
C PHE D 142 5.31 -12.77 -22.35
N LEU D 143 4.00 -12.94 -22.29
CA LEU D 143 3.42 -13.90 -21.36
C LEU D 143 3.48 -15.27 -21.99
N GLY D 144 3.89 -15.29 -23.26
CA GLY D 144 3.97 -16.54 -23.99
C GLY D 144 2.65 -16.94 -24.62
N ASP D 145 2.40 -18.25 -24.71
CA ASP D 145 1.17 -18.76 -25.29
C ASP D 145 0.05 -18.67 -24.28
N ILE D 146 -0.98 -17.90 -24.60
CA ILE D 146 -2.10 -17.73 -23.68
C ILE D 146 -2.89 -19.01 -23.49
N ILE D 147 -2.97 -19.51 -22.25
CA ILE D 147 -3.71 -20.74 -21.94
C ILE D 147 -5.14 -20.41 -21.51
N GLU D 148 -5.35 -19.18 -21.04
CA GLU D 148 -6.67 -18.81 -20.59
C GLU D 148 -6.86 -17.32 -20.44
N ILE D 149 -8.11 -16.89 -20.55
CA ILE D 149 -8.46 -15.49 -20.42
C ILE D 149 -9.86 -15.41 -19.83
N GLU D 150 -10.02 -14.59 -18.81
CA GLU D 150 -11.32 -14.45 -18.18
C GLU D 150 -11.73 -12.99 -18.32
N SER D 151 -12.95 -12.77 -18.79
CA SER D 151 -13.49 -11.43 -19.01
C SER D 151 -14.79 -11.23 -18.23
N HIS D 152 -14.86 -10.17 -17.44
CA HIS D 152 -16.06 -9.92 -16.65
C HIS D 152 -16.71 -8.62 -17.02
N ILE D 153 -17.98 -8.52 -16.66
CA ILE D 153 -18.80 -7.34 -16.84
C ILE D 153 -19.88 -7.59 -15.81
N ASP D 154 -19.56 -7.39 -14.54
CA ASP D 154 -20.54 -7.63 -13.49
C ASP D 154 -21.11 -6.37 -12.89
N TYR D 155 -22.10 -6.57 -12.02
CA TYR D 155 -22.77 -5.48 -11.34
C TYR D 155 -23.22 -6.13 -10.05
N PHE D 156 -23.83 -5.33 -9.19
CA PHE D 156 -24.40 -5.82 -7.97
C PHE D 156 -25.72 -5.08 -7.92
N ARG D 157 -26.74 -5.69 -8.55
CA ARG D 157 -28.07 -5.11 -8.63
C ARG D 157 -29.16 -6.17 -8.39
N PRO D 158 -29.38 -6.56 -7.13
CA PRO D 158 -30.41 -7.56 -6.84
C PRO D 158 -31.79 -6.95 -7.09
N GLY D 159 -32.67 -7.73 -7.71
CA GLY D 159 -34.01 -7.22 -8.01
C GLY D 159 -33.96 -6.40 -9.29
N SER D 160 -32.81 -6.44 -9.94
CA SER D 160 -32.62 -5.70 -11.19
C SER D 160 -33.62 -6.23 -12.22
N ILE D 161 -33.22 -7.26 -12.97
CA ILE D 161 -34.07 -7.88 -14.00
C ILE D 161 -35.07 -8.90 -13.44
N THR D 162 -36.37 -8.64 -13.55
CA THR D 162 -37.38 -9.56 -13.02
C THR D 162 -38.40 -10.03 -14.07
N HIS D 163 -38.50 -9.29 -15.16
CA HIS D 163 -39.44 -9.62 -16.22
C HIS D 163 -38.85 -10.56 -17.24
N GLU D 164 -39.71 -11.17 -18.04
CA GLU D 164 -39.26 -12.07 -19.09
C GLU D 164 -39.30 -11.28 -20.40
N ALA D 165 -38.48 -11.69 -21.37
CA ALA D 165 -38.42 -11.00 -22.64
C ALA D 165 -37.62 -11.80 -23.65
N PRO D 166 -37.68 -11.41 -24.93
CA PRO D 166 -36.93 -12.12 -25.95
C PRO D 166 -35.43 -12.14 -25.65
N LYS D 167 -34.75 -13.16 -26.16
CA LYS D 167 -33.31 -13.30 -25.94
C LYS D 167 -32.47 -12.13 -26.43
N GLU D 168 -33.10 -11.18 -27.13
CA GLU D 168 -32.38 -10.02 -27.65
C GLU D 168 -32.21 -8.99 -26.55
N GLU D 169 -33.10 -9.03 -25.56
CA GLU D 169 -33.10 -8.09 -24.45
C GLU D 169 -32.43 -8.69 -23.24
N GLY D 170 -31.60 -9.69 -23.45
CA GLY D 170 -30.93 -10.34 -22.33
C GLY D 170 -29.48 -9.93 -22.16
N SER D 171 -28.94 -10.15 -20.97
CA SER D 171 -27.55 -9.80 -20.65
C SER D 171 -26.58 -10.38 -21.66
N PHE D 172 -26.77 -11.65 -21.98
CA PHE D 172 -25.90 -12.33 -22.92
C PHE D 172 -25.85 -11.56 -24.25
N TYR D 173 -27.01 -11.12 -24.72
CA TYR D 173 -27.08 -10.36 -25.97
C TYR D 173 -26.57 -8.93 -25.77
N SER D 174 -27.03 -8.28 -24.72
CA SER D 174 -26.68 -6.90 -24.41
C SER D 174 -25.22 -6.68 -24.02
N LEU D 175 -24.74 -7.47 -23.06
CA LEU D 175 -23.37 -7.33 -22.59
C LEU D 175 -22.42 -8.33 -23.20
N GLY D 176 -22.91 -9.56 -23.36
CA GLY D 176 -22.09 -10.62 -23.92
C GLY D 176 -21.46 -10.23 -25.24
N ILE D 177 -22.30 -9.76 -26.16
CA ILE D 177 -21.83 -9.36 -27.48
C ILE D 177 -20.56 -8.47 -27.41
N HIS D 178 -20.43 -7.71 -26.33
CA HIS D 178 -19.29 -6.82 -26.17
C HIS D 178 -17.98 -7.53 -25.88
N THR D 179 -17.94 -8.30 -24.80
CA THR D 179 -16.74 -9.02 -24.39
C THR D 179 -16.37 -10.16 -25.34
N MET D 180 -17.40 -10.83 -25.87
CA MET D 180 -17.21 -11.93 -26.81
C MET D 180 -16.62 -11.38 -28.11
N ASP D 181 -17.15 -10.24 -28.54
CA ASP D 181 -16.69 -9.61 -29.77
C ASP D 181 -15.19 -9.33 -29.78
N ARG D 182 -14.72 -8.50 -28.86
CA ARG D 182 -13.31 -8.14 -28.82
C ARG D 182 -12.36 -9.33 -28.64
N MET D 183 -12.80 -10.34 -27.90
CA MET D 183 -11.98 -11.53 -27.71
C MET D 183 -11.92 -12.32 -29.03
N ILE D 184 -13.05 -12.34 -29.75
CA ILE D 184 -13.08 -13.04 -31.01
C ILE D 184 -12.23 -12.28 -32.01
N SER D 185 -12.24 -10.96 -31.90
CA SER D 185 -11.45 -10.14 -32.81
C SER D 185 -9.97 -10.27 -32.48
N LEU D 186 -9.67 -11.11 -31.50
CA LEU D 186 -8.29 -11.30 -31.07
C LEU D 186 -7.76 -12.73 -31.29
N PHE D 187 -8.60 -13.71 -31.02
CA PHE D 187 -8.22 -15.10 -31.19
C PHE D 187 -9.03 -15.77 -32.30
N GLY D 188 -9.76 -14.97 -33.05
CA GLY D 188 -10.56 -15.49 -34.15
C GLY D 188 -11.74 -16.35 -33.72
N ARG D 189 -12.25 -17.11 -34.68
CA ARG D 189 -13.39 -17.98 -34.47
C ARG D 189 -12.90 -19.21 -33.70
N PRO D 190 -13.66 -19.64 -32.67
CA PRO D 190 -13.34 -20.81 -31.84
C PRO D 190 -13.68 -22.15 -32.49
N ASN D 191 -13.31 -23.23 -31.82
CA ASN D 191 -13.57 -24.58 -32.30
C ASN D 191 -14.84 -25.13 -31.68
N THR D 192 -15.15 -24.70 -30.47
CA THR D 192 -16.37 -25.15 -29.77
C THR D 192 -16.72 -24.14 -28.66
N VAL D 193 -17.99 -24.11 -28.26
CA VAL D 193 -18.47 -23.17 -27.24
C VAL D 193 -19.33 -23.81 -26.17
N THR D 194 -19.09 -23.43 -24.92
CA THR D 194 -19.84 -23.94 -23.77
C THR D 194 -20.76 -22.83 -23.27
N TYR D 195 -21.90 -23.19 -22.71
CA TYR D 195 -22.83 -22.18 -22.21
C TYR D 195 -23.26 -22.45 -20.77
N ASP D 196 -24.14 -21.58 -20.30
CA ASP D 196 -24.72 -21.60 -18.97
C ASP D 196 -25.35 -20.22 -18.93
N ILE D 197 -26.63 -20.17 -19.29
CA ILE D 197 -27.39 -18.93 -19.32
C ILE D 197 -28.57 -19.17 -18.41
N ARG D 198 -28.94 -18.18 -17.61
CA ARG D 198 -30.10 -18.29 -16.74
C ARG D 198 -30.38 -16.97 -16.03
N ASN D 199 -31.16 -17.03 -14.96
CA ASN D 199 -31.49 -15.84 -14.19
C ASN D 199 -31.50 -16.28 -12.75
N ASN D 200 -30.32 -16.25 -12.13
CA ASN D 200 -30.15 -16.67 -10.75
C ASN D 200 -31.12 -16.06 -9.75
N GLU D 201 -32.11 -15.30 -10.21
CA GLU D 201 -33.10 -14.70 -9.31
C GLU D 201 -34.55 -15.06 -9.63
N VAL D 202 -34.93 -14.94 -10.89
CA VAL D 202 -36.28 -15.29 -11.31
C VAL D 202 -36.23 -16.28 -12.47
N GLU D 203 -36.62 -17.52 -12.17
CA GLU D 203 -36.63 -18.64 -13.11
C GLU D 203 -37.15 -18.28 -14.50
N GLY D 204 -38.32 -17.66 -14.56
CA GLY D 204 -38.89 -17.31 -15.85
C GLY D 204 -38.24 -16.12 -16.56
N ALA D 205 -37.85 -15.11 -15.77
CA ALA D 205 -37.23 -13.88 -16.28
C ALA D 205 -36.09 -14.08 -17.29
N VAL D 206 -35.87 -13.07 -18.12
CA VAL D 206 -34.83 -13.12 -19.15
C VAL D 206 -33.44 -13.25 -18.53
N ASP D 207 -32.50 -13.82 -19.27
CA ASP D 207 -31.15 -14.02 -18.74
C ASP D 207 -30.47 -12.78 -18.21
N ASN D 208 -30.02 -12.87 -16.96
CA ASN D 208 -29.33 -11.78 -16.27
C ASN D 208 -27.96 -12.29 -15.81
N TYR D 209 -27.67 -13.56 -16.08
CA TYR D 209 -26.40 -14.17 -15.70
C TYR D 209 -25.94 -15.05 -16.85
N PHE D 210 -24.63 -15.18 -17.04
CA PHE D 210 -24.14 -16.05 -18.10
C PHE D 210 -22.67 -16.42 -18.01
N ASP D 211 -22.38 -17.70 -18.16
CA ASP D 211 -21.01 -18.17 -18.10
C ASP D 211 -20.72 -18.88 -19.41
N VAL D 212 -19.95 -18.22 -20.26
CA VAL D 212 -19.66 -18.74 -21.58
C VAL D 212 -18.18 -18.99 -21.83
N GLY D 213 -17.88 -20.17 -22.36
CA GLY D 213 -16.50 -20.50 -22.65
C GLY D 213 -16.28 -20.71 -24.13
N LEU D 214 -15.18 -20.18 -24.64
CA LEU D 214 -14.85 -20.33 -26.03
C LEU D 214 -13.57 -21.14 -26.16
N HIS D 215 -13.71 -22.46 -26.30
CA HIS D 215 -12.56 -23.34 -26.44
C HIS D 215 -11.88 -23.14 -27.79
N TYR D 216 -10.59 -22.85 -27.75
CA TYR D 216 -9.80 -22.65 -28.95
C TYR D 216 -8.79 -23.79 -29.01
N GLY D 217 -9.25 -24.96 -29.40
CA GLY D 217 -8.37 -26.11 -29.50
C GLY D 217 -8.19 -26.79 -28.17
N ASN D 218 -6.95 -27.15 -27.86
CA ASN D 218 -6.62 -27.83 -26.61
C ASN D 218 -6.01 -26.87 -25.58
N GLN D 219 -5.28 -25.87 -26.04
CA GLN D 219 -4.66 -24.89 -25.17
C GLN D 219 -5.62 -23.83 -24.62
N LEU D 220 -5.73 -22.74 -25.39
CA LEU D 220 -6.55 -21.58 -25.06
C LEU D 220 -8.02 -21.84 -24.79
N LYS D 221 -8.57 -21.10 -23.83
CA LYS D 221 -9.98 -21.20 -23.46
C LYS D 221 -10.45 -19.88 -22.83
N ILE D 222 -10.89 -18.94 -23.65
CA ILE D 222 -11.34 -17.67 -23.11
C ILE D 222 -12.72 -17.82 -22.48
N LYS D 223 -12.94 -17.13 -21.36
CA LYS D 223 -14.22 -17.15 -20.65
C LYS D 223 -14.87 -15.79 -20.75
N LEU D 224 -16.17 -15.75 -20.50
CA LEU D 224 -16.95 -14.53 -20.55
C LEU D 224 -18.01 -14.67 -19.47
N LYS D 225 -17.96 -13.79 -18.47
CA LYS D 225 -18.94 -13.86 -17.40
C LYS D 225 -19.56 -12.53 -17.05
N THR D 226 -20.81 -12.60 -16.63
CA THR D 226 -21.56 -11.43 -16.22
C THR D 226 -22.49 -11.92 -15.15
N ASN D 227 -22.55 -11.21 -14.05
CA ASN D 227 -23.40 -11.59 -12.94
C ASN D 227 -23.89 -10.30 -12.29
N HIS D 228 -25.19 -10.18 -12.11
CA HIS D 228 -25.74 -8.99 -11.48
C HIS D 228 -25.78 -9.13 -9.96
N ILE D 229 -24.97 -10.03 -9.42
CA ILE D 229 -24.93 -10.23 -7.98
C ILE D 229 -23.52 -10.46 -7.50
N VAL D 230 -22.66 -9.47 -7.72
CA VAL D 230 -21.27 -9.55 -7.29
C VAL D 230 -20.91 -8.35 -6.41
N ALA D 231 -20.69 -8.61 -5.12
CA ALA D 231 -20.34 -7.56 -4.17
C ALA D 231 -18.88 -7.18 -4.29
N LYS D 232 -17.97 -8.15 -4.26
CA LYS D 232 -16.55 -7.90 -4.38
C LYS D 232 -16.16 -8.34 -5.76
N ASP D 233 -15.84 -7.38 -6.63
CA ASP D 233 -15.50 -7.65 -8.02
C ASP D 233 -14.42 -8.65 -8.32
N TYR D 234 -14.58 -9.32 -9.45
CA TYR D 234 -13.60 -10.25 -9.95
C TYR D 234 -12.70 -9.27 -10.66
N PRO D 235 -11.57 -9.75 -11.19
CA PRO D 235 -10.76 -8.76 -11.90
C PRO D 235 -11.54 -8.43 -13.19
N ARG D 236 -11.25 -7.32 -13.82
CA ARG D 236 -11.97 -7.00 -15.03
C ARG D 236 -11.43 -7.94 -16.13
N PHE D 237 -10.16 -8.31 -16.00
CA PHE D 237 -9.52 -9.18 -16.97
C PHE D 237 -8.44 -10.07 -16.37
N ILE D 238 -8.57 -11.38 -16.56
CA ILE D 238 -7.57 -12.34 -16.09
C ILE D 238 -6.93 -12.95 -17.33
N VAL D 239 -5.60 -12.99 -17.39
CA VAL D 239 -4.90 -13.52 -18.56
C VAL D 239 -3.71 -14.42 -18.17
N HIS D 240 -3.83 -15.73 -18.39
CA HIS D 240 -2.73 -16.63 -18.06
C HIS D 240 -2.03 -17.15 -19.31
N GLY D 241 -0.70 -17.11 -19.28
CA GLY D 241 0.10 -17.58 -20.39
C GLY D 241 1.11 -18.61 -19.92
N THR D 242 2.12 -18.88 -20.73
CA THR D 242 3.14 -19.86 -20.35
C THR D 242 4.34 -19.19 -19.70
N ASN D 243 4.48 -17.88 -19.88
CA ASN D 243 5.60 -17.16 -19.29
C ASN D 243 5.16 -16.27 -18.14
N GLY D 244 3.86 -16.23 -17.89
CA GLY D 244 3.35 -15.40 -16.81
C GLY D 244 1.86 -15.07 -16.88
N SER D 245 1.44 -14.11 -16.07
CA SER D 245 0.03 -13.68 -16.04
C SER D 245 -0.09 -12.16 -16.09
N PHE D 246 -1.32 -11.72 -16.31
CA PHE D 246 -1.67 -10.30 -16.37
C PHE D 246 -3.06 -10.14 -15.77
N ILE D 247 -3.17 -9.45 -14.64
CA ILE D 247 -4.49 -9.24 -14.02
C ILE D 247 -4.81 -7.74 -14.07
N LYS D 248 -6.02 -7.41 -14.52
CA LYS D 248 -6.46 -6.03 -14.65
C LYS D 248 -7.77 -5.77 -13.90
N TYR D 249 -7.70 -4.88 -12.91
CA TYR D 249 -8.89 -4.52 -12.15
C TYR D 249 -9.39 -3.17 -12.65
N GLY D 250 -10.69 -2.95 -12.53
CA GLY D 250 -11.28 -1.70 -12.95
C GLY D 250 -11.65 -1.66 -14.41
N GLU D 251 -12.86 -1.19 -14.70
CA GLU D 251 -13.38 -1.06 -16.06
C GLU D 251 -12.94 0.25 -16.65
N ASP D 252 -13.15 0.38 -17.96
CA ASP D 252 -12.84 1.63 -18.65
C ASP D 252 -13.74 2.70 -18.01
N GLN D 253 -13.26 3.93 -17.92
CA GLN D 253 -14.06 4.96 -17.27
C GLN D 253 -14.88 5.88 -18.17
N GLN D 254 -14.80 5.72 -19.49
CA GLN D 254 -15.59 6.59 -20.36
C GLN D 254 -17.07 6.59 -19.96
N GLU D 255 -17.61 5.42 -19.62
CA GLU D 255 -19.01 5.39 -19.27
C GLU D 255 -19.29 6.16 -17.99
N ASN D 256 -18.47 5.96 -16.97
CA ASN D 256 -18.70 6.71 -15.74
C ASN D 256 -18.55 8.21 -15.97
N ASP D 257 -17.55 8.61 -16.75
CA ASP D 257 -17.33 10.04 -17.01
C ASP D 257 -18.49 10.64 -17.79
N LEU D 258 -18.99 9.90 -18.78
CA LEU D 258 -20.12 10.37 -19.57
C LEU D 258 -21.32 10.64 -18.66
N LYS D 259 -21.65 9.68 -17.79
CA LYS D 259 -22.79 9.85 -16.87
C LYS D 259 -22.60 11.03 -15.89
N ALA D 260 -21.38 11.28 -15.44
CA ALA D 260 -21.12 12.38 -14.53
C ALA D 260 -21.03 13.71 -15.31
N GLY D 261 -21.33 13.63 -16.61
CA GLY D 261 -21.30 14.82 -17.43
C GLY D 261 -19.97 15.25 -18.04
N ILE D 262 -18.91 14.46 -17.85
CA ILE D 262 -17.63 14.84 -18.43
C ILE D 262 -17.64 14.43 -19.90
N MET D 263 -17.51 15.41 -20.80
CA MET D 263 -17.56 15.09 -22.21
C MET D 263 -16.20 14.74 -22.80
N PRO D 264 -16.18 13.84 -23.82
CA PRO D 264 -15.01 13.35 -24.54
C PRO D 264 -13.88 14.33 -24.77
N GLU D 265 -14.23 15.56 -25.16
CA GLU D 265 -13.24 16.59 -25.44
C GLU D 265 -12.50 17.11 -24.21
N SER D 266 -13.08 16.89 -23.04
CA SER D 266 -12.46 17.36 -21.80
C SER D 266 -11.14 16.66 -21.50
N ALA D 267 -10.19 17.41 -20.98
CA ALA D 267 -8.89 16.84 -20.65
C ALA D 267 -9.07 15.83 -19.53
N GLY D 268 -8.38 14.70 -19.65
CA GLY D 268 -8.47 13.66 -18.65
C GLY D 268 -9.62 12.70 -18.86
N PHE D 269 -10.46 12.97 -19.85
CA PHE D 269 -11.59 12.08 -20.11
C PHE D 269 -11.16 10.63 -20.29
N GLY D 270 -11.98 9.72 -19.79
CA GLY D 270 -11.72 8.30 -19.92
C GLY D 270 -10.51 7.78 -19.19
N GLU D 271 -9.57 8.66 -18.83
CA GLU D 271 -8.35 8.26 -18.14
C GLU D 271 -8.50 7.28 -16.96
N ASP D 272 -7.69 6.23 -16.98
CA ASP D 272 -7.72 5.22 -15.93
C ASP D 272 -6.80 5.67 -14.79
N SER D 273 -7.06 5.19 -13.58
CA SER D 273 -6.21 5.57 -12.44
C SER D 273 -5.16 4.49 -12.14
N PRO D 274 -3.95 4.92 -11.74
CA PRO D 274 -2.81 4.04 -11.40
C PRO D 274 -3.24 2.83 -10.58
N MET D 275 -3.95 3.14 -9.51
CA MET D 275 -4.51 2.18 -8.60
C MET D 275 -5.04 0.96 -9.37
N TYR D 276 -5.55 1.21 -10.58
CA TYR D 276 -6.12 0.14 -11.39
C TYR D 276 -5.28 -0.33 -12.58
N TYR D 277 -4.05 0.15 -12.71
CA TYR D 277 -3.20 -0.28 -13.82
C TYR D 277 -3.05 -1.79 -13.74
N GLY D 278 -3.02 -2.45 -14.89
CA GLY D 278 -2.86 -3.90 -14.89
C GLY D 278 -1.49 -4.33 -14.37
N ILE D 279 -1.51 -5.43 -13.62
CA ILE D 279 -0.29 -5.99 -13.05
C ILE D 279 0.14 -7.21 -13.88
N ALA D 280 1.37 -7.15 -14.39
CA ALA D 280 1.88 -8.25 -15.18
C ALA D 280 3.02 -8.93 -14.42
N LYS D 281 3.01 -10.26 -14.41
CA LYS D 281 4.05 -11.02 -13.73
C LYS D 281 4.43 -12.15 -14.67
N TYR D 282 5.70 -12.18 -15.07
CA TYR D 282 6.17 -13.20 -15.98
C TYR D 282 7.65 -13.43 -15.76
N ARG D 283 8.24 -14.31 -16.56
CA ARG D 283 9.66 -14.62 -16.49
C ARG D 283 10.27 -14.42 -17.88
N ASN D 284 11.54 -14.02 -17.96
CA ASN D 284 12.16 -13.85 -19.27
C ASN D 284 12.90 -15.11 -19.67
N ALA D 285 13.64 -15.05 -20.77
CA ALA D 285 14.38 -16.21 -21.23
C ALA D 285 15.47 -16.61 -20.23
N ASN D 286 15.76 -15.74 -19.28
CA ASN D 286 16.78 -15.99 -18.26
C ASN D 286 16.19 -16.73 -17.06
N GLY D 287 14.87 -16.79 -16.98
CA GLY D 287 14.21 -17.45 -15.87
C GLY D 287 13.89 -16.52 -14.71
N ASP D 288 14.29 -15.25 -14.80
CA ASP D 288 14.04 -14.26 -13.76
C ASP D 288 12.59 -13.86 -13.76
N TRP D 289 12.05 -13.57 -12.59
CA TRP D 289 10.66 -13.12 -12.51
C TRP D 289 10.54 -11.60 -12.59
N ILE D 290 9.42 -11.14 -13.13
CA ILE D 290 9.18 -9.71 -13.30
C ILE D 290 7.74 -9.33 -12.99
N GLU D 291 7.56 -8.48 -12.00
CA GLU D 291 6.25 -8.02 -11.60
C GLU D 291 6.27 -6.51 -11.81
N LYS D 292 5.57 -6.03 -12.85
CA LYS D 292 5.54 -4.62 -13.15
C LYS D 292 4.14 -4.19 -13.52
N GLN D 293 3.92 -2.87 -13.59
CA GLN D 293 2.60 -2.32 -13.95
C GLN D 293 2.54 -1.90 -15.42
N ILE D 294 1.38 -2.08 -16.01
CA ILE D 294 1.17 -1.71 -17.41
C ILE D 294 0.19 -0.55 -17.46
N LYS D 295 0.72 0.62 -17.78
CA LYS D 295 -0.07 1.85 -17.90
C LYS D 295 -1.25 1.59 -18.85
N THR D 296 -2.47 1.70 -18.34
CA THR D 296 -3.65 1.47 -19.15
C THR D 296 -3.67 2.42 -20.35
N PRO D 297 -3.93 1.90 -21.55
CA PRO D 297 -3.96 2.80 -22.70
C PRO D 297 -5.26 3.57 -22.70
N LEU D 298 -5.19 4.83 -23.13
CA LEU D 298 -6.34 5.71 -23.20
C LEU D 298 -7.39 5.12 -24.15
N GLY D 299 -8.65 5.07 -23.69
CA GLY D 299 -9.73 4.54 -24.51
C GLY D 299 -10.62 5.63 -25.09
N ASP D 300 -10.98 5.50 -26.36
CA ASP D 300 -11.82 6.49 -27.05
C ASP D 300 -12.89 5.81 -27.88
N TYR D 301 -14.14 5.83 -27.41
CA TYR D 301 -15.23 5.21 -28.17
C TYR D 301 -15.40 5.83 -29.57
N GLY D 302 -14.91 7.05 -29.75
CA GLY D 302 -15.02 7.68 -31.05
C GLY D 302 -14.20 6.96 -32.10
N ARG D 303 -13.08 6.38 -31.70
CA ARG D 303 -12.20 5.66 -32.62
C ARG D 303 -12.97 4.72 -33.53
N PHE D 304 -14.22 4.41 -33.20
CA PHE D 304 -15.01 3.53 -34.05
C PHE D 304 -15.44 4.32 -35.28
N TYR D 305 -16.03 5.49 -35.06
CA TYR D 305 -16.48 6.33 -36.15
C TYR D 305 -15.29 6.73 -37.02
N ASP D 306 -14.11 6.71 -36.43
CA ASP D 306 -12.90 7.06 -37.16
C ASP D 306 -12.57 5.90 -38.12
N ALA D 307 -12.94 4.69 -37.72
CA ALA D 307 -12.71 3.50 -38.54
C ALA D 307 -13.74 3.45 -39.66
N ALA D 308 -15.01 3.55 -39.29
CA ALA D 308 -16.09 3.51 -40.26
C ALA D 308 -15.92 4.65 -41.26
N TYR D 309 -15.18 5.67 -40.87
CA TYR D 309 -14.93 6.80 -41.76
C TYR D 309 -14.03 6.34 -42.89
N ASP D 310 -12.87 5.78 -42.54
CA ASP D 310 -11.95 5.31 -43.56
C ASP D 310 -12.63 4.29 -44.46
N THR D 311 -13.18 3.25 -43.85
CA THR D 311 -13.87 2.20 -44.59
C THR D 311 -14.85 2.77 -45.62
N ILE D 312 -15.38 3.96 -45.36
CA ILE D 312 -16.34 4.59 -46.26
C ILE D 312 -15.70 5.56 -47.26
N VAL D 313 -14.70 6.30 -46.82
CA VAL D 313 -14.03 7.25 -47.70
C VAL D 313 -12.82 6.64 -48.40
N ASN D 314 -11.77 6.34 -47.64
CA ASN D 314 -10.56 5.76 -48.21
C ASN D 314 -10.66 4.24 -48.39
N GLY D 315 -11.88 3.71 -48.29
CA GLY D 315 -12.10 2.28 -48.46
C GLY D 315 -11.22 1.37 -47.62
N ALA D 316 -10.71 1.90 -46.51
CA ALA D 316 -9.85 1.13 -45.61
C ALA D 316 -10.59 -0.12 -45.11
N PRO D 317 -9.83 -1.15 -44.71
CA PRO D 317 -10.43 -2.40 -44.21
C PRO D 317 -11.43 -2.20 -43.08
N LYS D 318 -12.65 -2.66 -43.32
CA LYS D 318 -13.74 -2.56 -42.34
C LYS D 318 -13.31 -3.11 -40.99
N LEU D 319 -13.48 -2.32 -39.94
CA LEU D 319 -13.11 -2.71 -38.58
C LEU D 319 -13.67 -4.05 -38.14
N VAL D 320 -15.00 -4.18 -38.13
CA VAL D 320 -15.64 -5.42 -37.73
C VAL D 320 -15.83 -6.35 -38.92
N LYS D 321 -14.93 -7.32 -39.06
CA LYS D 321 -14.99 -8.28 -40.16
C LYS D 321 -16.34 -8.99 -40.20
N ASP D 322 -16.82 -9.26 -41.41
CA ASP D 322 -18.10 -9.93 -41.58
C ASP D 322 -18.00 -11.32 -40.98
N GLU D 323 -16.76 -11.77 -40.83
CA GLU D 323 -16.47 -13.08 -40.27
C GLU D 323 -16.71 -13.04 -38.76
N GLU D 324 -16.37 -11.93 -38.15
CA GLU D 324 -16.56 -11.75 -36.71
C GLU D 324 -18.04 -11.54 -36.44
N ALA D 325 -18.65 -10.61 -37.16
CA ALA D 325 -20.08 -10.32 -36.98
C ALA D 325 -20.92 -11.59 -37.01
N VAL D 326 -20.74 -12.40 -38.05
CA VAL D 326 -21.51 -13.64 -38.18
C VAL D 326 -21.15 -14.64 -37.07
N THR D 327 -19.87 -14.70 -36.70
CA THR D 327 -19.45 -15.61 -35.66
C THR D 327 -20.13 -15.24 -34.34
N ASN D 328 -20.04 -13.96 -33.98
CA ASN D 328 -20.65 -13.46 -32.76
C ASN D 328 -22.10 -13.88 -32.65
N ILE D 329 -22.89 -13.59 -33.68
CA ILE D 329 -24.31 -13.93 -33.67
C ILE D 329 -24.58 -15.42 -33.57
N GLU D 330 -23.72 -16.21 -34.22
CA GLU D 330 -23.87 -17.66 -34.20
C GLU D 330 -23.83 -18.15 -32.75
N ILE D 331 -22.76 -17.79 -32.05
CA ILE D 331 -22.57 -18.18 -30.67
C ILE D 331 -23.71 -17.65 -29.80
N LEU D 332 -24.07 -16.40 -30.05
CA LEU D 332 -25.12 -15.74 -29.30
C LEU D 332 -26.45 -16.45 -29.48
N GLU D 333 -26.73 -16.86 -30.72
CA GLU D 333 -27.98 -17.55 -31.00
C GLU D 333 -28.03 -18.96 -30.42
N ASN D 334 -27.15 -19.82 -30.92
CA ASN D 334 -27.10 -21.19 -30.45
C ASN D 334 -27.06 -21.33 -28.93
N GLY D 335 -26.90 -20.21 -28.24
CA GLY D 335 -26.85 -20.26 -26.78
C GLY D 335 -28.18 -20.63 -26.17
N PHE D 336 -29.22 -20.69 -26.99
CA PHE D 336 -30.56 -21.02 -26.49
C PHE D 336 -31.17 -22.23 -27.22
N ALA D 337 -30.35 -22.87 -28.05
CA ALA D 337 -30.78 -24.04 -28.82
C ALA D 337 -31.37 -25.12 -27.90
N ALA D 338 -30.73 -25.32 -26.75
CA ALA D 338 -31.17 -26.32 -25.78
C ALA D 338 -30.97 -25.82 -24.35
N PRO D 339 -31.81 -26.28 -23.42
CA PRO D 339 -31.71 -25.87 -22.02
C PRO D 339 -30.27 -25.81 -21.51
N SER D 340 -30.00 -24.89 -20.60
CA SER D 340 -28.66 -24.74 -20.04
C SER D 340 -28.42 -25.70 -18.89
N PRO D 341 -27.18 -26.18 -18.71
CA PRO D 341 -26.01 -25.84 -19.54
C PRO D 341 -25.99 -26.60 -20.86
N SER D 342 -25.11 -26.22 -21.78
CA SER D 342 -25.06 -26.87 -23.07
C SER D 342 -23.67 -26.80 -23.72
N VAL D 343 -23.55 -27.41 -24.91
CA VAL D 343 -22.31 -27.40 -25.68
C VAL D 343 -22.68 -27.25 -27.16
N TYR D 344 -21.78 -26.66 -27.95
CA TYR D 344 -22.05 -26.44 -29.36
C TYR D 344 -20.75 -26.20 -30.14
N LYS D 345 -20.50 -26.98 -31.19
CA LYS D 345 -19.27 -26.80 -31.97
C LYS D 345 -19.53 -25.97 -33.23
N LEU D 346 -18.47 -25.45 -33.85
CA LEU D 346 -18.61 -24.63 -35.05
C LEU D 346 -17.90 -25.17 -36.30
N PHE E 10 -39.71 -5.12 26.08
CA PHE E 10 -39.25 -6.28 25.28
C PHE E 10 -39.26 -5.94 23.80
N GLY E 11 -38.26 -6.42 23.07
CA GLY E 11 -38.18 -6.16 21.65
C GLY E 11 -36.77 -6.05 21.10
N LYS E 12 -36.51 -4.96 20.38
CA LYS E 12 -35.21 -4.73 19.78
C LYS E 12 -34.06 -4.85 20.77
N SER E 13 -33.82 -3.79 21.53
CA SER E 13 -32.74 -3.76 22.50
C SER E 13 -32.68 -4.97 23.44
N ALA E 14 -33.81 -5.34 24.02
CA ALA E 14 -33.87 -6.48 24.94
C ALA E 14 -33.31 -7.75 24.31
N ASN E 15 -33.81 -8.08 23.12
CA ASN E 15 -33.40 -9.27 22.38
C ASN E 15 -32.06 -9.11 21.68
N ARG E 16 -31.58 -7.87 21.62
CA ARG E 16 -30.32 -7.57 20.94
C ARG E 16 -29.11 -7.35 21.87
N TYR E 17 -29.12 -6.27 22.64
CA TYR E 17 -28.00 -5.94 23.50
C TYR E 17 -28.17 -6.31 24.97
N HIS E 18 -28.76 -7.48 25.24
CA HIS E 18 -28.97 -7.89 26.62
C HIS E 18 -28.96 -9.40 26.82
N LEU E 19 -30.15 -10.00 26.72
CA LEU E 19 -30.33 -11.43 26.91
C LEU E 19 -29.17 -12.30 26.42
N PRO E 20 -28.82 -12.23 25.12
CA PRO E 20 -27.72 -13.04 24.57
C PRO E 20 -26.45 -13.03 25.42
N TYR E 21 -26.25 -11.95 26.15
CA TYR E 21 -25.07 -11.81 27.01
C TYR E 21 -25.32 -12.43 28.37
N LEU E 22 -26.58 -12.47 28.78
CA LEU E 22 -26.95 -13.03 30.06
C LEU E 22 -27.11 -14.54 29.98
N LYS E 23 -27.38 -15.04 28.78
CA LYS E 23 -27.54 -16.48 28.57
C LYS E 23 -26.21 -17.21 28.78
N THR E 24 -25.26 -16.53 29.41
CA THR E 24 -23.94 -17.10 29.70
C THR E 24 -23.59 -16.70 31.13
N ARG E 25 -24.46 -15.89 31.72
CA ARG E 25 -24.27 -15.43 33.09
C ARG E 25 -25.02 -16.35 34.06
N ASN E 26 -24.34 -16.76 35.12
CA ASN E 26 -24.94 -17.65 36.11
C ASN E 26 -25.42 -16.87 37.33
N ASN E 27 -24.55 -16.03 37.87
CA ASN E 27 -24.89 -15.20 39.03
C ASN E 27 -26.15 -14.40 38.74
N ILE E 28 -26.47 -14.25 37.46
CA ILE E 28 -27.65 -13.52 37.04
C ILE E 28 -28.72 -14.46 36.48
N LYS E 29 -29.98 -14.15 36.76
CA LYS E 29 -31.10 -14.95 36.29
C LYS E 29 -32.36 -14.12 36.10
N VAL E 30 -32.71 -13.86 34.84
CA VAL E 30 -33.88 -13.06 34.52
C VAL E 30 -35.17 -13.87 34.73
N LYS E 31 -36.30 -13.23 34.48
CA LYS E 31 -37.59 -13.88 34.64
C LYS E 31 -38.71 -12.86 34.84
N THR E 32 -39.65 -12.83 33.90
CA THR E 32 -40.77 -11.90 33.98
C THR E 32 -40.91 -11.11 32.68
N ILE E 33 -40.39 -9.88 32.69
CA ILE E 33 -40.45 -9.01 31.53
C ILE E 33 -41.90 -8.77 31.09
N PHE E 34 -42.32 -7.51 31.16
CA PHE E 34 -43.68 -7.14 30.77
C PHE E 34 -43.78 -6.88 29.27
N ILE E 71 -36.24 -2.93 31.19
CA ILE E 71 -36.20 -1.49 31.40
C ILE E 71 -35.82 -0.80 30.09
N CYS E 72 -36.47 -1.20 29.01
CA CYS E 72 -36.16 -0.65 27.69
C CYS E 72 -37.33 0.08 27.01
N THR E 73 -38.23 0.64 27.82
CA THR E 73 -39.39 1.36 27.30
C THR E 73 -38.99 2.48 26.37
N PRO E 74 -39.82 2.75 25.37
CA PRO E 74 -39.56 3.80 24.40
C PRO E 74 -38.96 5.04 25.06
N ALA E 75 -38.18 5.79 24.29
CA ALA E 75 -37.53 6.99 24.79
C ALA E 75 -38.55 8.04 25.25
N HIS E 76 -39.75 7.98 24.67
CA HIS E 76 -40.81 8.91 25.04
C HIS E 76 -41.20 8.69 26.50
N THR E 77 -41.45 7.43 26.86
CA THR E 77 -41.84 7.06 28.21
C THR E 77 -40.72 6.32 28.92
N HIS E 78 -39.89 7.07 29.64
CA HIS E 78 -38.77 6.49 30.39
C HIS E 78 -38.66 7.04 31.82
N TYR E 79 -39.04 8.30 32.01
CA TYR E 79 -38.99 8.93 33.33
C TYR E 79 -39.83 8.20 34.37
N GLU E 80 -41.13 8.12 34.12
CA GLU E 80 -42.07 7.46 35.03
C GLU E 80 -41.50 6.18 35.64
N LEU E 81 -41.16 5.23 34.78
CA LEU E 81 -40.61 3.96 35.22
C LEU E 81 -39.29 4.16 35.97
N SER E 91 -33.90 -0.73 42.75
CA SER E 91 -32.80 -0.43 41.87
C SER E 91 -33.26 -0.45 40.41
N VAL E 92 -32.98 0.64 39.67
CA VAL E 92 -33.40 0.71 38.28
C VAL E 92 -32.23 0.77 37.30
N ILE E 93 -32.41 0.12 36.15
CA ILE E 93 -31.42 0.08 35.09
C ILE E 93 -32.07 0.69 33.86
N VAL E 94 -32.11 2.02 33.79
CA VAL E 94 -32.72 2.71 32.66
C VAL E 94 -31.82 2.68 31.41
N GLU E 95 -32.46 2.56 30.25
CA GLU E 95 -31.71 2.52 29.01
C GLU E 95 -31.53 3.93 28.48
N LYS E 96 -30.75 4.07 27.42
CA LYS E 96 -30.47 5.39 26.84
C LYS E 96 -31.53 5.84 25.82
N PRO E 97 -31.93 7.12 25.90
CA PRO E 97 -31.41 8.06 26.90
C PRO E 97 -32.02 7.80 28.28
N PHE E 98 -31.24 8.09 29.32
CA PHE E 98 -31.65 7.91 30.71
C PHE E 98 -32.92 8.66 31.06
N CYS E 99 -32.91 9.96 30.80
CA CYS E 99 -34.04 10.82 31.09
C CYS E 99 -34.13 11.96 30.08
N ASP E 100 -35.21 12.72 30.17
CA ASP E 100 -35.46 13.84 29.26
C ASP E 100 -34.78 15.15 29.68
N THR E 101 -35.16 15.66 30.85
CA THR E 101 -34.60 16.91 31.34
C THR E 101 -33.62 16.68 32.50
N VAL E 102 -32.80 17.69 32.76
CA VAL E 102 -31.82 17.62 33.83
C VAL E 102 -32.49 17.36 35.17
N GLU E 103 -33.47 18.20 35.51
CA GLU E 103 -34.21 18.08 36.76
C GLU E 103 -34.77 16.69 36.96
N HIS E 104 -35.53 16.23 35.99
CA HIS E 104 -36.13 14.90 36.05
C HIS E 104 -35.09 13.82 36.32
N ALA E 105 -33.88 14.06 35.85
CA ALA E 105 -32.78 13.12 36.03
C ALA E 105 -32.33 13.06 37.49
N LYS E 106 -31.98 14.20 38.06
CA LYS E 106 -31.54 14.26 39.45
C LYS E 106 -32.59 13.60 40.32
N GLU E 107 -33.82 14.13 40.25
CA GLU E 107 -34.93 13.61 41.03
C GLU E 107 -35.05 12.09 40.87
N LEU E 108 -35.15 11.63 39.63
CA LEU E 108 -35.27 10.21 39.35
C LEU E 108 -34.13 9.43 39.99
N LEU E 109 -33.05 10.12 40.31
CA LEU E 109 -31.89 9.49 40.93
C LEU E 109 -31.86 9.66 42.45
N ALA E 110 -32.29 10.84 42.91
CA ALA E 110 -32.31 11.14 44.34
C ALA E 110 -33.36 10.27 45.04
N LEU E 111 -34.54 10.16 44.43
CA LEU E 111 -35.61 9.35 45.00
C LEU E 111 -35.13 7.92 45.17
N GLY E 112 -34.15 7.53 44.37
CA GLY E 112 -33.59 6.18 44.45
C GLY E 112 -32.62 6.05 45.60
N ARG E 113 -32.04 7.19 46.01
CA ARG E 113 -31.08 7.22 47.11
C ARG E 113 -31.86 7.35 48.43
N GLU E 114 -33.19 7.25 48.31
CA GLU E 114 -34.08 7.34 49.47
C GLU E 114 -34.49 5.93 49.86
N LYS E 115 -35.10 5.21 48.91
CA LYS E 115 -35.54 3.85 49.15
C LYS E 115 -34.35 2.93 49.40
N GLY E 116 -33.14 3.46 49.18
CA GLY E 116 -31.94 2.68 49.41
C GLY E 116 -31.56 1.70 48.31
N VAL E 117 -31.88 2.04 47.06
CA VAL E 117 -31.56 1.18 45.93
C VAL E 117 -30.63 1.91 44.97
N VAL E 118 -30.00 1.15 44.07
CA VAL E 118 -29.06 1.71 43.10
C VAL E 118 -29.73 2.04 41.77
N VAL E 119 -29.53 3.27 41.30
CA VAL E 119 -30.10 3.74 40.04
C VAL E 119 -29.00 4.18 39.08
N MET E 120 -28.72 3.38 38.05
CA MET E 120 -27.68 3.73 37.09
C MET E 120 -28.10 3.50 35.64
N PRO E 121 -27.81 4.48 34.75
CA PRO E 121 -28.16 4.36 33.33
C PRO E 121 -27.32 3.30 32.62
N TYR E 122 -27.87 2.69 31.59
CA TYR E 122 -27.20 1.65 30.85
C TYR E 122 -26.28 2.18 29.75
N GLN E 123 -25.01 2.39 30.08
CA GLN E 123 -24.03 2.88 29.10
C GLN E 123 -23.12 1.73 28.69
N ASN E 124 -23.64 0.80 27.90
CA ASN E 124 -22.89 -0.36 27.45
C ASN E 124 -21.76 -0.12 26.45
N ARG E 125 -21.82 0.99 25.73
CA ARG E 125 -20.76 1.23 24.77
C ARG E 125 -19.47 1.70 25.44
N ARG E 126 -19.44 1.66 26.78
CA ARG E 126 -18.21 2.01 27.49
C ARG E 126 -17.37 0.74 27.37
N PHE E 127 -17.88 -0.22 26.61
CA PHE E 127 -17.20 -1.48 26.42
C PHE E 127 -17.09 -1.89 24.95
N ASP E 128 -17.05 -0.87 24.08
CA ASP E 128 -16.84 -1.09 22.66
C ASP E 128 -15.33 -1.30 22.58
N GLY E 129 -14.87 -2.17 21.69
CA GLY E 129 -13.44 -2.35 21.55
C GLY E 129 -12.77 -1.01 21.19
N ASP E 130 -13.25 -0.37 20.13
CA ASP E 130 -12.65 0.89 19.72
C ASP E 130 -12.45 1.86 20.87
N PHE E 131 -13.49 2.08 21.68
CA PHE E 131 -13.32 3.00 22.79
C PHE E 131 -12.30 2.50 23.83
N LEU E 132 -12.26 1.19 24.08
CA LEU E 132 -11.33 0.67 25.06
C LEU E 132 -9.91 0.92 24.62
N ALA E 133 -9.69 0.80 23.31
CA ALA E 133 -8.37 1.03 22.74
C ALA E 133 -7.89 2.42 23.09
N VAL E 134 -8.70 3.45 22.82
CA VAL E 134 -8.25 4.79 23.14
C VAL E 134 -8.20 5.01 24.64
N LYS E 135 -8.90 4.17 25.39
CA LYS E 135 -8.87 4.29 26.85
C LYS E 135 -7.50 3.79 27.31
N GLN E 136 -7.15 2.59 26.85
CA GLN E 136 -5.88 2.01 27.20
C GLN E 136 -4.73 2.94 26.82
N VAL E 137 -4.79 3.50 25.60
CA VAL E 137 -3.73 4.39 25.13
C VAL E 137 -3.70 5.65 25.97
N VAL E 138 -4.84 6.27 26.20
CA VAL E 138 -4.81 7.47 27.03
C VAL E 138 -4.28 7.18 28.45
N GLU E 139 -4.72 6.08 29.06
CA GLU E 139 -4.24 5.77 30.42
C GLU E 139 -2.72 5.63 30.42
N GLN E 140 -2.18 4.87 29.49
CA GLN E 140 -0.73 4.68 29.38
C GLN E 140 0.00 6.00 29.19
N GLY E 141 -0.65 6.95 28.54
CA GLY E 141 -0.06 8.28 28.35
C GLY E 141 1.18 8.53 27.52
N PHE E 142 1.57 7.63 26.62
CA PHE E 142 2.75 7.90 25.82
C PHE E 142 2.50 9.01 24.82
N LEU E 143 1.24 9.28 24.53
CA LEU E 143 0.90 10.36 23.61
C LEU E 143 0.99 11.74 24.28
N GLY E 144 1.46 11.77 25.53
CA GLY E 144 1.55 13.02 26.27
C GLY E 144 0.18 13.64 26.60
N ASP E 145 0.13 14.97 26.67
CA ASP E 145 -1.13 15.64 26.95
C ASP E 145 -2.03 15.64 25.72
N ILE E 146 -3.22 15.09 25.88
CA ILE E 146 -4.20 15.02 24.82
C ILE E 146 -4.64 16.44 24.50
N ILE E 147 -4.62 16.84 23.23
CA ILE E 147 -5.06 18.20 22.92
C ILE E 147 -6.33 18.18 22.08
N GLU E 148 -6.70 17.00 21.61
CA GLU E 148 -7.92 16.85 20.82
C GLU E 148 -8.21 15.41 20.48
N ILE E 149 -9.49 15.06 20.46
CA ILE E 149 -9.90 13.72 20.09
C ILE E 149 -11.23 13.90 19.40
N GLU E 150 -11.43 13.13 18.33
CA GLU E 150 -12.66 13.21 17.58
C GLU E 150 -13.31 11.83 17.63
N SER E 151 -14.59 11.79 17.97
CA SER E 151 -15.29 10.51 18.06
C SER E 151 -16.39 10.51 17.05
N HIS E 152 -16.37 9.55 16.15
CA HIS E 152 -17.35 9.47 15.08
C HIS E 152 -18.31 8.30 15.12
N ILE E 153 -19.54 8.56 14.70
CA ILE E 153 -20.55 7.53 14.56
C ILE E 153 -21.42 7.98 13.38
N ASP E 154 -21.08 7.49 12.19
CA ASP E 154 -21.79 7.84 10.98
C ASP E 154 -22.30 6.63 10.22
N TYR E 155 -23.05 6.93 9.16
CA TYR E 155 -23.63 5.91 8.28
C TYR E 155 -23.78 6.57 6.91
N PHE E 156 -24.28 5.80 5.96
CA PHE E 156 -24.59 6.33 4.65
C PHE E 156 -26.03 5.87 4.44
N ARG E 157 -26.96 6.63 4.98
CA ARG E 157 -28.38 6.31 4.89
C ARG E 157 -29.14 7.55 4.47
N PRO E 158 -28.93 8.02 3.24
CA PRO E 158 -29.63 9.21 2.74
C PRO E 158 -31.14 8.99 2.70
N GLY E 159 -31.91 10.04 2.96
CA GLY E 159 -33.35 9.95 2.93
C GLY E 159 -33.93 9.04 3.99
N SER E 160 -33.08 8.62 4.92
CA SER E 160 -33.49 7.74 6.01
C SER E 160 -34.54 8.47 6.85
N ILE E 161 -34.09 9.54 7.50
CA ILE E 161 -34.94 10.35 8.36
C ILE E 161 -35.48 11.57 7.60
N THR E 162 -36.80 11.69 7.54
CA THR E 162 -37.46 12.80 6.85
C THR E 162 -38.72 13.23 7.58
N HIS E 163 -38.86 12.76 8.82
CA HIS E 163 -40.03 13.06 9.65
C HIS E 163 -39.67 13.95 10.84
N GLU E 164 -40.69 14.49 11.50
CA GLU E 164 -40.48 15.34 12.68
C GLU E 164 -40.88 14.58 13.94
N ALA E 165 -40.24 14.93 15.06
CA ALA E 165 -40.51 14.26 16.34
C ALA E 165 -39.80 14.94 17.51
N PRO E 166 -40.10 14.50 18.75
CA PRO E 166 -39.50 15.08 19.96
C PRO E 166 -37.98 14.91 20.02
N LYS E 167 -37.27 15.91 20.55
CA LYS E 167 -35.83 15.86 20.61
C LYS E 167 -35.21 14.61 21.22
N GLU E 168 -35.92 13.98 22.16
CA GLU E 168 -35.41 12.78 22.81
C GLU E 168 -35.13 11.64 21.85
N GLU E 169 -35.81 11.61 20.71
CA GLU E 169 -35.62 10.55 19.73
C GLU E 169 -34.86 11.04 18.50
N GLY E 170 -33.86 11.88 18.75
CA GLY E 170 -33.03 12.39 17.68
C GLY E 170 -31.64 11.79 17.77
N SER E 171 -30.87 11.91 16.70
CA SER E 171 -29.51 11.35 16.66
C SER E 171 -28.68 11.75 17.88
N PHE E 172 -28.66 13.04 18.21
CA PHE E 172 -27.88 13.49 19.34
C PHE E 172 -28.27 12.78 20.65
N TYR E 173 -29.57 12.59 20.86
CA TYR E 173 -30.05 11.90 22.07
C TYR E 173 -29.83 10.39 22.00
N SER E 174 -30.15 9.78 20.86
CA SER E 174 -30.01 8.33 20.74
C SER E 174 -28.67 7.81 20.20
N LEU E 175 -27.69 8.70 20.09
CA LEU E 175 -26.36 8.31 19.61
C LEU E 175 -25.31 9.18 20.29
N GLY E 176 -25.60 10.47 20.38
CA GLY E 176 -24.65 11.36 21.02
C GLY E 176 -24.35 10.86 22.41
N ILE E 177 -25.36 10.34 23.07
CA ILE E 177 -25.22 9.84 24.43
C ILE E 177 -24.16 8.74 24.57
N HIS E 178 -24.03 7.91 23.54
CA HIS E 178 -23.06 6.84 23.57
C HIS E 178 -21.62 7.33 23.46
N THR E 179 -21.37 8.26 22.54
CA THR E 179 -20.02 8.76 22.38
C THR E 179 -19.71 9.85 23.39
N MET E 180 -20.74 10.55 23.86
CA MET E 180 -20.51 11.60 24.85
C MET E 180 -20.16 11.01 26.22
N ASP E 181 -20.90 9.98 26.62
CA ASP E 181 -20.71 9.33 27.91
C ASP E 181 -19.29 8.84 28.15
N ARG E 182 -18.77 8.02 27.26
CA ARG E 182 -17.43 7.48 27.42
C ARG E 182 -16.31 8.54 27.43
N MET E 183 -16.46 9.60 26.65
CA MET E 183 -15.44 10.63 26.68
C MET E 183 -15.57 11.34 28.03
N ILE E 184 -16.80 11.41 28.54
CA ILE E 184 -17.09 12.06 29.82
C ILE E 184 -16.55 11.26 30.99
N SER E 185 -16.65 9.94 30.89
CA SER E 185 -16.19 9.05 31.96
C SER E 185 -14.68 8.85 31.91
N LEU E 186 -13.99 9.75 31.21
CA LEU E 186 -12.55 9.62 31.07
C LEU E 186 -11.90 10.98 31.23
N PHE E 187 -12.63 12.03 30.87
CA PHE E 187 -12.09 13.37 30.98
C PHE E 187 -12.91 14.28 31.89
N GLY E 188 -14.06 13.76 32.32
CA GLY E 188 -14.92 14.49 33.23
C GLY E 188 -15.87 15.48 32.59
N ARG E 189 -16.43 16.34 33.44
CA ARG E 189 -17.37 17.37 33.06
C ARG E 189 -16.57 18.47 32.37
N PRO E 190 -17.06 18.98 31.23
CA PRO E 190 -16.41 20.04 30.46
C PRO E 190 -16.79 21.48 30.85
N ASN E 191 -15.84 22.41 30.71
CA ASN E 191 -16.04 23.82 31.03
C ASN E 191 -16.91 24.61 30.06
N THR E 192 -17.22 24.02 28.90
CA THR E 192 -18.05 24.70 27.91
C THR E 192 -18.34 23.77 26.73
N VAL E 193 -19.55 23.87 26.16
CA VAL E 193 -19.93 23.00 25.05
C VAL E 193 -20.37 23.76 23.81
N THR E 194 -20.06 23.19 22.65
CA THR E 194 -20.39 23.80 21.37
C THR E 194 -21.33 22.91 20.59
N TYR E 195 -22.38 23.52 20.06
CA TYR E 195 -23.39 22.75 19.35
C TYR E 195 -23.63 23.06 17.88
N ASP E 196 -23.80 22.01 17.10
CA ASP E 196 -24.15 22.11 15.69
C ASP E 196 -25.05 20.89 15.55
N ILE E 197 -26.36 21.13 15.67
CA ILE E 197 -27.34 20.05 15.59
C ILE E 197 -28.42 20.39 14.60
N ARG E 198 -28.68 19.49 13.66
CA ARG E 198 -29.70 19.76 12.67
C ARG E 198 -30.01 18.51 11.86
N ASN E 199 -30.90 18.68 10.88
CA ASN E 199 -31.23 17.60 9.97
C ASN E 199 -30.79 18.19 8.64
N ASN E 200 -29.73 17.61 8.07
CA ASN E 200 -29.19 18.13 6.82
C ASN E 200 -29.95 17.72 5.58
N GLU E 201 -31.03 16.97 5.77
CA GLU E 201 -31.84 16.53 4.65
C GLU E 201 -33.19 17.25 4.58
N VAL E 202 -33.85 17.44 5.71
CA VAL E 202 -35.14 18.13 5.76
C VAL E 202 -35.11 19.25 6.81
N GLU E 203 -35.08 20.50 6.33
CA GLU E 203 -35.01 21.70 7.16
C GLU E 203 -35.63 21.69 8.57
N GLY E 204 -36.69 20.93 8.79
CA GLY E 204 -37.29 20.95 10.11
C GLY E 204 -37.51 19.60 10.79
N ALA E 205 -37.23 18.53 10.09
CA ALA E 205 -37.39 17.19 10.65
C ALA E 205 -36.53 17.06 11.91
N VAL E 206 -36.67 15.94 12.61
CA VAL E 206 -35.88 15.71 13.82
C VAL E 206 -34.42 15.62 13.38
N ASP E 207 -33.53 16.08 14.25
CA ASP E 207 -32.08 16.08 14.00
C ASP E 207 -31.57 14.72 13.60
N ASN E 208 -30.73 14.72 12.56
CA ASN E 208 -30.12 13.49 12.08
C ASN E 208 -28.66 13.76 11.84
N TYR E 209 -28.16 14.81 12.47
CA TYR E 209 -26.77 15.22 12.33
C TYR E 209 -26.35 16.05 13.53
N PHE E 210 -25.11 15.88 13.97
CA PHE E 210 -24.62 16.70 15.06
C PHE E 210 -23.11 16.72 15.15
N ASP E 211 -22.60 17.89 15.52
CA ASP E 211 -21.17 18.12 15.68
C ASP E 211 -21.07 18.88 16.98
N VAL E 212 -20.67 18.18 18.02
CA VAL E 212 -20.61 18.81 19.34
C VAL E 212 -19.21 18.79 19.92
N GLY E 213 -18.75 19.97 20.35
CA GLY E 213 -17.42 20.02 20.94
C GLY E 213 -17.43 20.27 22.44
N LEU E 214 -16.71 19.42 23.16
CA LEU E 214 -16.59 19.53 24.62
C LEU E 214 -15.23 20.14 24.92
N HIS E 215 -15.23 21.37 25.41
CA HIS E 215 -13.99 22.07 25.74
C HIS E 215 -13.56 21.85 27.19
N TYR E 216 -12.31 21.43 27.35
CA TYR E 216 -11.71 21.19 28.67
C TYR E 216 -10.59 22.19 28.81
N GLY E 217 -10.94 23.38 29.26
CA GLY E 217 -9.92 24.39 29.42
C GLY E 217 -9.48 25.02 28.12
N ASN E 218 -8.20 25.35 28.06
CA ASN E 218 -7.59 26.01 26.92
C ASN E 218 -6.89 25.03 25.98
N GLN E 219 -6.36 23.96 26.57
CA GLN E 219 -5.61 22.92 25.86
C GLN E 219 -6.41 21.79 25.19
N LEU E 220 -7.43 21.29 25.88
CA LEU E 220 -8.19 20.14 25.37
C LEU E 220 -9.60 20.37 24.88
N LYS E 221 -9.93 19.70 23.78
CA LYS E 221 -11.24 19.75 23.17
C LYS E 221 -11.50 18.40 22.54
N ILE E 222 -12.70 17.89 22.68
CA ILE E 222 -13.03 16.63 22.06
C ILE E 222 -14.36 16.80 21.34
N LYS E 223 -14.43 16.33 20.10
CA LYS E 223 -15.65 16.46 19.33
C LYS E 223 -16.42 15.16 19.12
N LEU E 224 -17.74 15.30 19.11
CA LEU E 224 -18.64 14.18 18.90
C LEU E 224 -19.38 14.52 17.63
N LYS E 225 -19.23 13.66 16.62
CA LYS E 225 -19.85 13.86 15.33
C LYS E 225 -20.65 12.65 14.78
N THR E 226 -21.85 12.95 14.27
CA THR E 226 -22.69 11.92 13.67
C THR E 226 -23.28 12.50 12.39
N ASN E 227 -23.08 11.79 11.28
CA ASN E 227 -23.64 12.20 10.00
C ASN E 227 -24.25 10.94 9.41
N HIS E 228 -25.38 11.07 8.73
CA HIS E 228 -26.02 9.92 8.12
C HIS E 228 -25.69 9.89 6.64
N ILE E 229 -24.91 10.87 6.20
CA ILE E 229 -24.55 10.95 4.80
C ILE E 229 -23.05 10.97 4.60
N VAL E 230 -22.40 9.85 4.89
CA VAL E 230 -20.95 9.74 4.75
C VAL E 230 -20.59 8.46 4.03
N ALA E 231 -20.23 8.56 2.76
CA ALA E 231 -19.88 7.36 2.00
C ALA E 231 -18.51 6.81 2.36
N LYS E 232 -17.57 7.69 2.68
CA LYS E 232 -16.21 7.29 3.02
C LYS E 232 -15.95 7.62 4.48
N ASP E 233 -15.86 6.60 5.31
CA ASP E 233 -15.68 6.80 6.74
C ASP E 233 -14.48 7.56 7.26
N TYR E 234 -14.70 8.21 8.41
CA TYR E 234 -13.63 8.91 9.11
C TYR E 234 -13.11 7.81 10.00
N PRO E 235 -12.04 8.10 10.73
CA PRO E 235 -11.54 7.06 11.64
C PRO E 235 -12.65 6.99 12.69
N ARG E 236 -12.73 5.90 13.44
CA ARG E 236 -13.75 5.79 14.46
C ARG E 236 -13.36 6.77 15.58
N PHE E 237 -12.08 6.78 15.93
CA PHE E 237 -11.55 7.69 16.96
C PHE E 237 -10.25 8.27 16.44
N ILE E 238 -10.07 9.56 16.68
CA ILE E 238 -8.85 10.26 16.31
C ILE E 238 -8.34 10.86 17.60
N VAL E 239 -7.10 10.56 17.95
CA VAL E 239 -6.54 11.15 19.15
C VAL E 239 -5.20 11.85 18.92
N HIS E 240 -5.16 13.14 19.23
CA HIS E 240 -3.92 13.92 19.10
C HIS E 240 -3.43 14.44 20.46
N GLY E 241 -2.13 14.27 20.67
CA GLY E 241 -1.48 14.72 21.89
C GLY E 241 -0.09 15.26 21.61
N THR E 242 0.48 15.91 22.62
CA THR E 242 1.80 16.53 22.53
C THR E 242 2.96 15.62 22.08
N ASN E 243 2.80 14.32 22.17
CA ASN E 243 3.86 13.40 21.75
C ASN E 243 3.51 12.52 20.56
N GLY E 244 2.28 12.64 20.08
CA GLY E 244 1.89 11.80 18.96
C GLY E 244 0.40 11.60 18.80
N SER E 245 0.04 10.62 17.97
CA SER E 245 -1.35 10.36 17.69
C SER E 245 -1.71 8.91 17.66
N PHE E 246 -3.00 8.66 17.67
CA PHE E 246 -3.57 7.33 17.62
C PHE E 246 -4.84 7.49 16.73
N ILE E 247 -4.88 6.76 15.63
CA ILE E 247 -6.03 6.84 14.72
C ILE E 247 -6.61 5.45 14.64
N LYS E 248 -7.92 5.37 14.87
CA LYS E 248 -8.60 4.10 14.91
C LYS E 248 -9.78 4.00 13.93
N TYR E 249 -9.61 3.17 12.90
CA TYR E 249 -10.65 2.93 11.89
C TYR E 249 -11.32 1.60 12.24
N GLY E 250 -12.63 1.52 12.02
CA GLY E 250 -13.36 0.29 12.28
C GLY E 250 -14.01 0.23 13.66
N GLU E 251 -15.34 0.17 13.64
CA GLU E 251 -16.13 0.12 14.86
C GLU E 251 -16.14 -1.26 15.48
N ASP E 252 -16.72 -1.31 16.68
CA ASP E 252 -16.87 -2.53 17.46
C ASP E 252 -17.76 -3.47 16.66
N GLN E 253 -17.32 -4.72 16.50
CA GLN E 253 -18.09 -5.68 15.71
C GLN E 253 -19.24 -6.41 16.40
N GLN E 254 -19.35 -6.28 17.71
CA GLN E 254 -20.42 -6.97 18.42
C GLN E 254 -21.74 -6.79 17.69
N GLU E 255 -22.14 -5.55 17.47
CA GLU E 255 -23.42 -5.31 16.82
C GLU E 255 -23.55 -6.02 15.48
N ASN E 256 -22.53 -5.94 14.63
CA ASN E 256 -22.64 -6.61 13.34
C ASN E 256 -22.90 -8.10 13.51
N ASP E 257 -22.24 -8.72 14.49
CA ASP E 257 -22.42 -10.14 14.75
C ASP E 257 -23.79 -10.42 15.34
N LEU E 258 -24.21 -9.53 16.24
CA LEU E 258 -25.52 -9.63 16.85
C LEU E 258 -26.54 -9.68 15.71
N LYS E 259 -26.49 -8.70 14.82
CA LYS E 259 -27.42 -8.65 13.69
C LYS E 259 -27.23 -9.83 12.73
N ALA E 260 -26.04 -10.41 12.72
CA ALA E 260 -25.74 -11.54 11.83
C ALA E 260 -26.05 -12.89 12.50
N GLY E 261 -26.80 -12.84 13.59
CA GLY E 261 -27.15 -14.06 14.30
C GLY E 261 -26.08 -14.72 15.13
N ILE E 262 -24.85 -14.25 15.06
CA ILE E 262 -23.77 -14.85 15.86
C ILE E 262 -23.94 -14.41 17.30
N MET E 263 -24.08 -15.36 18.22
CA MET E 263 -24.28 -15.01 19.61
C MET E 263 -23.01 -14.86 20.43
N PRO E 264 -23.05 -14.00 21.47
CA PRO E 264 -21.92 -13.73 22.37
C PRO E 264 -21.21 -14.99 22.83
N GLU E 265 -21.98 -16.02 23.16
CA GLU E 265 -21.44 -17.28 23.63
C GLU E 265 -20.88 -18.18 22.53
N SER E 266 -20.08 -17.60 21.63
CA SER E 266 -19.47 -18.34 20.53
C SER E 266 -18.09 -17.74 20.18
N ALA E 267 -17.21 -18.56 19.63
CA ALA E 267 -15.87 -18.10 19.27
C ALA E 267 -15.85 -17.09 18.14
N GLY E 268 -15.02 -16.05 18.29
CA GLY E 268 -14.88 -15.01 17.29
C GLY E 268 -15.82 -13.82 17.45
N PHE E 269 -16.63 -13.84 18.50
CA PHE E 269 -17.58 -12.77 18.76
C PHE E 269 -16.92 -11.48 19.25
N GLY E 270 -17.29 -10.36 18.63
CA GLY E 270 -16.71 -9.08 19.02
C GLY E 270 -15.27 -8.94 18.58
N GLU E 271 -14.71 -10.04 18.07
CA GLU E 271 -13.35 -10.08 17.58
C GLU E 271 -13.12 -8.98 16.56
N ASP E 272 -12.01 -8.27 16.69
CA ASP E 272 -11.69 -7.22 15.75
C ASP E 272 -10.57 -7.76 14.85
N SER E 273 -10.52 -7.30 13.61
CA SER E 273 -9.47 -7.75 12.68
C SER E 273 -8.26 -6.79 12.73
N PRO E 274 -7.05 -7.32 12.46
CA PRO E 274 -5.82 -6.53 12.47
C PRO E 274 -5.94 -5.33 11.55
N MET E 275 -6.47 -5.60 10.36
CA MET E 275 -6.72 -4.60 9.34
C MET E 275 -7.19 -3.30 9.99
N TYR E 276 -7.99 -3.42 11.04
CA TYR E 276 -8.49 -2.25 11.74
C TYR E 276 -7.83 -1.91 13.07
N TYR E 277 -6.72 -2.57 13.43
CA TYR E 277 -6.08 -2.23 14.70
C TYR E 277 -5.63 -0.76 14.63
N GLY E 278 -6.03 0.03 15.61
CA GLY E 278 -5.64 1.43 15.64
C GLY E 278 -4.13 1.57 15.44
N ILE E 279 -3.70 2.74 14.98
CA ILE E 279 -2.28 2.97 14.74
C ILE E 279 -1.78 4.15 15.55
N ALA E 280 -0.72 3.89 16.32
CA ALA E 280 -0.12 4.92 17.16
C ALA E 280 1.20 5.40 16.57
N LYS E 281 1.36 6.71 16.51
CA LYS E 281 2.57 7.31 15.99
C LYS E 281 2.95 8.36 17.03
N TYR E 282 4.14 8.26 17.59
CA TYR E 282 4.57 9.17 18.62
C TYR E 282 6.07 9.08 18.75
N ARG E 283 6.64 10.02 19.50
CA ARG E 283 8.07 10.09 19.75
C ARG E 283 8.38 9.82 21.21
N ASN E 284 9.37 8.96 21.45
CA ASN E 284 9.79 8.64 22.80
C ASN E 284 10.63 9.79 23.35
N ALA E 285 11.17 9.65 24.54
CA ALA E 285 11.97 10.73 25.15
C ALA E 285 13.25 11.07 24.35
N ASN E 286 13.80 10.08 23.67
CA ASN E 286 14.99 10.28 22.85
C ASN E 286 14.64 11.05 21.59
N GLY E 287 13.35 11.30 21.40
CA GLY E 287 12.89 12.02 20.22
C GLY E 287 12.76 11.14 18.99
N ASP E 288 12.72 9.81 19.19
CA ASP E 288 12.61 8.88 18.07
C ASP E 288 11.16 8.62 17.69
N TRP E 289 10.87 8.59 16.40
CA TRP E 289 9.50 8.35 15.96
C TRP E 289 9.17 6.87 15.94
N ILE E 290 8.04 6.54 16.57
CA ILE E 290 7.58 5.16 16.64
C ILE E 290 6.18 5.06 16.10
N GLU E 291 5.97 4.14 15.17
CA GLU E 291 4.67 3.92 14.61
C GLU E 291 4.37 2.43 14.75
N LYS E 292 3.27 2.11 15.41
CA LYS E 292 2.92 0.70 15.63
C LYS E 292 1.41 0.50 15.74
N GLN E 293 0.99 -0.73 15.49
CA GLN E 293 -0.41 -1.08 15.62
C GLN E 293 -0.65 -1.45 17.07
N ILE E 294 -1.84 -1.20 17.55
CA ILE E 294 -2.19 -1.54 18.92
C ILE E 294 -3.39 -2.46 18.87
N LYS E 295 -3.20 -3.72 19.25
CA LYS E 295 -4.29 -4.70 19.25
C LYS E 295 -5.51 -4.13 19.95
N THR E 296 -6.69 -4.42 19.42
CA THR E 296 -7.93 -3.91 19.98
C THR E 296 -8.48 -4.78 21.11
N PRO E 297 -8.59 -4.22 22.33
CA PRO E 297 -9.11 -4.94 23.50
C PRO E 297 -10.45 -5.58 23.13
N LEU E 298 -10.62 -6.87 23.41
CA LEU E 298 -11.89 -7.52 23.09
C LEU E 298 -13.03 -6.74 23.73
N GLY E 299 -14.14 -6.66 23.03
CA GLY E 299 -15.29 -5.94 23.56
C GLY E 299 -16.42 -6.88 23.94
N ASP E 300 -17.14 -6.53 25.00
CA ASP E 300 -18.28 -7.30 25.48
C ASP E 300 -19.22 -6.35 26.22
N TYR E 301 -20.44 -6.22 25.73
CA TYR E 301 -21.41 -5.35 26.40
C TYR E 301 -21.85 -5.97 27.72
N GLY E 302 -21.75 -7.30 27.81
CA GLY E 302 -22.12 -8.01 29.02
C GLY E 302 -21.41 -7.43 30.24
N ARG E 303 -20.15 -7.08 30.06
CA ARG E 303 -19.37 -6.53 31.15
C ARG E 303 -20.12 -5.44 31.89
N PHE E 304 -21.20 -4.92 31.32
CA PHE E 304 -21.94 -3.87 32.02
C PHE E 304 -22.54 -4.38 33.31
N TYR E 305 -23.20 -5.53 33.20
CA TYR E 305 -23.85 -6.15 34.34
C TYR E 305 -22.83 -6.58 35.38
N ASP E 306 -21.72 -7.15 34.92
CA ASP E 306 -20.65 -7.59 35.82
C ASP E 306 -20.32 -6.48 36.83
N ALA E 307 -20.54 -5.23 36.45
CA ALA E 307 -20.25 -4.11 37.33
C ALA E 307 -21.52 -3.65 38.05
N ALA E 308 -22.67 -3.88 37.44
CA ALA E 308 -23.95 -3.53 38.03
C ALA E 308 -24.18 -4.54 39.14
N TYR E 309 -24.07 -5.81 38.76
CA TYR E 309 -24.21 -6.91 39.69
C TYR E 309 -23.16 -6.72 40.78
N ASP E 310 -22.04 -6.13 40.40
CA ASP E 310 -20.93 -5.88 41.32
C ASP E 310 -21.22 -4.79 42.33
N THR E 311 -22.40 -4.19 42.25
CA THR E 311 -22.77 -3.11 43.17
C THR E 311 -23.99 -3.50 44.00
N ILE E 312 -24.81 -4.39 43.45
CA ILE E 312 -26.01 -4.85 44.14
C ILE E 312 -25.71 -5.88 45.23
N VAL E 313 -24.98 -6.93 44.88
CA VAL E 313 -24.63 -7.99 45.82
C VAL E 313 -23.31 -7.77 46.54
N ASN E 314 -22.36 -7.11 45.89
CA ASN E 314 -21.07 -6.85 46.51
C ASN E 314 -20.99 -5.42 47.07
N GLY E 315 -21.35 -4.44 46.24
CA GLY E 315 -21.31 -3.06 46.69
C GLY E 315 -20.16 -2.26 46.11
N ALA E 316 -19.51 -2.82 45.10
CA ALA E 316 -18.39 -2.16 44.43
C ALA E 316 -18.83 -0.79 43.91
N PRO E 317 -17.89 0.03 43.45
CA PRO E 317 -18.25 1.36 42.94
C PRO E 317 -19.15 1.26 41.69
N LYS E 318 -20.22 2.05 41.68
CA LYS E 318 -21.15 2.05 40.56
C LYS E 318 -20.45 2.39 39.23
N LEU E 319 -20.63 1.53 38.23
CA LEU E 319 -20.01 1.73 36.92
C LEU E 319 -20.16 3.14 36.37
N VAL E 320 -21.41 3.61 36.30
CA VAL E 320 -21.70 4.93 35.80
C VAL E 320 -21.92 5.90 36.95
N LYS E 321 -20.89 6.68 37.26
CA LYS E 321 -20.98 7.65 38.35
C LYS E 321 -22.14 8.62 38.13
N ASP E 322 -22.73 9.07 39.25
CA ASP E 322 -23.84 10.00 39.20
C ASP E 322 -23.46 11.30 38.50
N GLU E 323 -22.37 11.92 38.92
CA GLU E 323 -21.93 13.17 38.31
C GLU E 323 -21.80 13.07 36.80
N GLU E 324 -21.61 11.85 36.30
CA GLU E 324 -21.47 11.65 34.87
C GLU E 324 -22.84 11.68 34.23
N ALA E 325 -23.67 10.70 34.58
CA ALA E 325 -25.02 10.60 34.03
C ALA E 325 -25.79 11.92 34.07
N VAL E 326 -25.56 12.72 35.11
CA VAL E 326 -26.25 13.99 35.23
C VAL E 326 -25.69 15.01 34.25
N THR E 327 -24.38 14.98 34.05
CA THR E 327 -23.71 15.90 33.13
C THR E 327 -24.15 15.54 31.71
N ASN E 328 -24.26 14.25 31.43
CA ASN E 328 -24.70 13.81 30.13
C ASN E 328 -26.04 14.42 29.71
N ILE E 329 -27.10 14.14 30.48
CA ILE E 329 -28.42 14.68 30.17
C ILE E 329 -28.39 16.19 30.15
N GLU E 330 -27.51 16.78 30.94
CA GLU E 330 -27.41 18.25 30.92
C GLU E 330 -26.95 18.75 29.54
N ILE E 331 -25.84 18.20 29.03
CA ILE E 331 -25.31 18.60 27.72
C ILE E 331 -26.35 18.37 26.61
N LEU E 332 -27.03 17.24 26.66
CA LEU E 332 -28.04 16.93 25.67
C LEU E 332 -29.15 17.97 25.64
N GLU E 333 -29.69 18.27 26.81
CA GLU E 333 -30.78 19.22 26.90
C GLU E 333 -30.41 20.63 26.45
N ASN E 334 -29.20 21.07 26.76
CA ASN E 334 -28.83 22.43 26.37
C ASN E 334 -28.46 22.59 24.90
N GLY E 335 -28.20 21.49 24.22
CA GLY E 335 -27.90 21.61 22.80
C GLY E 335 -29.14 22.10 22.09
N PHE E 336 -30.24 22.17 22.84
CA PHE E 336 -31.53 22.60 22.32
C PHE E 336 -32.04 23.90 22.92
N ALA E 337 -31.46 24.34 24.03
CA ALA E 337 -31.88 25.59 24.67
C ALA E 337 -31.71 26.81 23.77
N ALA E 338 -31.27 26.60 22.54
CA ALA E 338 -31.08 27.70 21.60
C ALA E 338 -30.94 27.19 20.18
N PRO E 339 -31.31 28.03 19.19
CA PRO E 339 -31.22 27.63 17.79
C PRO E 339 -29.74 27.42 17.44
N SER E 340 -29.44 26.27 16.84
CA SER E 340 -28.06 25.94 16.46
C SER E 340 -27.50 26.86 15.35
N PRO E 341 -26.19 27.12 15.39
CA PRO E 341 -25.23 26.63 16.39
C PRO E 341 -25.22 27.55 17.60
N SER E 342 -24.80 27.03 18.74
CA SER E 342 -24.76 27.81 19.97
C SER E 342 -23.65 27.35 20.89
N VAL E 343 -23.46 28.10 21.97
CA VAL E 343 -22.44 27.79 22.95
C VAL E 343 -23.03 27.81 24.36
N TYR E 344 -22.84 26.73 25.10
CA TYR E 344 -23.37 26.60 26.45
C TYR E 344 -22.28 26.40 27.49
N LYS E 345 -22.05 27.40 28.35
CA LYS E 345 -21.04 27.29 29.40
C LYS E 345 -21.53 26.38 30.51
N LEU E 346 -20.69 25.44 30.93
CA LEU E 346 -21.06 24.53 32.00
C LEU E 346 -20.63 25.10 33.34
N GLU E 347 -21.44 24.84 34.36
CA GLU E 347 -21.12 25.31 35.69
C GLU E 347 -20.71 24.08 36.50
N ALA E 348 -20.12 24.29 37.67
CA ALA E 348 -19.68 23.18 38.50
C ALA E 348 -20.88 22.43 39.08
N LEU E 349 -20.78 21.10 39.11
CA LEU E 349 -21.86 20.28 39.64
C LEU E 349 -21.87 20.20 41.16
N HIS E 350 -23.06 19.97 41.71
CA HIS E 350 -23.27 19.85 43.15
C HIS E 350 -24.55 19.09 43.40
N LEU E 351 -24.43 17.99 44.14
CA LEU E 351 -25.56 17.14 44.47
C LEU E 351 -25.42 16.58 45.89
N THR F 2 -9.68 -46.75 24.62
CA THR F 2 -8.69 -46.38 23.56
C THR F 2 -8.58 -47.49 22.52
N LEU F 3 -8.82 -47.15 21.27
CA LEU F 3 -8.76 -48.12 20.18
C LEU F 3 -7.37 -48.33 19.59
N THR F 4 -7.22 -49.43 18.86
CA THR F 4 -5.97 -49.81 18.21
C THR F 4 -6.16 -49.69 16.70
N MET F 5 -5.12 -49.27 15.99
CA MET F 5 -5.24 -49.13 14.54
C MET F 5 -4.03 -49.65 13.79
N GLY F 6 -4.20 -49.84 12.48
CA GLY F 6 -3.12 -50.34 11.63
C GLY F 6 -3.12 -49.67 10.27
N PHE F 7 -1.96 -49.59 9.65
CA PHE F 7 -1.82 -48.95 8.34
C PHE F 7 -1.49 -49.93 7.22
N ILE F 8 -2.41 -50.07 6.28
CA ILE F 8 -2.22 -50.98 5.14
C ILE F 8 -1.26 -50.34 4.12
N GLY F 9 -0.13 -49.85 4.62
CA GLY F 9 0.86 -49.22 3.75
C GLY F 9 1.80 -48.36 4.57
N PHE F 10 2.73 -47.69 3.90
CA PHE F 10 3.70 -46.84 4.60
C PHE F 10 4.34 -45.84 3.63
N GLY F 11 4.90 -44.76 4.18
CA GLY F 11 5.53 -43.75 3.35
C GLY F 11 4.92 -42.37 3.55
N ALA F 14 1.75 -40.66 3.40
CA ALA F 14 1.38 -41.34 4.63
C ALA F 14 2.28 -40.89 5.79
N ASN F 15 3.55 -40.71 5.50
CA ASN F 15 4.50 -40.27 6.51
C ASN F 15 4.50 -38.75 6.55
N ARG F 16 3.46 -38.17 5.93
CA ARG F 16 3.34 -36.72 5.88
C ARG F 16 1.95 -36.25 6.30
N TYR F 17 0.91 -36.92 5.82
CA TYR F 17 -0.47 -36.52 6.16
C TYR F 17 -1.23 -37.56 6.99
N HIS F 18 -0.52 -38.26 7.87
CA HIS F 18 -1.15 -39.30 8.70
C HIS F 18 -0.54 -39.51 10.07
N LEU F 19 0.59 -40.20 10.10
CA LEU F 19 1.29 -40.51 11.35
C LEU F 19 1.61 -39.27 12.18
N PRO F 20 2.30 -38.27 11.59
CA PRO F 20 2.66 -37.04 12.31
C PRO F 20 1.53 -36.49 13.15
N TYR F 21 0.32 -36.60 12.64
CA TYR F 21 -0.85 -36.09 13.34
C TYR F 21 -1.31 -37.01 14.45
N LEU F 22 -1.31 -38.32 14.18
CA LEU F 22 -1.74 -39.31 15.16
C LEU F 22 -0.93 -39.34 16.44
N LYS F 23 0.36 -39.00 16.35
CA LYS F 23 1.21 -39.02 17.53
C LYS F 23 0.97 -37.86 18.48
N THR F 24 -0.28 -37.74 18.91
CA THR F 24 -0.71 -36.71 19.85
C THR F 24 -2.11 -37.12 20.27
N ARG F 25 -2.59 -38.19 19.66
CA ARG F 25 -3.91 -38.74 19.96
C ARG F 25 -3.70 -39.93 20.89
N ASN F 26 -3.63 -39.65 22.18
CA ASN F 26 -3.43 -40.67 23.22
C ASN F 26 -4.25 -41.94 23.03
N ASN F 27 -5.58 -41.79 22.99
CA ASN F 27 -6.50 -42.92 22.86
C ASN F 27 -6.49 -43.61 21.50
N ILE F 28 -5.31 -43.74 20.92
CA ILE F 28 -5.15 -44.39 19.62
C ILE F 28 -3.68 -44.77 19.49
N LYS F 29 -3.41 -45.85 18.77
CA LYS F 29 -2.02 -46.28 18.60
C LYS F 29 -1.87 -47.22 17.42
N VAL F 30 -0.88 -46.94 16.58
CA VAL F 30 -0.60 -47.75 15.40
C VAL F 30 -0.09 -49.12 15.86
N LYS F 31 0.03 -50.05 14.92
CA LYS F 31 0.50 -51.38 15.25
C LYS F 31 1.46 -51.91 14.19
N THR F 32 0.92 -52.31 13.05
CA THR F 32 1.75 -52.84 11.97
C THR F 32 1.51 -52.15 10.63
N ILE F 33 2.58 -52.03 9.85
CA ILE F 33 2.50 -51.39 8.54
C ILE F 33 2.73 -52.41 7.44
N PHE F 34 1.62 -52.96 6.94
CA PHE F 34 1.67 -53.97 5.88
C PHE F 34 2.62 -53.58 4.77
N VAL F 35 3.84 -54.10 4.83
CA VAL F 35 4.87 -53.83 3.83
C VAL F 35 5.88 -54.97 3.79
N ARG F 36 5.91 -55.69 2.67
CA ARG F 36 6.84 -56.81 2.50
C ARG F 36 8.19 -56.33 1.98
N GLN F 37 8.54 -55.08 2.32
CA GLN F 37 9.81 -54.47 1.91
C GLN F 37 10.11 -53.24 2.76
N ILE F 38 9.74 -53.29 4.04
CA ILE F 38 9.95 -52.18 4.97
C ILE F 38 11.44 -51.86 5.16
N ASN F 39 11.99 -51.04 4.26
CA ASN F 39 13.40 -50.64 4.34
C ASN F 39 13.63 -49.70 5.53
N GLU F 40 14.30 -50.23 6.55
CA GLU F 40 14.59 -49.46 7.77
C GLU F 40 15.12 -48.07 7.47
N GLU F 41 15.80 -47.92 6.33
CA GLU F 41 16.38 -46.65 5.94
C GLU F 41 15.38 -45.50 6.08
N LEU F 42 14.09 -45.82 6.01
CA LEU F 42 13.04 -44.80 6.12
C LEU F 42 12.17 -44.95 7.37
N ALA F 43 11.62 -46.14 7.58
CA ALA F 43 10.77 -46.41 8.74
C ALA F 43 11.54 -46.40 10.06
N ALA F 44 12.78 -45.92 10.00
CA ALA F 44 13.64 -45.85 11.16
C ALA F 44 12.98 -45.10 12.32
N PRO F 45 12.70 -43.82 12.10
CA PRO F 45 12.07 -42.97 13.11
C PRO F 45 10.91 -43.68 13.81
N TYR F 46 9.93 -44.11 13.00
CA TYR F 46 8.76 -44.79 13.52
C TYR F 46 9.13 -46.06 14.27
N GLU F 47 10.12 -46.79 13.76
CA GLU F 47 10.59 -48.01 14.40
C GLU F 47 10.98 -47.71 15.84
N GLU F 48 11.80 -46.67 16.03
CA GLU F 48 12.25 -46.25 17.35
C GLU F 48 11.06 -46.10 18.29
N ARG F 49 9.90 -45.78 17.72
CA ARG F 49 8.68 -45.60 18.50
C ARG F 49 8.06 -46.98 18.76
N GLY F 50 7.21 -47.04 19.78
CA GLY F 50 6.56 -48.30 20.14
C GLY F 50 5.64 -48.85 19.05
N VAL F 51 6.14 -48.92 17.83
CA VAL F 51 5.35 -49.44 16.71
C VAL F 51 5.96 -50.75 16.24
N TYR F 52 5.18 -51.56 15.54
CA TYR F 52 5.66 -52.84 15.03
C TYR F 52 5.65 -52.92 13.50
N PHE F 53 6.84 -53.01 12.92
CA PHE F 53 6.97 -53.08 11.47
C PHE F 53 7.01 -54.54 11.02
N THR F 54 5.90 -55.02 10.45
CA THR F 54 5.81 -56.40 9.97
C THR F 54 5.70 -56.42 8.44
N THR F 55 5.40 -57.60 7.89
CA THR F 55 5.25 -57.76 6.44
C THR F 55 4.31 -58.91 6.15
N ASP F 56 3.83 -59.54 7.22
CA ASP F 56 2.91 -60.68 7.11
C ASP F 56 1.46 -60.21 6.94
N LEU F 57 0.82 -60.71 5.90
CA LEU F 57 -0.56 -60.34 5.58
C LEU F 57 -1.51 -60.41 6.77
N ASP F 58 -1.80 -61.63 7.23
CA ASP F 58 -2.71 -61.86 8.34
C ASP F 58 -2.23 -61.24 9.65
N GLU F 59 -0.92 -61.00 9.75
CA GLU F 59 -0.36 -60.40 10.95
C GLU F 59 -1.07 -59.08 11.20
N LEU F 60 -1.26 -58.31 10.14
CA LEU F 60 -1.95 -57.02 10.23
C LEU F 60 -3.40 -57.24 9.85
N LEU F 61 -3.73 -58.46 9.41
CA LEU F 61 -5.10 -58.78 9.02
C LEU F 61 -5.78 -59.68 10.07
N ASN F 62 -5.29 -59.61 11.31
CA ASN F 62 -5.84 -60.40 12.41
C ASN F 62 -5.28 -59.94 13.75
N ASP F 63 -6.15 -59.39 14.59
CA ASP F 63 -5.76 -58.91 15.92
C ASP F 63 -6.98 -58.40 16.68
N GLN F 67 -7.86 -52.55 15.60
CA GLN F 67 -9.29 -52.69 15.33
C GLN F 67 -9.67 -52.06 13.99
N VAL F 68 -9.01 -50.96 13.62
CA VAL F 68 -9.32 -50.30 12.36
C VAL F 68 -8.13 -50.19 11.40
N GLU F 80 -10.29 -52.28 -4.09
CA GLU F 80 -9.54 -53.50 -4.41
C GLU F 80 -8.76 -53.97 -3.19
N LEU F 81 -7.58 -53.39 -2.98
CA LEU F 81 -6.75 -53.74 -1.85
C LEU F 81 -7.57 -53.52 -0.58
N ALA F 82 -8.64 -52.74 -0.73
CA ALA F 82 -9.51 -52.42 0.38
C ALA F 82 -10.45 -53.56 0.69
N LYS F 83 -10.87 -54.28 -0.36
CA LYS F 83 -11.77 -55.43 -0.20
C LYS F 83 -11.26 -56.33 0.91
N LYS F 84 -9.98 -56.70 0.81
CA LYS F 84 -9.37 -57.56 1.82
C LYS F 84 -9.57 -56.98 3.21
N VAL F 85 -8.98 -55.82 3.47
CA VAL F 85 -9.11 -55.16 4.77
C VAL F 85 -10.56 -55.10 5.24
N ILE F 86 -11.45 -54.87 4.28
CA ILE F 86 -12.88 -54.77 4.55
C ILE F 86 -13.49 -56.13 4.88
N LEU F 87 -13.07 -57.16 4.14
CA LEU F 87 -13.58 -58.51 4.33
C LEU F 87 -13.44 -58.97 5.78
N ALA F 88 -12.34 -58.57 6.41
CA ALA F 88 -12.09 -58.91 7.80
C ALA F 88 -12.93 -58.01 8.69
N GLY F 89 -13.01 -58.35 9.98
CA GLY F 89 -13.81 -57.56 10.90
C GLY F 89 -13.23 -56.19 11.19
N LYS F 90 -12.08 -55.90 10.61
CA LYS F 90 -11.41 -54.62 10.80
C LYS F 90 -12.00 -53.51 9.92
N SER F 91 -12.24 -52.34 10.53
CA SER F 91 -12.78 -51.18 9.82
C SER F 91 -11.66 -50.59 8.97
N VAL F 92 -12.02 -49.96 7.86
CA VAL F 92 -11.01 -49.36 7.00
C VAL F 92 -11.30 -47.92 6.60
N ILE F 93 -10.27 -47.24 6.11
CA ILE F 93 -10.34 -45.86 5.65
C ILE F 93 -9.44 -45.77 4.42
N VAL F 94 -10.05 -45.50 3.26
CA VAL F 94 -9.32 -45.41 2.00
C VAL F 94 -8.83 -43.98 1.71
N GLU F 95 -8.11 -43.81 0.60
CA GLU F 95 -7.59 -42.49 0.22
C GLU F 95 -7.30 -42.43 -1.28
N VAL F 118 -17.13 -49.68 10.32
CA VAL F 118 -17.26 -48.35 9.72
C VAL F 118 -16.31 -48.19 8.54
N VAL F 119 -16.84 -47.70 7.42
CA VAL F 119 -16.04 -47.51 6.23
C VAL F 119 -16.26 -46.12 5.61
N MET F 120 -15.19 -45.33 5.60
CA MET F 120 -15.25 -43.97 5.05
C MET F 120 -13.90 -43.58 4.47
N PRO F 121 -13.91 -42.88 3.32
CA PRO F 121 -12.68 -42.44 2.66
C PRO F 121 -11.99 -41.32 3.46
N TYR F 122 -10.70 -41.13 3.21
CA TYR F 122 -9.94 -40.12 3.94
C TYR F 122 -10.01 -38.73 3.33
N GLN F 123 -10.92 -37.91 3.84
CA GLN F 123 -11.08 -36.55 3.36
C GLN F 123 -10.51 -35.59 4.41
N ASN F 124 -9.18 -35.51 4.46
CA ASN F 124 -8.49 -34.64 5.41
C ASN F 124 -8.62 -33.15 5.08
N ARG F 125 -8.57 -32.83 3.79
CA ARG F 125 -8.67 -31.45 3.37
C ARG F 125 -10.00 -30.78 3.70
N ARG F 126 -10.80 -31.45 4.53
CA ARG F 126 -12.07 -30.88 4.97
C ARG F 126 -11.74 -30.12 6.24
N PHE F 127 -10.45 -30.10 6.56
CA PHE F 127 -9.98 -29.43 7.75
C PHE F 127 -8.90 -28.41 7.44
N ASP F 128 -8.97 -27.84 6.24
CA ASP F 128 -8.04 -26.81 5.81
C ASP F 128 -8.58 -25.48 6.32
N GLY F 129 -7.69 -24.53 6.50
CA GLY F 129 -8.10 -23.23 7.00
C GLY F 129 -9.03 -22.49 6.05
N ASP F 130 -8.69 -22.52 4.76
CA ASP F 130 -9.52 -21.84 3.77
C ASP F 130 -10.93 -22.41 3.76
N PHE F 131 -11.06 -23.70 3.50
CA PHE F 131 -12.37 -24.32 3.46
C PHE F 131 -13.16 -24.07 4.73
N LEU F 132 -12.53 -24.24 5.89
CA LEU F 132 -13.23 -24.02 7.14
C LEU F 132 -13.75 -22.60 7.22
N ALA F 133 -13.01 -21.66 6.64
CA ALA F 133 -13.41 -20.26 6.63
C ALA F 133 -14.65 -20.09 5.74
N VAL F 134 -14.51 -20.48 4.47
CA VAL F 134 -15.61 -20.37 3.52
C VAL F 134 -16.81 -21.19 4.01
N LYS F 135 -16.58 -22.03 5.00
CA LYS F 135 -17.64 -22.87 5.55
C LYS F 135 -18.32 -22.15 6.70
N GLN F 136 -17.51 -21.55 7.57
CA GLN F 136 -18.04 -20.81 8.71
C GLN F 136 -18.97 -19.69 8.25
N VAL F 137 -18.53 -18.95 7.24
CA VAL F 137 -19.30 -17.84 6.70
C VAL F 137 -20.69 -18.29 6.27
N VAL F 138 -20.75 -19.41 5.56
CA VAL F 138 -22.04 -19.93 5.10
C VAL F 138 -22.91 -20.37 6.26
N GLU F 139 -22.34 -21.04 7.24
CA GLU F 139 -23.12 -21.49 8.39
C GLU F 139 -23.96 -20.37 9.01
N GLN F 140 -23.36 -19.20 9.22
CA GLN F 140 -24.11 -18.07 9.77
C GLN F 140 -24.71 -17.24 8.63
N GLY F 141 -24.29 -17.59 7.41
CA GLY F 141 -24.76 -16.95 6.18
C GLY F 141 -25.31 -15.54 6.17
N PHE F 142 -24.50 -14.59 6.62
CA PHE F 142 -24.92 -13.20 6.61
C PHE F 142 -24.84 -12.71 5.18
N LEU F 143 -24.28 -13.55 4.30
CA LEU F 143 -24.17 -13.20 2.89
C LEU F 143 -25.50 -13.46 2.19
N GLY F 144 -26.43 -14.09 2.91
CA GLY F 144 -27.72 -14.40 2.33
C GLY F 144 -27.71 -15.75 1.64
N ASP F 145 -28.28 -15.82 0.44
CA ASP F 145 -28.32 -17.07 -0.31
C ASP F 145 -27.13 -17.18 -1.25
N ILE F 146 -26.24 -18.13 -1.01
CA ILE F 146 -25.08 -18.27 -1.88
C ILE F 146 -25.54 -18.56 -3.30
N ILE F 147 -24.88 -17.96 -4.28
CA ILE F 147 -25.25 -18.17 -5.67
C ILE F 147 -24.07 -18.58 -6.54
N GLU F 148 -22.85 -18.29 -6.09
CA GLU F 148 -21.67 -18.72 -6.81
C GLU F 148 -20.50 -18.84 -5.86
N ILE F 149 -19.52 -19.67 -6.25
CA ILE F 149 -18.33 -19.93 -5.45
C ILE F 149 -17.34 -20.71 -6.30
N GLU F 150 -16.08 -20.28 -6.29
CA GLU F 150 -15.04 -20.96 -7.05
C GLU F 150 -13.99 -21.51 -6.10
N SER F 151 -13.68 -22.79 -6.23
CA SER F 151 -12.67 -23.41 -5.39
C SER F 151 -11.42 -23.63 -6.24
N HIS F 152 -10.31 -23.06 -5.81
CA HIS F 152 -9.07 -23.21 -6.56
C HIS F 152 -7.97 -23.97 -5.85
N ILE F 153 -7.06 -24.48 -6.68
CA ILE F 153 -5.87 -25.22 -6.31
C ILE F 153 -5.10 -25.17 -7.62
N ASP F 154 -4.15 -24.25 -7.74
CA ASP F 154 -3.35 -24.14 -8.97
C ASP F 154 -1.86 -24.25 -8.66
N TYR F 155 -1.04 -24.12 -9.69
CA TYR F 155 0.41 -24.21 -9.53
C TYR F 155 0.99 -23.60 -10.78
N PHE F 156 2.30 -23.42 -10.80
CA PHE F 156 2.94 -22.90 -12.00
C PHE F 156 4.10 -23.83 -12.30
N ARG F 157 3.79 -25.03 -12.79
CA ARG F 157 4.79 -26.02 -13.09
C ARG F 157 4.71 -26.42 -14.56
N PRO F 158 5.14 -25.53 -15.46
CA PRO F 158 5.08 -25.85 -16.88
C PRO F 158 6.02 -27.00 -17.28
N GLY F 159 5.44 -28.14 -17.65
CA GLY F 159 6.23 -29.28 -18.06
C GLY F 159 6.27 -30.37 -17.01
N SER F 160 5.60 -30.12 -15.89
CA SER F 160 5.56 -31.06 -14.78
C SER F 160 4.89 -32.38 -15.18
N ILE F 161 4.35 -32.44 -16.40
CA ILE F 161 3.69 -33.65 -16.89
C ILE F 161 4.50 -34.34 -18.00
N PRO F 166 -4.12 -42.96 -17.15
CA PRO F 166 -5.54 -43.22 -16.90
C PRO F 166 -6.20 -42.18 -16.00
N LYS F 167 -7.53 -42.27 -15.88
CA LYS F 167 -8.29 -41.34 -15.06
C LYS F 167 -7.80 -41.19 -13.62
N GLU F 168 -7.44 -42.30 -12.97
CA GLU F 168 -6.94 -42.23 -11.60
C GLU F 168 -5.70 -41.34 -11.51
N GLU F 169 -4.78 -41.51 -12.46
CA GLU F 169 -3.55 -40.73 -12.51
C GLU F 169 -3.91 -39.26 -12.73
N GLY F 170 -5.15 -39.03 -13.14
CA GLY F 170 -5.63 -37.69 -13.41
C GLY F 170 -5.60 -36.66 -12.29
N SER F 171 -5.25 -35.45 -12.69
CA SER F 171 -5.18 -34.30 -11.80
C SER F 171 -6.59 -34.08 -11.25
N PHE F 172 -7.57 -34.21 -12.13
CA PHE F 172 -8.96 -34.04 -11.73
C PHE F 172 -9.35 -35.07 -10.68
N TYR F 173 -8.81 -36.28 -10.83
CA TYR F 173 -9.11 -37.36 -9.90
C TYR F 173 -8.45 -37.14 -8.55
N SER F 174 -7.12 -37.05 -8.57
CA SER F 174 -6.34 -36.86 -7.35
C SER F 174 -6.59 -35.55 -6.62
N LEU F 175 -6.42 -34.43 -7.33
CA LEU F 175 -6.63 -33.10 -6.74
C LEU F 175 -8.10 -32.73 -6.68
N GLY F 176 -8.76 -32.77 -7.83
CA GLY F 176 -10.17 -32.43 -7.93
C GLY F 176 -11.08 -32.98 -6.86
N ILE F 177 -10.90 -34.25 -6.48
CA ILE F 177 -11.77 -34.83 -5.47
C ILE F 177 -11.69 -34.05 -4.15
N HIS F 178 -10.52 -33.44 -3.92
CA HIS F 178 -10.27 -32.66 -2.72
C HIS F 178 -11.18 -31.43 -2.65
N THR F 179 -11.13 -30.60 -3.70
CA THR F 179 -11.94 -29.40 -3.75
C THR F 179 -13.43 -29.71 -3.93
N MET F 180 -13.71 -30.85 -4.54
CA MET F 180 -15.07 -31.30 -4.84
C MET F 180 -15.80 -31.90 -3.63
N ASP F 181 -15.10 -32.74 -2.88
CA ASP F 181 -15.67 -33.38 -1.70
C ASP F 181 -16.25 -32.39 -0.69
N ARG F 182 -15.43 -31.45 -0.24
CA ARG F 182 -15.86 -30.48 0.75
C ARG F 182 -17.06 -29.64 0.31
N MET F 183 -17.10 -29.27 -0.98
CA MET F 183 -18.23 -28.49 -1.47
C MET F 183 -19.49 -29.35 -1.41
N ILE F 184 -19.36 -30.61 -1.81
CA ILE F 184 -20.49 -31.54 -1.80
C ILE F 184 -20.85 -31.86 -0.36
N SER F 185 -19.88 -31.72 0.54
CA SER F 185 -20.10 -31.97 1.96
C SER F 185 -20.88 -30.85 2.62
N LEU F 186 -20.87 -29.67 2.01
CA LEU F 186 -21.53 -28.50 2.57
C LEU F 186 -22.92 -28.23 1.99
N PHE F 187 -23.06 -28.37 0.68
CA PHE F 187 -24.36 -28.13 0.04
C PHE F 187 -25.10 -29.44 -0.20
N GLY F 188 -24.44 -30.38 -0.88
CA GLY F 188 -25.07 -31.66 -1.14
C GLY F 188 -24.82 -32.26 -2.51
N ARG F 189 -25.89 -32.82 -3.06
CA ARG F 189 -25.84 -33.46 -4.37
C ARG F 189 -26.44 -32.51 -5.42
N PRO F 190 -25.66 -32.21 -6.47
CA PRO F 190 -26.09 -31.32 -7.56
C PRO F 190 -26.96 -32.01 -8.61
N ASN F 191 -27.78 -31.23 -9.30
CA ASN F 191 -28.66 -31.76 -10.35
C ASN F 191 -27.85 -32.17 -11.57
N THR F 192 -26.97 -31.29 -12.02
CA THR F 192 -26.13 -31.57 -13.17
C THR F 192 -24.71 -31.12 -12.90
N VAL F 193 -23.81 -31.43 -13.82
CA VAL F 193 -22.42 -31.06 -13.66
C VAL F 193 -21.77 -30.81 -15.01
N THR F 194 -20.95 -29.77 -15.10
CA THR F 194 -20.27 -29.43 -16.34
C THR F 194 -18.78 -29.82 -16.30
N TYR F 195 -18.31 -30.47 -17.36
CA TYR F 195 -16.93 -30.90 -17.41
C TYR F 195 -16.09 -30.20 -18.46
N ASP F 196 -14.83 -30.00 -18.14
CA ASP F 196 -13.86 -29.37 -19.02
C ASP F 196 -12.52 -29.97 -18.64
N ILE F 197 -12.34 -31.24 -18.97
CA ILE F 197 -11.10 -31.90 -18.62
C ILE F 197 -10.19 -31.94 -19.85
N ARG F 198 -8.91 -31.68 -19.66
CA ARG F 198 -7.96 -31.72 -20.75
C ARG F 198 -6.55 -31.45 -20.25
N ASN F 199 -5.57 -31.42 -21.15
CA ASN F 199 -4.20 -31.17 -20.77
C ASN F 199 -3.64 -30.02 -21.61
N ASN F 200 -3.66 -28.83 -21.04
CA ASN F 200 -3.17 -27.64 -21.73
C ASN F 200 -1.69 -27.75 -22.11
N GLU F 201 -1.07 -28.85 -21.71
CA GLU F 201 0.34 -29.05 -22.01
C GLU F 201 0.54 -29.74 -23.37
N VAL F 202 0.36 -31.06 -23.39
CA VAL F 202 0.51 -31.83 -24.62
C VAL F 202 -0.82 -32.48 -24.98
N GLU F 203 -1.29 -32.19 -26.19
CA GLU F 203 -2.57 -32.68 -26.71
C GLU F 203 -3.06 -34.02 -26.11
N GLY F 204 -2.28 -35.07 -26.28
CA GLY F 204 -2.68 -36.37 -25.77
C GLY F 204 -1.90 -36.84 -24.56
N ALA F 205 -2.28 -36.33 -23.39
CA ALA F 205 -1.63 -36.69 -22.14
C ALA F 205 -2.66 -36.64 -21.02
N VAL F 206 -2.26 -37.11 -19.85
CA VAL F 206 -3.15 -37.10 -18.69
C VAL F 206 -3.66 -35.69 -18.40
N ASP F 207 -4.85 -35.60 -17.83
CA ASP F 207 -5.45 -34.31 -17.52
C ASP F 207 -4.74 -33.58 -16.40
N ASN F 208 -4.32 -32.34 -16.67
CA ASN F 208 -3.64 -31.51 -15.68
C ASN F 208 -4.31 -30.13 -15.60
N TYR F 209 -5.62 -30.11 -15.85
CA TYR F 209 -6.43 -28.89 -15.81
C TYR F 209 -7.89 -29.30 -15.80
N PHE F 210 -8.75 -28.42 -15.29
CA PHE F 210 -10.16 -28.72 -15.28
C PHE F 210 -11.04 -27.64 -14.66
N ASP F 211 -12.22 -27.48 -15.24
CA ASP F 211 -13.19 -26.49 -14.78
C ASP F 211 -14.52 -27.25 -14.64
N VAL F 212 -14.88 -27.58 -13.41
CA VAL F 212 -16.10 -28.34 -13.17
C VAL F 212 -17.17 -27.60 -12.39
N GLY F 213 -18.31 -27.38 -13.04
CA GLY F 213 -19.40 -26.69 -12.39
C GLY F 213 -20.45 -27.64 -11.83
N LEU F 214 -20.97 -27.31 -10.66
CA LEU F 214 -21.97 -28.15 -10.01
C LEU F 214 -23.26 -27.35 -9.84
N HIS F 215 -24.13 -27.41 -10.84
CA HIS F 215 -25.38 -26.67 -10.79
C HIS F 215 -26.39 -27.19 -9.76
N TYR F 216 -26.55 -26.46 -8.67
CA TYR F 216 -27.49 -26.83 -7.62
C TYR F 216 -28.83 -26.14 -7.85
N GLY F 217 -29.42 -26.38 -9.01
CA GLY F 217 -30.69 -25.76 -9.31
C GLY F 217 -30.46 -24.62 -10.29
N ASN F 218 -31.24 -23.55 -10.16
CA ASN F 218 -31.13 -22.41 -11.04
C ASN F 218 -30.36 -21.25 -10.41
N GLN F 219 -30.28 -21.25 -9.08
CA GLN F 219 -29.59 -20.21 -8.34
C GLN F 219 -28.09 -20.46 -8.08
N LEU F 220 -27.79 -21.41 -7.19
CA LEU F 220 -26.41 -21.73 -6.84
C LEU F 220 -25.59 -22.49 -7.87
N LYS F 221 -24.30 -22.14 -7.96
CA LYS F 221 -23.39 -22.80 -8.89
C LYS F 221 -21.96 -22.79 -8.39
N ILE F 222 -21.50 -23.88 -7.81
CA ILE F 222 -20.14 -23.95 -7.32
C ILE F 222 -19.25 -24.50 -8.42
N LYS F 223 -18.12 -23.83 -8.67
CA LYS F 223 -17.16 -24.22 -9.71
C LYS F 223 -15.82 -24.66 -9.12
N LEU F 224 -15.34 -25.83 -9.54
CA LEU F 224 -14.06 -26.39 -9.07
C LEU F 224 -13.04 -26.23 -10.19
N LYS F 225 -11.97 -25.50 -9.93
CA LYS F 225 -10.96 -25.25 -10.96
C LYS F 225 -9.52 -25.63 -10.53
N THR F 226 -8.73 -26.09 -11.49
CA THR F 226 -7.32 -26.46 -11.27
C THR F 226 -6.53 -26.25 -12.56
N ASN F 227 -5.35 -25.66 -12.44
CA ASN F 227 -4.53 -25.35 -13.60
C ASN F 227 -3.07 -25.34 -13.15
N HIS F 228 -2.19 -25.96 -13.93
CA HIS F 228 -0.79 -26.01 -13.57
C HIS F 228 -0.02 -24.90 -14.22
N ILE F 229 -0.75 -23.92 -14.76
CA ILE F 229 -0.13 -22.80 -15.41
C ILE F 229 -0.81 -21.48 -14.96
N VAL F 230 -0.41 -21.01 -13.79
CA VAL F 230 -0.95 -19.77 -13.24
C VAL F 230 0.14 -19.01 -12.51
N ALA F 231 0.77 -18.05 -13.18
CA ALA F 231 1.81 -17.24 -12.53
C ALA F 231 1.24 -16.31 -11.45
N LYS F 232 -0.02 -15.90 -11.60
CA LYS F 232 -0.64 -15.01 -10.62
C LYS F 232 -1.93 -15.65 -10.09
N ASP F 233 -1.80 -16.36 -8.96
CA ASP F 233 -2.91 -17.08 -8.36
C ASP F 233 -4.23 -16.33 -8.24
N TYR F 234 -5.32 -17.08 -8.31
CA TYR F 234 -6.66 -16.55 -8.15
C TYR F 234 -6.84 -16.59 -6.64
N PRO F 235 -8.04 -16.30 -6.15
CA PRO F 235 -8.21 -16.36 -4.69
C PRO F 235 -8.31 -17.87 -4.41
N ARG F 236 -8.17 -18.30 -3.17
CA ARG F 236 -8.28 -19.72 -2.88
C ARG F 236 -9.76 -20.08 -2.96
N PHE F 237 -10.60 -19.11 -2.63
CA PHE F 237 -12.04 -19.28 -2.63
C PHE F 237 -12.77 -17.95 -2.90
N ILE F 238 -13.79 -18.02 -3.75
CA ILE F 238 -14.63 -16.87 -4.11
C ILE F 238 -16.05 -17.27 -3.71
N VAL F 239 -16.71 -16.46 -2.91
CA VAL F 239 -18.08 -16.78 -2.50
C VAL F 239 -19.02 -15.57 -2.59
N HIS F 240 -19.92 -15.63 -3.56
CA HIS F 240 -20.88 -14.56 -3.78
C HIS F 240 -22.28 -14.94 -3.34
N GLY F 241 -23.00 -13.98 -2.77
CA GLY F 241 -24.35 -14.21 -2.29
C GLY F 241 -25.23 -12.98 -2.40
N THR F 242 -26.53 -13.20 -2.26
CA THR F 242 -27.52 -12.14 -2.36
C THR F 242 -27.19 -10.90 -1.53
N ASN F 243 -26.40 -11.04 -0.49
CA ASN F 243 -26.07 -9.89 0.36
C ASN F 243 -24.60 -9.49 0.36
N GLY F 244 -23.74 -10.32 -0.19
CA GLY F 244 -22.34 -9.96 -0.17
C GLY F 244 -21.41 -11.01 -0.72
N SER F 245 -20.10 -10.76 -0.55
CA SER F 245 -19.08 -11.68 -1.00
C SER F 245 -18.10 -11.97 0.12
N PHE F 246 -17.17 -12.85 -0.20
CA PHE F 246 -16.14 -13.29 0.72
C PHE F 246 -15.07 -13.84 -0.20
N ILE F 247 -13.91 -13.20 -0.21
CA ILE F 247 -12.81 -13.64 -1.07
C ILE F 247 -11.63 -14.01 -0.17
N LYS F 248 -11.09 -15.20 -0.37
CA LYS F 248 -9.98 -15.67 0.44
C LYS F 248 -8.75 -15.98 -0.38
N TYR F 249 -7.61 -15.43 0.02
CA TYR F 249 -6.37 -15.70 -0.68
C TYR F 249 -5.46 -16.58 0.17
N GLY F 250 -4.54 -17.27 -0.48
CA GLY F 250 -3.60 -18.12 0.24
C GLY F 250 -4.21 -19.43 0.72
N GLU F 251 -3.50 -20.52 0.48
CA GLU F 251 -3.93 -21.86 0.88
C GLU F 251 -3.46 -22.20 2.29
N ASP F 252 -4.05 -23.25 2.86
CA ASP F 252 -3.69 -23.74 4.18
C ASP F 252 -2.20 -24.10 4.15
N GLN F 253 -1.48 -23.78 5.22
CA GLN F 253 -0.05 -24.02 5.26
C GLN F 253 0.46 -25.37 5.81
N GLN F 254 -0.43 -26.18 6.39
CA GLN F 254 -0.03 -27.48 6.94
C GLN F 254 0.92 -28.23 6.02
N GLU F 255 0.53 -28.37 4.75
CA GLU F 255 1.37 -29.08 3.79
C GLU F 255 2.75 -28.45 3.72
N ASN F 256 2.79 -27.14 3.45
CA ASN F 256 4.05 -26.40 3.35
C ASN F 256 4.89 -26.56 4.60
N ASP F 257 4.23 -26.69 5.75
CA ASP F 257 4.94 -26.87 7.02
C ASP F 257 5.55 -28.26 6.98
N LEU F 258 4.73 -29.25 6.62
CA LEU F 258 5.16 -30.64 6.54
C LEU F 258 6.39 -30.85 5.66
N LYS F 259 6.29 -30.45 4.40
CA LYS F 259 7.39 -30.60 3.46
C LYS F 259 8.55 -29.71 3.88
N ALA F 260 8.34 -28.89 4.91
CA ALA F 260 9.38 -27.98 5.38
C ALA F 260 10.19 -28.62 6.49
N GLY F 261 9.50 -29.34 7.36
CA GLY F 261 10.15 -30.00 8.48
C GLY F 261 9.48 -29.61 9.77
N ILE F 262 8.34 -28.94 9.68
CA ILE F 262 7.63 -28.50 10.86
C ILE F 262 6.50 -29.46 11.18
N MET F 263 6.66 -30.18 12.28
CA MET F 263 5.65 -31.15 12.69
C MET F 263 4.47 -30.48 13.41
N PRO F 264 3.28 -31.08 13.31
CA PRO F 264 2.03 -30.59 13.92
C PRO F 264 2.11 -30.16 15.38
N GLU F 265 2.55 -31.06 16.25
CA GLU F 265 2.65 -30.76 17.67
C GLU F 265 3.35 -29.45 18.03
N SER F 266 4.11 -28.89 17.08
CA SER F 266 4.83 -27.66 17.34
C SER F 266 3.89 -26.46 17.40
N ALA F 267 4.38 -25.33 17.89
CA ALA F 267 3.56 -24.13 18.00
C ALA F 267 3.54 -23.35 16.69
N GLY F 268 2.40 -22.74 16.41
CA GLY F 268 2.25 -21.96 15.18
C GLY F 268 1.99 -22.79 13.94
N PHE F 269 2.03 -24.11 14.10
CA PHE F 269 1.81 -25.03 12.99
C PHE F 269 0.40 -24.89 12.45
N GLY F 270 0.30 -24.69 11.14
CA GLY F 270 -1.01 -24.55 10.53
C GLY F 270 -1.68 -23.18 10.69
N GLU F 271 -0.98 -22.20 11.25
CA GLU F 271 -1.55 -20.88 11.41
C GLU F 271 -1.45 -20.13 10.09
N ASP F 272 -2.52 -19.41 9.74
CA ASP F 272 -2.56 -18.64 8.51
C ASP F 272 -2.06 -17.24 8.83
N SER F 273 -1.45 -16.57 7.85
CA SER F 273 -0.95 -15.22 8.06
C SER F 273 -2.13 -14.26 7.97
N PRO F 274 -2.14 -13.20 8.79
CA PRO F 274 -3.26 -12.25 8.74
C PRO F 274 -3.39 -11.69 7.31
N MET F 275 -2.24 -11.55 6.68
CA MET F 275 -2.13 -11.04 5.32
C MET F 275 -3.12 -11.76 4.40
N TYR F 276 -3.45 -13.01 4.74
CA TYR F 276 -4.38 -13.78 3.93
C TYR F 276 -5.75 -14.02 4.56
N TYR F 277 -6.01 -13.47 5.73
CA TYR F 277 -7.33 -13.66 6.32
C TYR F 277 -8.34 -13.26 5.25
N GLY F 278 -9.46 -13.97 5.17
CA GLY F 278 -10.43 -13.64 4.16
C GLY F 278 -11.16 -12.33 4.40
N ILE F 279 -11.58 -11.70 3.30
CA ILE F 279 -12.33 -10.45 3.36
C ILE F 279 -13.77 -10.72 3.00
N ALA F 280 -14.67 -10.01 3.64
CA ALA F 280 -16.09 -10.17 3.37
C ALA F 280 -16.76 -8.82 3.28
N LYS F 281 -17.40 -8.57 2.14
CA LYS F 281 -18.12 -7.33 1.90
C LYS F 281 -19.59 -7.73 1.84
N TYR F 282 -20.41 -7.18 2.73
CA TYR F 282 -21.82 -7.54 2.72
C TYR F 282 -22.67 -6.46 3.35
N ARG F 283 -23.92 -6.34 2.88
CA ARG F 283 -24.85 -5.35 3.40
C ARG F 283 -25.79 -6.00 4.42
N ASN F 284 -26.01 -5.33 5.55
CA ASN F 284 -26.90 -5.86 6.57
C ASN F 284 -28.34 -5.58 6.19
N ALA F 285 -29.27 -5.79 7.13
CA ALA F 285 -30.69 -5.55 6.88
C ALA F 285 -31.00 -4.05 6.78
N ASN F 286 -30.24 -3.25 7.53
CA ASN F 286 -30.42 -1.79 7.51
C ASN F 286 -29.98 -1.20 6.17
N GLY F 287 -29.13 -1.93 5.45
CA GLY F 287 -28.66 -1.45 4.16
C GLY F 287 -27.20 -1.05 4.18
N ASP F 288 -26.65 -0.87 5.37
CA ASP F 288 -25.26 -0.49 5.52
C ASP F 288 -24.32 -1.52 4.91
N TRP F 289 -23.19 -1.06 4.38
CA TRP F 289 -22.21 -1.96 3.81
C TRP F 289 -21.11 -2.21 4.83
N ILE F 290 -20.76 -3.48 5.03
CA ILE F 290 -19.74 -3.85 5.98
C ILE F 290 -18.63 -4.65 5.37
N GLU F 291 -17.40 -4.18 5.58
CA GLU F 291 -16.25 -4.89 5.04
C GLU F 291 -15.32 -5.20 6.21
N LYS F 292 -15.01 -6.48 6.39
CA LYS F 292 -14.14 -6.87 7.50
C LYS F 292 -13.42 -8.14 7.16
N GLN F 293 -12.38 -8.43 7.94
CA GLN F 293 -11.58 -9.63 7.76
C GLN F 293 -12.18 -10.74 8.58
N ILE F 294 -11.85 -11.97 8.21
CA ILE F 294 -12.32 -13.12 8.96
C ILE F 294 -11.10 -13.96 9.30
N LYS F 295 -10.81 -14.00 10.60
CA LYS F 295 -9.70 -14.79 11.12
C LYS F 295 -9.87 -16.21 10.57
N THR F 296 -8.82 -16.74 9.95
CA THR F 296 -8.89 -18.08 9.39
C THR F 296 -8.78 -19.14 10.46
N PRO F 297 -9.81 -20.01 10.59
CA PRO F 297 -9.79 -21.08 11.59
C PRO F 297 -8.57 -21.97 11.43
N LEU F 298 -8.09 -22.51 12.56
CA LEU F 298 -6.93 -23.37 12.57
C LEU F 298 -7.18 -24.67 11.80
N GLY F 299 -6.29 -25.02 10.89
CA GLY F 299 -6.46 -26.23 10.11
C GLY F 299 -5.81 -27.46 10.72
N ASP F 300 -6.63 -28.36 11.25
CA ASP F 300 -6.11 -29.58 11.89
C ASP F 300 -6.52 -30.84 11.12
N TYR F 301 -5.68 -31.29 10.20
CA TYR F 301 -6.00 -32.50 9.45
C TYR F 301 -6.30 -33.66 10.39
N GLY F 302 -5.61 -33.68 11.53
CA GLY F 302 -5.82 -34.74 12.51
C GLY F 302 -7.24 -34.85 13.01
N ARG F 303 -8.01 -33.78 12.84
CA ARG F 303 -9.39 -33.78 13.29
C ARG F 303 -10.21 -34.90 12.66
N PHE F 304 -9.71 -35.46 11.56
CA PHE F 304 -10.42 -36.55 10.88
C PHE F 304 -10.52 -37.79 11.76
N TYR F 305 -9.36 -38.26 12.22
CA TYR F 305 -9.29 -39.45 13.06
C TYR F 305 -10.22 -39.32 14.25
N ASP F 306 -10.26 -38.14 14.87
CA ASP F 306 -11.14 -37.91 16.01
C ASP F 306 -12.54 -38.43 15.73
N ALA F 307 -12.95 -38.39 14.47
CA ALA F 307 -14.27 -38.87 14.07
C ALA F 307 -14.23 -40.38 13.91
N LYS F 318 -20.89 -40.99 11.76
CA LYS F 318 -19.74 -40.92 10.87
C LYS F 318 -19.65 -39.57 10.17
N LEU F 319 -18.43 -39.04 10.04
CA LEU F 319 -18.23 -37.75 9.38
C LEU F 319 -18.58 -37.77 7.91
N VAL F 320 -17.85 -38.58 7.15
CA VAL F 320 -18.08 -38.68 5.72
C VAL F 320 -19.31 -39.51 5.35
N LYS F 321 -20.45 -38.84 5.20
CA LYS F 321 -21.68 -39.52 4.83
C LYS F 321 -21.44 -40.45 3.64
N ASP F 322 -22.28 -41.48 3.55
CA ASP F 322 -22.18 -42.48 2.49
C ASP F 322 -22.53 -41.87 1.14
N GLU F 323 -23.67 -41.20 1.08
CA GLU F 323 -24.13 -40.59 -0.16
C GLU F 323 -23.05 -39.65 -0.70
N GLU F 324 -22.57 -38.76 0.15
CA GLU F 324 -21.53 -37.80 -0.22
C GLU F 324 -20.39 -38.57 -0.87
N ALA F 325 -20.09 -39.73 -0.30
CA ALA F 325 -19.03 -40.60 -0.78
C ALA F 325 -19.33 -41.19 -2.16
N VAL F 326 -20.49 -41.83 -2.30
CA VAL F 326 -20.83 -42.42 -3.58
C VAL F 326 -20.92 -41.33 -4.64
N THR F 327 -21.60 -40.23 -4.30
CA THR F 327 -21.76 -39.11 -5.23
C THR F 327 -20.40 -38.59 -5.68
N ASN F 328 -19.49 -38.48 -4.72
CA ASN F 328 -18.13 -38.02 -4.98
C ASN F 328 -17.52 -38.78 -6.15
N ILE F 329 -17.49 -40.11 -6.03
CA ILE F 329 -16.90 -40.96 -7.06
C ILE F 329 -17.70 -40.97 -8.37
N GLU F 330 -19.01 -40.76 -8.28
CA GLU F 330 -19.83 -40.75 -9.48
C GLU F 330 -19.34 -39.70 -10.45
N ILE F 331 -19.34 -38.43 -10.01
CA ILE F 331 -18.90 -37.31 -10.83
C ILE F 331 -17.49 -37.53 -11.37
N LEU F 332 -16.60 -38.05 -10.54
CA LEU F 332 -15.23 -38.31 -10.98
C LEU F 332 -15.26 -39.18 -12.22
N GLU F 333 -16.07 -40.23 -12.16
CA GLU F 333 -16.22 -41.18 -13.25
C GLU F 333 -16.95 -40.59 -14.46
N ASN F 334 -18.20 -40.17 -14.25
CA ASN F 334 -19.01 -39.60 -15.33
C ASN F 334 -18.41 -38.36 -15.98
N GLY F 335 -17.21 -38.00 -15.57
CA GLY F 335 -16.56 -36.83 -16.14
C GLY F 335 -15.69 -37.22 -17.32
N PHE F 336 -15.42 -38.51 -17.43
CA PHE F 336 -14.58 -39.01 -18.52
C PHE F 336 -15.38 -39.77 -19.56
N ALA F 337 -16.70 -39.84 -19.35
CA ALA F 337 -17.57 -40.54 -20.28
C ALA F 337 -17.43 -39.92 -21.67
N ALA F 338 -18.33 -39.00 -21.98
CA ALA F 338 -18.29 -38.33 -23.26
C ALA F 338 -17.03 -37.48 -23.31
N PRO F 339 -16.52 -37.20 -24.52
CA PRO F 339 -15.31 -36.38 -24.65
C PRO F 339 -15.57 -34.99 -24.07
N SER F 340 -14.51 -34.21 -23.87
CA SER F 340 -14.66 -32.87 -23.32
C SER F 340 -14.60 -31.81 -24.41
N PRO F 341 -15.33 -30.69 -24.21
CA PRO F 341 -16.20 -30.36 -23.07
C PRO F 341 -17.54 -31.08 -23.14
N SER F 342 -18.04 -31.51 -21.99
CA SER F 342 -19.31 -32.22 -21.97
C SER F 342 -20.15 -31.89 -20.75
N VAL F 343 -21.30 -32.55 -20.64
CA VAL F 343 -22.21 -32.34 -19.51
C VAL F 343 -22.73 -33.69 -19.04
N TYR F 344 -23.40 -33.72 -17.89
CA TYR F 344 -23.93 -34.97 -17.35
C TYR F 344 -24.95 -34.70 -16.26
N LYS F 345 -26.18 -35.14 -16.48
CA LYS F 345 -27.25 -34.92 -15.49
C LYS F 345 -27.18 -35.99 -14.39
N LEU F 346 -27.80 -35.71 -13.26
CA LEU F 346 -27.78 -36.63 -12.12
C LEU F 346 -29.18 -37.04 -11.68
N GLU F 347 -29.31 -38.25 -11.17
CA GLU F 347 -30.63 -38.72 -10.74
C GLU F 347 -30.86 -38.50 -9.24
#